data_3EMI
# 
_entry.id   3EMI 
# 
_audit_conform.dict_name       mmcif_pdbx.dic 
_audit_conform.dict_version    5.392 
_audit_conform.dict_location   http://mmcif.pdb.org/dictionaries/ascii/mmcif_pdbx.dic 
# 
loop_
_database_2.database_id 
_database_2.database_code 
_database_2.pdbx_database_accession 
_database_2.pdbx_DOI 
PDB   3EMI         pdb_00003emi 10.2210/pdb3emi/pdb 
RCSB  RCSB049508   ?            ?                   
WWPDB D_1000049508 ?            ?                   
# 
loop_
_pdbx_audit_revision_history.ordinal 
_pdbx_audit_revision_history.data_content_type 
_pdbx_audit_revision_history.major_revision 
_pdbx_audit_revision_history.minor_revision 
_pdbx_audit_revision_history.revision_date 
1 'Structure model' 1 0 2008-11-04 
2 'Structure model' 1 1 2011-07-13 
3 'Structure model' 1 2 2021-11-10 
4 'Structure model' 1 3 2024-05-29 
# 
_pdbx_audit_revision_details.ordinal             1 
_pdbx_audit_revision_details.revision_ordinal    1 
_pdbx_audit_revision_details.data_content_type   'Structure model' 
_pdbx_audit_revision_details.provider            repository 
_pdbx_audit_revision_details.type                'Initial release' 
_pdbx_audit_revision_details.description         ? 
_pdbx_audit_revision_details.details             ? 
# 
loop_
_pdbx_audit_revision_group.ordinal 
_pdbx_audit_revision_group.revision_ordinal 
_pdbx_audit_revision_group.data_content_type 
_pdbx_audit_revision_group.group 
1 2 'Structure model' 'Version format compliance' 
2 3 'Structure model' 'Database references'       
3 4 'Structure model' 'Data collection'           
# 
loop_
_pdbx_audit_revision_category.ordinal 
_pdbx_audit_revision_category.revision_ordinal 
_pdbx_audit_revision_category.data_content_type 
_pdbx_audit_revision_category.category 
1 3 'Structure model' database_2         
2 3 'Structure model' struct_ref_seq_dif 
3 4 'Structure model' chem_comp_atom     
4 4 'Structure model' chem_comp_bond     
# 
loop_
_pdbx_audit_revision_item.ordinal 
_pdbx_audit_revision_item.revision_ordinal 
_pdbx_audit_revision_item.data_content_type 
_pdbx_audit_revision_item.item 
1 3 'Structure model' '_database_2.pdbx_DOI'                
2 3 'Structure model' '_database_2.pdbx_database_accession' 
3 3 'Structure model' '_struct_ref_seq_dif.details'         
# 
_pdbx_database_status.status_code                     REL 
_pdbx_database_status.entry_id                        3EMI 
_pdbx_database_status.recvd_initial_deposition_date   2008-09-24 
_pdbx_database_status.deposit_site                    RCSB 
_pdbx_database_status.process_site                    PDBJ 
_pdbx_database_status.status_code_sf                  REL 
_pdbx_database_status.status_code_mr                  ? 
_pdbx_database_status.SG_entry                        ? 
_pdbx_database_status.pdb_format_compatible           Y 
_pdbx_database_status.status_code_cs                  ? 
_pdbx_database_status.status_code_nmr_data            ? 
_pdbx_database_status.methods_development_category    ? 
# 
loop_
_pdbx_database_related.db_name 
_pdbx_database_related.db_id 
_pdbx_database_related.details 
_pdbx_database_related.content_type 
PDB 1s7m . unspecified 
PDB 2gr8 . unspecified 
PDB 2gr7 . unspecified 
PDB 3EMF . unspecified 
PDB 3EMO . unspecified 
# 
loop_
_audit_author.name 
_audit_author.pdbx_ordinal 
'Meng, G.'    1 
'Waksman, G.' 2 
# 
_citation.id                        primary 
_citation.title                     'Repetitive Architecture of the Haemophilus influenzae Hia Trimeric Autotransporter' 
_citation.journal_abbrev            J.Mol.Biol. 
_citation.journal_volume            384 
_citation.page_first                824 
_citation.page_last                 836 
_citation.year                      2008 
_citation.journal_id_ASTM           JMOBAK 
_citation.country                   UK 
_citation.journal_id_ISSN           0022-2836 
_citation.journal_id_CSD            0070 
_citation.book_publisher            ? 
_citation.pdbx_database_id_PubMed   18948113 
_citation.pdbx_database_id_DOI      10.1016/j.jmb.2008.09.085 
# 
loop_
_citation_author.citation_id 
_citation_author.name 
_citation_author.ordinal 
_citation_author.identifier_ORCID 
primary 'Meng, G.'      1 ? 
primary 'St Geme, J.W.' 2 ? 
primary 'Waksman, G.'   3 ? 
# 
loop_
_entity.id 
_entity.type 
_entity.src_method 
_entity.pdbx_description 
_entity.formula_weight 
_entity.pdbx_number_of_molecules 
_entity.pdbx_ec 
_entity.pdbx_mutation 
_entity.pdbx_fragment 
_entity.details 
1 polymer man 'Hia (Adhesin)' 12047.246 1   ? I324M 'UNP residues 307-422' ? 
2 water   nat water           18.015    244 ? ?     ?                      ? 
# 
_entity_poly.entity_id                      1 
_entity_poly.type                           'polypeptide(L)' 
_entity_poly.nstd_linkage                   no 
_entity_poly.nstd_monomer                   no 
_entity_poly.pdbx_seq_one_letter_code       
;KENGKRTEVKIGAKTSVMKEKDGKLFTGKANKETNKVDGANATEDADEGKGLVTAKDVIDAVNKTGWRIKTTDANGQNGD
FATVASGTNVTFASGNGTTATVTNGTDGITVKYDAK
;
_entity_poly.pdbx_seq_one_letter_code_can   
;KENGKRTEVKIGAKTSVMKEKDGKLFTGKANKETNKVDGANATEDADEGKGLVTAKDVIDAVNKTGWRIKTTDANGQNGD
FATVASGTNVTFASGNGTTATVTNGTDGITVKYDAK
;
_entity_poly.pdbx_strand_id                 A 
_entity_poly.pdbx_target_identifier         ? 
# 
_pdbx_entity_nonpoly.entity_id   2 
_pdbx_entity_nonpoly.name        water 
_pdbx_entity_nonpoly.comp_id     HOH 
# 
loop_
_entity_poly_seq.entity_id 
_entity_poly_seq.num 
_entity_poly_seq.mon_id 
_entity_poly_seq.hetero 
1 1   LYS n 
1 2   GLU n 
1 3   ASN n 
1 4   GLY n 
1 5   LYS n 
1 6   ARG n 
1 7   THR n 
1 8   GLU n 
1 9   VAL n 
1 10  LYS n 
1 11  ILE n 
1 12  GLY n 
1 13  ALA n 
1 14  LYS n 
1 15  THR n 
1 16  SER n 
1 17  VAL n 
1 18  MET n 
1 19  LYS n 
1 20  GLU n 
1 21  LYS n 
1 22  ASP n 
1 23  GLY n 
1 24  LYS n 
1 25  LEU n 
1 26  PHE n 
1 27  THR n 
1 28  GLY n 
1 29  LYS n 
1 30  ALA n 
1 31  ASN n 
1 32  LYS n 
1 33  GLU n 
1 34  THR n 
1 35  ASN n 
1 36  LYS n 
1 37  VAL n 
1 38  ASP n 
1 39  GLY n 
1 40  ALA n 
1 41  ASN n 
1 42  ALA n 
1 43  THR n 
1 44  GLU n 
1 45  ASP n 
1 46  ALA n 
1 47  ASP n 
1 48  GLU n 
1 49  GLY n 
1 50  LYS n 
1 51  GLY n 
1 52  LEU n 
1 53  VAL n 
1 54  THR n 
1 55  ALA n 
1 56  LYS n 
1 57  ASP n 
1 58  VAL n 
1 59  ILE n 
1 60  ASP n 
1 61  ALA n 
1 62  VAL n 
1 63  ASN n 
1 64  LYS n 
1 65  THR n 
1 66  GLY n 
1 67  TRP n 
1 68  ARG n 
1 69  ILE n 
1 70  LYS n 
1 71  THR n 
1 72  THR n 
1 73  ASP n 
1 74  ALA n 
1 75  ASN n 
1 76  GLY n 
1 77  GLN n 
1 78  ASN n 
1 79  GLY n 
1 80  ASP n 
1 81  PHE n 
1 82  ALA n 
1 83  THR n 
1 84  VAL n 
1 85  ALA n 
1 86  SER n 
1 87  GLY n 
1 88  THR n 
1 89  ASN n 
1 90  VAL n 
1 91  THR n 
1 92  PHE n 
1 93  ALA n 
1 94  SER n 
1 95  GLY n 
1 96  ASN n 
1 97  GLY n 
1 98  THR n 
1 99  THR n 
1 100 ALA n 
1 101 THR n 
1 102 VAL n 
1 103 THR n 
1 104 ASN n 
1 105 GLY n 
1 106 THR n 
1 107 ASP n 
1 108 GLY n 
1 109 ILE n 
1 110 THR n 
1 111 VAL n 
1 112 LYS n 
1 113 TYR n 
1 114 ASP n 
1 115 ALA n 
1 116 LYS n 
# 
_entity_src_gen.entity_id                          1 
_entity_src_gen.pdbx_src_id                        1 
_entity_src_gen.pdbx_alt_source_flag               sample 
_entity_src_gen.pdbx_seq_type                      ? 
_entity_src_gen.pdbx_beg_seq_num                   ? 
_entity_src_gen.pdbx_end_seq_num                   ? 
_entity_src_gen.gene_src_common_name               ? 
_entity_src_gen.gene_src_genus                     ? 
_entity_src_gen.pdbx_gene_src_gene                 ? 
_entity_src_gen.gene_src_species                   ? 
_entity_src_gen.gene_src_strain                    ? 
_entity_src_gen.gene_src_tissue                    ? 
_entity_src_gen.gene_src_tissue_fraction           ? 
_entity_src_gen.gene_src_details                   ? 
_entity_src_gen.pdbx_gene_src_fragment             ? 
_entity_src_gen.pdbx_gene_src_scientific_name      'Haemophilus influenzae' 
_entity_src_gen.pdbx_gene_src_ncbi_taxonomy_id     727 
_entity_src_gen.pdbx_gene_src_variant              ? 
_entity_src_gen.pdbx_gene_src_cell_line            ? 
_entity_src_gen.pdbx_gene_src_atcc                 ? 
_entity_src_gen.pdbx_gene_src_organ                ? 
_entity_src_gen.pdbx_gene_src_organelle            ? 
_entity_src_gen.pdbx_gene_src_cell                 ? 
_entity_src_gen.pdbx_gene_src_cellular_location    ? 
_entity_src_gen.host_org_common_name               ? 
_entity_src_gen.pdbx_host_org_scientific_name      'Escherichia coli' 
_entity_src_gen.pdbx_host_org_ncbi_taxonomy_id     562 
_entity_src_gen.host_org_genus                     ? 
_entity_src_gen.pdbx_host_org_gene                 ? 
_entity_src_gen.pdbx_host_org_organ                ? 
_entity_src_gen.host_org_species                   ? 
_entity_src_gen.pdbx_host_org_tissue               ? 
_entity_src_gen.pdbx_host_org_tissue_fraction      ? 
_entity_src_gen.pdbx_host_org_strain               'BL21(B834)' 
_entity_src_gen.pdbx_host_org_variant              ? 
_entity_src_gen.pdbx_host_org_cell_line            ? 
_entity_src_gen.pdbx_host_org_atcc                 ? 
_entity_src_gen.pdbx_host_org_culture_collection   ? 
_entity_src_gen.pdbx_host_org_cell                 ? 
_entity_src_gen.pdbx_host_org_organelle            ? 
_entity_src_gen.pdbx_host_org_cellular_location    ? 
_entity_src_gen.pdbx_host_org_vector_type          plasmid 
_entity_src_gen.pdbx_host_org_vector               ? 
_entity_src_gen.host_org_details                   ? 
_entity_src_gen.expression_system_id               ? 
_entity_src_gen.plasmid_name                       pET15b 
_entity_src_gen.plasmid_details                    ? 
_entity_src_gen.pdbx_description                   ? 
# 
loop_
_chem_comp.id 
_chem_comp.type 
_chem_comp.mon_nstd_flag 
_chem_comp.name 
_chem_comp.pdbx_synonyms 
_chem_comp.formula 
_chem_comp.formula_weight 
ALA 'L-peptide linking' y ALANINE         ? 'C3 H7 N O2'     89.093  
ARG 'L-peptide linking' y ARGININE        ? 'C6 H15 N4 O2 1' 175.209 
ASN 'L-peptide linking' y ASPARAGINE      ? 'C4 H8 N2 O3'    132.118 
ASP 'L-peptide linking' y 'ASPARTIC ACID' ? 'C4 H7 N O4'     133.103 
GLN 'L-peptide linking' y GLUTAMINE       ? 'C5 H10 N2 O3'   146.144 
GLU 'L-peptide linking' y 'GLUTAMIC ACID' ? 'C5 H9 N O4'     147.129 
GLY 'peptide linking'   y GLYCINE         ? 'C2 H5 N O2'     75.067  
HOH non-polymer         . WATER           ? 'H2 O'           18.015  
ILE 'L-peptide linking' y ISOLEUCINE      ? 'C6 H13 N O2'    131.173 
LEU 'L-peptide linking' y LEUCINE         ? 'C6 H13 N O2'    131.173 
LYS 'L-peptide linking' y LYSINE          ? 'C6 H15 N2 O2 1' 147.195 
MET 'L-peptide linking' y METHIONINE      ? 'C5 H11 N O2 S'  149.211 
PHE 'L-peptide linking' y PHENYLALANINE   ? 'C9 H11 N O2'    165.189 
SER 'L-peptide linking' y SERINE          ? 'C3 H7 N O3'     105.093 
THR 'L-peptide linking' y THREONINE       ? 'C4 H9 N O3'     119.119 
TRP 'L-peptide linking' y TRYPTOPHAN      ? 'C11 H12 N2 O2'  204.225 
TYR 'L-peptide linking' y TYROSINE        ? 'C9 H11 N O3'    181.189 
VAL 'L-peptide linking' y VALINE          ? 'C5 H11 N O2'    117.146 
# 
loop_
_pdbx_poly_seq_scheme.asym_id 
_pdbx_poly_seq_scheme.entity_id 
_pdbx_poly_seq_scheme.seq_id 
_pdbx_poly_seq_scheme.mon_id 
_pdbx_poly_seq_scheme.ndb_seq_num 
_pdbx_poly_seq_scheme.pdb_seq_num 
_pdbx_poly_seq_scheme.auth_seq_num 
_pdbx_poly_seq_scheme.pdb_mon_id 
_pdbx_poly_seq_scheme.auth_mon_id 
_pdbx_poly_seq_scheme.pdb_strand_id 
_pdbx_poly_seq_scheme.pdb_ins_code 
_pdbx_poly_seq_scheme.hetero 
A 1 1   LYS 1   307 ?   ?   ?   A . n 
A 1 2   GLU 2   308 ?   ?   ?   A . n 
A 1 3   ASN 3   309 ?   ?   ?   A . n 
A 1 4   GLY 4   310 ?   ?   ?   A . n 
A 1 5   LYS 5   311 ?   ?   ?   A . n 
A 1 6   ARG 6   312 ?   ?   ?   A . n 
A 1 7   THR 7   313 313 THR THR A . n 
A 1 8   GLU 8   314 314 GLU GLU A . n 
A 1 9   VAL 9   315 315 VAL VAL A . n 
A 1 10  LYS 10  316 316 LYS ALA A . n 
A 1 11  ILE 11  317 317 ILE ILE A . n 
A 1 12  GLY 12  318 318 GLY GLY A . n 
A 1 13  ALA 13  319 319 ALA ALA A . n 
A 1 14  LYS 14  320 320 LYS ALA A . n 
A 1 15  THR 15  321 321 THR THR A . n 
A 1 16  SER 16  322 322 SER SER A . n 
A 1 17  VAL 17  323 323 VAL VAL A . n 
A 1 18  MET 18  324 324 MET MET A . n 
A 1 19  LYS 19  325 325 LYS LYS A . n 
A 1 20  GLU 20  326 326 GLU GLU A . n 
A 1 21  LYS 21  327 327 LYS LYS A . n 
A 1 22  ASP 22  328 328 ASP ASP A . n 
A 1 23  GLY 23  329 329 GLY GLY A . n 
A 1 24  LYS 24  330 330 LYS LYS A . n 
A 1 25  LEU 25  331 331 LEU LEU A . n 
A 1 26  PHE 26  332 332 PHE PHE A . n 
A 1 27  THR 27  333 333 THR THR A . n 
A 1 28  GLY 28  334 334 GLY GLY A . n 
A 1 29  LYS 29  335 335 LYS LYS A . n 
A 1 30  ALA 30  336 336 ALA ALA A . n 
A 1 31  ASN 31  337 337 ASN ASN A . n 
A 1 32  LYS 32  338 338 LYS LYS A . n 
A 1 33  GLU 33  339 339 GLU GLU A . n 
A 1 34  THR 34  340 340 THR THR A . n 
A 1 35  ASN 35  341 341 ASN ASN A . n 
A 1 36  LYS 36  342 342 LYS LYS A . n 
A 1 37  VAL 37  343 343 VAL VAL A . n 
A 1 38  ASP 38  344 344 ASP ASP A . n 
A 1 39  GLY 39  345 345 GLY GLY A . n 
A 1 40  ALA 40  346 346 ALA ALA A . n 
A 1 41  ASN 41  347 347 ASN ASN A . n 
A 1 42  ALA 42  348 348 ALA ALA A . n 
A 1 43  THR 43  349 349 THR THR A . n 
A 1 44  GLU 44  350 350 GLU GLU A . n 
A 1 45  ASP 45  351 351 ASP ASP A . n 
A 1 46  ALA 46  352 352 ALA ALA A . n 
A 1 47  ASP 47  353 353 ASP ASP A . n 
A 1 48  GLU 48  354 354 GLU GLU A . n 
A 1 49  GLY 49  355 355 GLY GLY A . n 
A 1 50  LYS 50  356 356 LYS LYS A . n 
A 1 51  GLY 51  357 357 GLY GLY A . n 
A 1 52  LEU 52  358 358 LEU LEU A . n 
A 1 53  VAL 53  359 359 VAL VAL A . n 
A 1 54  THR 54  360 360 THR THR A . n 
A 1 55  ALA 55  361 361 ALA ALA A . n 
A 1 56  LYS 56  362 362 LYS LYS A . n 
A 1 57  ASP 57  363 363 ASP ASP A . n 
A 1 58  VAL 58  364 364 VAL VAL A . n 
A 1 59  ILE 59  365 365 ILE ILE A . n 
A 1 60  ASP 60  366 366 ASP ASP A . n 
A 1 61  ALA 61  367 367 ALA ALA A . n 
A 1 62  VAL 62  368 368 VAL VAL A . n 
A 1 63  ASN 63  369 369 ASN ASN A . n 
A 1 64  LYS 64  370 370 LYS LYS A . n 
A 1 65  THR 65  371 371 THR THR A . n 
A 1 66  GLY 66  372 372 GLY GLY A . n 
A 1 67  TRP 67  373 373 TRP TRP A . n 
A 1 68  ARG 68  374 374 ARG ARG A . n 
A 1 69  ILE 69  375 375 ILE ILE A . n 
A 1 70  LYS 70  376 376 LYS LYS A . n 
A 1 71  THR 71  377 377 THR THR A . n 
A 1 72  THR 72  378 378 THR THR A . n 
A 1 73  ASP 73  379 379 ASP ASP A . n 
A 1 74  ALA 74  380 380 ALA ALA A . n 
A 1 75  ASN 75  381 381 ASN ASN A . n 
A 1 76  GLY 76  382 382 GLY GLY A . n 
A 1 77  GLN 77  383 383 GLN GLN A . n 
A 1 78  ASN 78  384 384 ASN ASN A . n 
A 1 79  GLY 79  385 385 GLY GLY A . n 
A 1 80  ASP 80  386 386 ASP ASP A . n 
A 1 81  PHE 81  387 387 PHE PHE A . n 
A 1 82  ALA 82  388 388 ALA ALA A . n 
A 1 83  THR 83  389 389 THR THR A . n 
A 1 84  VAL 84  390 390 VAL VAL A . n 
A 1 85  ALA 85  391 391 ALA ALA A . n 
A 1 86  SER 86  392 392 SER SER A . n 
A 1 87  GLY 87  393 393 GLY GLY A . n 
A 1 88  THR 88  394 394 THR THR A . n 
A 1 89  ASN 89  395 395 ASN ASN A . n 
A 1 90  VAL 90  396 396 VAL VAL A . n 
A 1 91  THR 91  397 397 THR THR A . n 
A 1 92  PHE 92  398 398 PHE PHE A . n 
A 1 93  ALA 93  399 399 ALA ALA A . n 
A 1 94  SER 94  400 400 SER SER A . n 
A 1 95  GLY 95  401 401 GLY GLY A . n 
A 1 96  ASN 96  402 402 ASN ASN A . n 
A 1 97  GLY 97  403 403 GLY GLY A . n 
A 1 98  THR 98  404 404 THR THR A . n 
A 1 99  THR 99  405 405 THR THR A . n 
A 1 100 ALA 100 406 406 ALA ALA A . n 
A 1 101 THR 101 407 407 THR THR A . n 
A 1 102 VAL 102 408 408 VAL VAL A . n 
A 1 103 THR 103 409 409 THR THR A . n 
A 1 104 ASN 104 410 410 ASN ASN A . n 
A 1 105 GLY 105 411 411 GLY GLY A . n 
A 1 106 THR 106 412 412 THR THR A . n 
A 1 107 ASP 107 413 413 ASP ASP A . n 
A 1 108 GLY 108 414 414 GLY GLY A . n 
A 1 109 ILE 109 415 415 ILE ILE A . n 
A 1 110 THR 110 416 416 THR THR A . n 
A 1 111 VAL 111 417 417 VAL VAL A . n 
A 1 112 LYS 112 418 418 LYS LYS A . n 
A 1 113 TYR 113 419 419 TYR TYR A . n 
A 1 114 ASP 114 420 420 ASP ASP A . n 
A 1 115 ALA 115 421 421 ALA ALA A . n 
A 1 116 LYS 116 422 422 LYS LYS A . n 
# 
loop_
_pdbx_nonpoly_scheme.asym_id 
_pdbx_nonpoly_scheme.entity_id 
_pdbx_nonpoly_scheme.mon_id 
_pdbx_nonpoly_scheme.ndb_seq_num 
_pdbx_nonpoly_scheme.pdb_seq_num 
_pdbx_nonpoly_scheme.auth_seq_num 
_pdbx_nonpoly_scheme.pdb_mon_id 
_pdbx_nonpoly_scheme.auth_mon_id 
_pdbx_nonpoly_scheme.pdb_strand_id 
_pdbx_nonpoly_scheme.pdb_ins_code 
B 2 HOH 1   1   1   HOH HOH A . 
B 2 HOH 2   2   2   HOH HOH A . 
B 2 HOH 3   3   3   HOH HOH A . 
B 2 HOH 4   4   4   HOH HOH A . 
B 2 HOH 5   5   5   HOH HOH A . 
B 2 HOH 6   6   6   HOH HOH A . 
B 2 HOH 7   7   7   HOH HOH A . 
B 2 HOH 8   8   8   HOH HOH A . 
B 2 HOH 9   9   9   HOH HOH A . 
B 2 HOH 10  10  10  HOH HOH A . 
B 2 HOH 11  11  11  HOH HOH A . 
B 2 HOH 12  12  12  HOH HOH A . 
B 2 HOH 13  13  13  HOH HOH A . 
B 2 HOH 14  14  14  HOH HOH A . 
B 2 HOH 15  15  15  HOH HOH A . 
B 2 HOH 16  16  16  HOH HOH A . 
B 2 HOH 17  17  17  HOH HOH A . 
B 2 HOH 18  18  18  HOH HOH A . 
B 2 HOH 19  19  19  HOH HOH A . 
B 2 HOH 20  20  20  HOH HOH A . 
B 2 HOH 21  21  21  HOH HOH A . 
B 2 HOH 22  22  22  HOH HOH A . 
B 2 HOH 23  23  23  HOH HOH A . 
B 2 HOH 24  24  24  HOH HOH A . 
B 2 HOH 25  25  25  HOH HOH A . 
B 2 HOH 26  26  26  HOH HOH A . 
B 2 HOH 27  27  27  HOH HOH A . 
B 2 HOH 28  28  28  HOH HOH A . 
B 2 HOH 29  29  29  HOH HOH A . 
B 2 HOH 30  30  30  HOH HOH A . 
B 2 HOH 31  31  31  HOH HOH A . 
B 2 HOH 32  32  32  HOH HOH A . 
B 2 HOH 33  33  33  HOH HOH A . 
B 2 HOH 34  34  34  HOH HOH A . 
B 2 HOH 35  35  35  HOH HOH A . 
B 2 HOH 36  36  36  HOH HOH A . 
B 2 HOH 37  37  37  HOH HOH A . 
B 2 HOH 38  38  38  HOH HOH A . 
B 2 HOH 39  39  39  HOH HOH A . 
B 2 HOH 40  40  40  HOH HOH A . 
B 2 HOH 41  41  41  HOH HOH A . 
B 2 HOH 42  42  42  HOH HOH A . 
B 2 HOH 43  43  43  HOH HOH A . 
B 2 HOH 44  44  44  HOH HOH A . 
B 2 HOH 45  45  45  HOH HOH A . 
B 2 HOH 46  46  46  HOH HOH A . 
B 2 HOH 47  47  47  HOH HOH A . 
B 2 HOH 48  48  48  HOH HOH A . 
B 2 HOH 49  49  49  HOH HOH A . 
B 2 HOH 50  50  50  HOH HOH A . 
B 2 HOH 51  51  51  HOH HOH A . 
B 2 HOH 52  52  52  HOH HOH A . 
B 2 HOH 53  53  53  HOH HOH A . 
B 2 HOH 54  54  54  HOH HOH A . 
B 2 HOH 55  55  55  HOH HOH A . 
B 2 HOH 56  56  56  HOH HOH A . 
B 2 HOH 57  57  57  HOH HOH A . 
B 2 HOH 58  58  58  HOH HOH A . 
B 2 HOH 59  59  59  HOH HOH A . 
B 2 HOH 60  60  60  HOH HOH A . 
B 2 HOH 61  61  61  HOH HOH A . 
B 2 HOH 62  62  62  HOH HOH A . 
B 2 HOH 63  63  63  HOH HOH A . 
B 2 HOH 64  64  64  HOH HOH A . 
B 2 HOH 65  65  65  HOH HOH A . 
B 2 HOH 66  66  66  HOH HOH A . 
B 2 HOH 67  67  67  HOH HOH A . 
B 2 HOH 68  68  68  HOH HOH A . 
B 2 HOH 69  69  69  HOH HOH A . 
B 2 HOH 70  70  70  HOH HOH A . 
B 2 HOH 71  71  71  HOH HOH A . 
B 2 HOH 72  72  72  HOH HOH A . 
B 2 HOH 73  73  73  HOH HOH A . 
B 2 HOH 74  74  74  HOH HOH A . 
B 2 HOH 75  75  75  HOH HOH A . 
B 2 HOH 76  76  76  HOH HOH A . 
B 2 HOH 77  77  77  HOH HOH A . 
B 2 HOH 78  78  78  HOH HOH A . 
B 2 HOH 79  79  79  HOH HOH A . 
B 2 HOH 80  80  80  HOH HOH A . 
B 2 HOH 81  81  81  HOH HOH A . 
B 2 HOH 82  82  82  HOH HOH A . 
B 2 HOH 83  83  83  HOH HOH A . 
B 2 HOH 84  84  84  HOH HOH A . 
B 2 HOH 85  85  85  HOH HOH A . 
B 2 HOH 86  86  86  HOH HOH A . 
B 2 HOH 87  87  87  HOH HOH A . 
B 2 HOH 88  88  88  HOH HOH A . 
B 2 HOH 89  89  89  HOH HOH A . 
B 2 HOH 90  90  90  HOH HOH A . 
B 2 HOH 91  91  91  HOH HOH A . 
B 2 HOH 92  92  92  HOH HOH A . 
B 2 HOH 93  93  93  HOH HOH A . 
B 2 HOH 94  94  94  HOH HOH A . 
B 2 HOH 95  95  95  HOH HOH A . 
B 2 HOH 96  96  96  HOH HOH A . 
B 2 HOH 97  97  97  HOH HOH A . 
B 2 HOH 98  98  98  HOH HOH A . 
B 2 HOH 99  99  99  HOH HOH A . 
B 2 HOH 100 100 100 HOH HOH A . 
B 2 HOH 101 101 101 HOH HOH A . 
B 2 HOH 102 102 102 HOH HOH A . 
B 2 HOH 103 103 103 HOH HOH A . 
B 2 HOH 104 104 104 HOH HOH A . 
B 2 HOH 105 105 105 HOH HOH A . 
B 2 HOH 106 106 106 HOH HOH A . 
B 2 HOH 107 107 107 HOH HOH A . 
B 2 HOH 108 108 108 HOH HOH A . 
B 2 HOH 109 109 109 HOH HOH A . 
B 2 HOH 110 111 111 HOH HOH A . 
B 2 HOH 111 112 112 HOH HOH A . 
B 2 HOH 112 113 113 HOH HOH A . 
B 2 HOH 113 114 114 HOH HOH A . 
B 2 HOH 114 115 115 HOH HOH A . 
B 2 HOH 115 116 116 HOH HOH A . 
B 2 HOH 116 117 117 HOH HOH A . 
B 2 HOH 117 118 118 HOH HOH A . 
B 2 HOH 118 119 119 HOH HOH A . 
B 2 HOH 119 120 120 HOH HOH A . 
B 2 HOH 120 121 121 HOH HOH A . 
B 2 HOH 121 122 122 HOH HOH A . 
B 2 HOH 122 123 123 HOH HOH A . 
B 2 HOH 123 124 124 HOH HOH A . 
B 2 HOH 124 125 125 HOH HOH A . 
B 2 HOH 125 126 126 HOH HOH A . 
B 2 HOH 126 127 127 HOH HOH A . 
B 2 HOH 127 129 129 HOH HOH A . 
B 2 HOH 128 130 130 HOH HOH A . 
B 2 HOH 129 131 131 HOH HOH A . 
B 2 HOH 130 132 132 HOH HOH A . 
B 2 HOH 131 133 133 HOH HOH A . 
B 2 HOH 132 135 135 HOH HOH A . 
B 2 HOH 133 136 136 HOH HOH A . 
B 2 HOH 134 137 137 HOH HOH A . 
B 2 HOH 135 138 138 HOH HOH A . 
B 2 HOH 136 139 139 HOH HOH A . 
B 2 HOH 137 140 140 HOH HOH A . 
B 2 HOH 138 141 141 HOH HOH A . 
B 2 HOH 139 142 142 HOH HOH A . 
B 2 HOH 140 143 143 HOH HOH A . 
B 2 HOH 141 144 144 HOH HOH A . 
B 2 HOH 142 145 145 HOH HOH A . 
B 2 HOH 143 146 146 HOH HOH A . 
B 2 HOH 144 147 147 HOH HOH A . 
B 2 HOH 145 148 148 HOH HOH A . 
B 2 HOH 146 149 149 HOH HOH A . 
B 2 HOH 147 150 150 HOH HOH A . 
B 2 HOH 148 151 151 HOH HOH A . 
B 2 HOH 149 152 152 HOH HOH A . 
B 2 HOH 150 153 153 HOH HOH A . 
B 2 HOH 151 154 154 HOH HOH A . 
B 2 HOH 152 155 155 HOH HOH A . 
B 2 HOH 153 156 156 HOH HOH A . 
B 2 HOH 154 157 157 HOH HOH A . 
B 2 HOH 155 158 158 HOH HOH A . 
B 2 HOH 156 159 159 HOH HOH A . 
B 2 HOH 157 160 160 HOH HOH A . 
B 2 HOH 158 161 161 HOH HOH A . 
B 2 HOH 159 162 162 HOH HOH A . 
B 2 HOH 160 163 163 HOH HOH A . 
B 2 HOH 161 164 164 HOH HOH A . 
B 2 HOH 162 165 165 HOH HOH A . 
B 2 HOH 163 166 166 HOH HOH A . 
B 2 HOH 164 167 167 HOH HOH A . 
B 2 HOH 165 168 168 HOH HOH A . 
B 2 HOH 166 169 169 HOH HOH A . 
B 2 HOH 167 170 170 HOH HOH A . 
B 2 HOH 168 171 171 HOH HOH A . 
B 2 HOH 169 172 172 HOH HOH A . 
B 2 HOH 170 173 173 HOH HOH A . 
B 2 HOH 171 174 174 HOH HOH A . 
B 2 HOH 172 175 175 HOH HOH A . 
B 2 HOH 173 176 176 HOH HOH A . 
B 2 HOH 174 177 177 HOH HOH A . 
B 2 HOH 175 178 178 HOH HOH A . 
B 2 HOH 176 179 179 HOH HOH A . 
B 2 HOH 177 180 180 HOH HOH A . 
B 2 HOH 178 181 181 HOH HOH A . 
B 2 HOH 179 182 182 HOH HOH A . 
B 2 HOH 180 183 183 HOH HOH A . 
B 2 HOH 181 184 184 HOH HOH A . 
B 2 HOH 182 185 185 HOH HOH A . 
B 2 HOH 183 186 186 HOH HOH A . 
B 2 HOH 184 187 187 HOH HOH A . 
B 2 HOH 185 188 188 HOH HOH A . 
B 2 HOH 186 189 189 HOH HOH A . 
B 2 HOH 187 190 190 HOH HOH A . 
B 2 HOH 188 191 191 HOH HOH A . 
B 2 HOH 189 192 192 HOH HOH A . 
B 2 HOH 190 193 193 HOH HOH A . 
B 2 HOH 191 194 194 HOH HOH A . 
B 2 HOH 192 195 195 HOH HOH A . 
B 2 HOH 193 196 196 HOH HOH A . 
B 2 HOH 194 197 197 HOH HOH A . 
B 2 HOH 195 198 198 HOH HOH A . 
B 2 HOH 196 199 199 HOH HOH A . 
B 2 HOH 197 201 201 HOH HOH A . 
B 2 HOH 198 202 202 HOH HOH A . 
B 2 HOH 199 203 203 HOH HOH A . 
B 2 HOH 200 204 204 HOH HOH A . 
B 2 HOH 201 205 205 HOH HOH A . 
B 2 HOH 202 206 206 HOH HOH A . 
B 2 HOH 203 207 207 HOH HOH A . 
B 2 HOH 204 208 208 HOH HOH A . 
B 2 HOH 205 209 209 HOH HOH A . 
B 2 HOH 206 210 210 HOH HOH A . 
B 2 HOH 207 211 211 HOH HOH A . 
B 2 HOH 208 212 212 HOH HOH A . 
B 2 HOH 209 213 213 HOH HOH A . 
B 2 HOH 210 214 214 HOH HOH A . 
B 2 HOH 211 215 215 HOH HOH A . 
B 2 HOH 212 216 216 HOH HOH A . 
B 2 HOH 213 217 217 HOH HOH A . 
B 2 HOH 214 218 218 HOH HOH A . 
B 2 HOH 215 219 219 HOH HOH A . 
B 2 HOH 216 220 220 HOH HOH A . 
B 2 HOH 217 221 221 HOH HOH A . 
B 2 HOH 218 222 222 HOH HOH A . 
B 2 HOH 219 223 223 HOH HOH A . 
B 2 HOH 220 224 224 HOH HOH A . 
B 2 HOH 221 225 225 HOH HOH A . 
B 2 HOH 222 226 226 HOH HOH A . 
B 2 HOH 223 227 227 HOH HOH A . 
B 2 HOH 224 228 228 HOH HOH A . 
B 2 HOH 225 229 229 HOH HOH A . 
B 2 HOH 226 230 230 HOH HOH A . 
B 2 HOH 227 231 231 HOH HOH A . 
B 2 HOH 228 232 232 HOH HOH A . 
B 2 HOH 229 233 233 HOH HOH A . 
B 2 HOH 230 234 234 HOH HOH A . 
B 2 HOH 231 235 235 HOH HOH A . 
B 2 HOH 232 236 236 HOH HOH A . 
B 2 HOH 233 237 237 HOH HOH A . 
B 2 HOH 234 238 238 HOH HOH A . 
B 2 HOH 235 239 239 HOH HOH A . 
B 2 HOH 236 240 240 HOH HOH A . 
B 2 HOH 237 241 241 HOH HOH A . 
B 2 HOH 238 242 242 HOH HOH A . 
B 2 HOH 239 243 243 HOH HOH A . 
B 2 HOH 240 244 244 HOH HOH A . 
B 2 HOH 241 245 245 HOH HOH A . 
B 2 HOH 242 246 246 HOH HOH A . 
B 2 HOH 243 247 247 HOH HOH A . 
B 2 HOH 244 248 248 HOH HOH A . 
# 
loop_
_pdbx_unobs_or_zero_occ_atoms.id 
_pdbx_unobs_or_zero_occ_atoms.PDB_model_num 
_pdbx_unobs_or_zero_occ_atoms.polymer_flag 
_pdbx_unobs_or_zero_occ_atoms.occupancy_flag 
_pdbx_unobs_or_zero_occ_atoms.auth_asym_id 
_pdbx_unobs_or_zero_occ_atoms.auth_comp_id 
_pdbx_unobs_or_zero_occ_atoms.auth_seq_id 
_pdbx_unobs_or_zero_occ_atoms.PDB_ins_code 
_pdbx_unobs_or_zero_occ_atoms.auth_atom_id 
_pdbx_unobs_or_zero_occ_atoms.label_alt_id 
_pdbx_unobs_or_zero_occ_atoms.label_asym_id 
_pdbx_unobs_or_zero_occ_atoms.label_comp_id 
_pdbx_unobs_or_zero_occ_atoms.label_seq_id 
_pdbx_unobs_or_zero_occ_atoms.label_atom_id 
1 1 Y 1 A LYS 316 ? CG ? A LYS 10 CG 
2 1 Y 1 A LYS 316 ? CD ? A LYS 10 CD 
3 1 Y 1 A LYS 316 ? CE ? A LYS 10 CE 
4 1 Y 1 A LYS 316 ? NZ ? A LYS 10 NZ 
5 1 Y 1 A LYS 320 ? CG ? A LYS 14 CG 
6 1 Y 1 A LYS 320 ? CD ? A LYS 14 CD 
7 1 Y 1 A LYS 320 ? CE ? A LYS 14 CE 
8 1 Y 1 A LYS 320 ? NZ ? A LYS 14 NZ 
# 
loop_
_software.name 
_software.classification 
_software.version 
_software.citation_id 
_software.pdbx_ordinal 
DNA       'data collection' . ? 1 
SHELXS    phasing           . ? 2 
PHENIX    refinement        . ? 3 
DENZO     'data reduction'  . ? 4 
SCALEPACK 'data scaling'    . ? 5 
# 
_cell.entry_id           3EMI 
_cell.length_a           53.864 
_cell.length_b           53.864 
_cell.length_c           151.688 
_cell.angle_alpha        90.00 
_cell.angle_beta         90.00 
_cell.angle_gamma        120.00 
_cell.Z_PDB              12 
_cell.pdbx_unique_axis   ? 
_cell.length_a_esd       ? 
_cell.length_b_esd       ? 
_cell.length_c_esd       ? 
_cell.angle_alpha_esd    ? 
_cell.angle_beta_esd     ? 
_cell.angle_gamma_esd    ? 
# 
_symmetry.entry_id                         3EMI 
_symmetry.space_group_name_H-M             'P 63 2 2' 
_symmetry.pdbx_full_space_group_name_H-M   ? 
_symmetry.cell_setting                     ? 
_symmetry.Int_Tables_number                182 
_symmetry.space_group_name_Hall            ? 
# 
_exptl.entry_id          3EMI 
_exptl.method            'X-RAY DIFFRACTION' 
_exptl.crystals_number   1 
# 
_exptl_crystal.id                    1 
_exptl_crystal.density_meas          ? 
_exptl_crystal.density_Matthews      2.64 
_exptl_crystal.density_percent_sol   53.34 
_exptl_crystal.description           ? 
_exptl_crystal.F_000                 ? 
_exptl_crystal.preparation           ? 
# 
_exptl_crystal_grow.crystal_id      1 
_exptl_crystal_grow.method          'VAPOR DIFFUSION, HANGING DROP' 
_exptl_crystal_grow.temp            298 
_exptl_crystal_grow.temp_details    ? 
_exptl_crystal_grow.pH              ? 
_exptl_crystal_grow.pdbx_details    'VAPOR DIFFUSION, HANGING DROP, temperature 298K' 
_exptl_crystal_grow.pdbx_pH_range   . 
# 
_diffrn.id                     1 
_diffrn.ambient_temp           ? 
_diffrn.ambient_temp_details   ? 
_diffrn.crystal_id             1 
# 
_diffrn_detector.diffrn_id              1 
_diffrn_detector.detector               CCD 
_diffrn_detector.type                   'ADSC QUANTUM 315' 
_diffrn_detector.pdbx_collection_date   2007-11-11 
_diffrn_detector.details                ? 
# 
_diffrn_radiation.diffrn_id                        1 
_diffrn_radiation.wavelength_id                    1 
_diffrn_radiation.pdbx_monochromatic_or_laue_m_l   M 
_diffrn_radiation.monochromator                    ? 
_diffrn_radiation.pdbx_diffrn_protocol             MAD 
_diffrn_radiation.pdbx_scattering_type             x-ray 
# 
loop_
_diffrn_radiation_wavelength.id 
_diffrn_radiation_wavelength.wavelength 
_diffrn_radiation_wavelength.wt 
1 0.9785 1.0 
2 0.9790 1.0 
3 0.9750 1.0 
# 
_diffrn_source.diffrn_id                   1 
_diffrn_source.source                      SYNCHROTRON 
_diffrn_source.type                        'ESRF BEAMLINE ID14-4' 
_diffrn_source.pdbx_synchrotron_site       ESRF 
_diffrn_source.pdbx_synchrotron_beamline   ID14-4 
_diffrn_source.pdbx_wavelength             ? 
_diffrn_source.pdbx_wavelength_list        '0.9785, 0.9790, 0.9750' 
# 
_reflns.entry_id                     3EMI 
_reflns.observed_criterion_sigma_I   0 
_reflns.observed_criterion_sigma_F   0 
_reflns.d_resolution_low             30 
_reflns.d_resolution_high            1.8 
_reflns.number_obs                   12852 
_reflns.number_all                   ? 
_reflns.percent_possible_obs         99.7 
_reflns.pdbx_Rmerge_I_obs            0.098 
_reflns.pdbx_Rsym_value              0.098 
_reflns.pdbx_netI_over_sigmaI        42 
_reflns.B_iso_Wilson_estimate        15.127 
_reflns.pdbx_redundancy              32.6 
_reflns.R_free_details               ? 
_reflns.limit_h_max                  ? 
_reflns.limit_h_min                  ? 
_reflns.limit_k_max                  ? 
_reflns.limit_k_min                  ? 
_reflns.limit_l_max                  ? 
_reflns.limit_l_min                  ? 
_reflns.observed_criterion_F_max     ? 
_reflns.observed_criterion_F_min     ? 
_reflns.pdbx_chi_squared             ? 
_reflns.pdbx_scaling_rejects         ? 
_reflns.pdbx_diffrn_id               1 
_reflns.pdbx_ordinal                 1 
# 
_reflns_shell.d_res_high             1.8 
_reflns_shell.d_res_low              1.86 
_reflns_shell.percent_possible_all   99.9 
_reflns_shell.Rmerge_I_obs           0.27 
_reflns_shell.pdbx_Rsym_value        0.27 
_reflns_shell.meanI_over_sigI_obs    11.3 
_reflns_shell.pdbx_redundancy        26 
_reflns_shell.percent_possible_obs   ? 
_reflns_shell.number_unique_all      ? 
_reflns_shell.number_measured_all    ? 
_reflns_shell.number_measured_obs    ? 
_reflns_shell.number_unique_obs      ? 
_reflns_shell.pdbx_chi_squared       ? 
_reflns_shell.pdbx_diffrn_id         ? 
_reflns_shell.pdbx_ordinal           1 
# 
_refine.entry_id                                 3EMI 
_refine.ls_d_res_high                            1.800 
_refine.ls_d_res_low                             29.43 
_refine.ls_percent_reflns_obs                    99.460 
_refine.ls_number_reflns_obs                     12782 
_refine.ls_R_factor_R_work                       0.162 
_refine.ls_R_factor_R_free                       0.198 
_refine.ls_percent_reflns_R_free                 5.030 
_refine.ls_number_reflns_R_free                  643 
_refine.ls_number_reflns_R_work                  12139 
_refine.B_iso_mean                               21.274 
_refine.solvent_model_param_bsol                 54.433 
_refine.solvent_model_param_ksol                 0.328 
_refine.aniso_B[1][1]                            -0.963 
_refine.aniso_B[2][2]                            -0.963 
_refine.aniso_B[3][3]                            1.926 
_refine.aniso_B[1][2]                            0.000 
_refine.aniso_B[1][3]                            0.000 
_refine.aniso_B[2][3]                            0.000 
_refine.overall_FOM_work_R_set                   0.878 
_refine.B_iso_max                                63.50 
_refine.B_iso_min                                5.50 
_refine.occupancy_max                            1.00 
_refine.occupancy_min                            1.00 
_refine.pdbx_ls_cross_valid_method               THROUGHOUT 
_refine.details                                  'used weighted full matrix least squares procedure' 
_refine.pdbx_starting_model                      ? 
_refine.pdbx_method_to_determine_struct          MAD 
_refine.pdbx_isotropic_thermal_model             isotropic 
_refine.pdbx_stereochemistry_target_values       'Engh & Huber' 
_refine.pdbx_stereochem_target_val_spec_case     ? 
_refine.pdbx_R_Free_selection_details            random 
_refine.pdbx_refine_id                           'X-RAY DIFFRACTION' 
_refine.ls_R_factor_all                          ? 
_refine.ls_R_factor_obs                          ? 
_refine.ls_number_reflns_all                     ? 
_refine.pdbx_ls_sigma_F                          ? 
_refine.pdbx_ls_sigma_I                          ? 
_refine.ls_redundancy_reflns_obs                 ? 
_refine.pdbx_data_cutoff_high_absF               ? 
_refine.pdbx_data_cutoff_low_absF                ? 
_refine.ls_number_parameters                     ? 
_refine.ls_number_restraints                     ? 
_refine.ls_R_factor_R_free_error                 ? 
_refine.ls_R_factor_R_free_error_details         ? 
_refine.solvent_model_details                    ? 
_refine.overall_SU_B                             ? 
_refine.overall_SU_ML                            ? 
_refine.pdbx_overall_ESU_R                       ? 
_refine.pdbx_overall_ESU_R_Free                  ? 
_refine.pdbx_data_cutoff_high_rms_absF           ? 
_refine.pdbx_overall_phase_error                 ? 
_refine.correlation_coeff_Fo_to_Fc               ? 
_refine.correlation_coeff_Fo_to_Fc_free          ? 
_refine.pdbx_solvent_vdw_probe_radii             ? 
_refine.pdbx_solvent_ion_probe_radii             ? 
_refine.pdbx_solvent_shrinkage_radii             ? 
_refine.overall_SU_R_Cruickshank_DPI             ? 
_refine.overall_SU_R_free                        ? 
_refine.ls_wR_factor_R_free                      ? 
_refine.ls_wR_factor_R_work                      ? 
_refine.overall_FOM_free_R_set                   ? 
_refine.pdbx_diffrn_id                           1 
_refine.pdbx_TLS_residual_ADP_flag               ? 
_refine.pdbx_overall_SU_R_free_Cruickshank_DPI   ? 
_refine.pdbx_overall_SU_R_Blow_DPI               ? 
_refine.pdbx_overall_SU_R_free_Blow_DPI          ? 
# 
_refine_hist.pdbx_refine_id                   'X-RAY DIFFRACTION' 
_refine_hist.cycle_id                         LAST 
_refine_hist.pdbx_number_atoms_protein        786 
_refine_hist.pdbx_number_atoms_nucleic_acid   0 
_refine_hist.pdbx_number_atoms_ligand         0 
_refine_hist.number_atoms_solvent             244 
_refine_hist.number_atoms_total               1030 
_refine_hist.d_res_high                       1.800 
_refine_hist.d_res_low                        29.43 
# 
loop_
_refine_ls_restr.type 
_refine_ls_restr.number 
_refine_ls_restr.dev_ideal 
_refine_ls_restr.dev_ideal_target 
_refine_ls_restr.weight 
_refine_ls_restr.pdbx_refine_id 
_refine_ls_restr.pdbx_restraint_function 
f_angle_d          ? 0.881  ? 1.000 'X-RAY DIFFRACTION' ? 
f_bond_d           ? 0.005  ? 1.000 'X-RAY DIFFRACTION' ? 
f_chiral_restr     ? 0.057  ? 1.000 'X-RAY DIFFRACTION' ? 
f_dihedral_angle_d ? 10.926 ? 1.000 'X-RAY DIFFRACTION' ? 
f_plane_restr      ? 0.003  ? 1.000 'X-RAY DIFFRACTION' ? 
f_nbd_refined      ? 4.116  ? 1.000 'X-RAY DIFFRACTION' ? 
# 
loop_
_refine_ls_shell.d_res_high 
_refine_ls_shell.d_res_low 
_refine_ls_shell.pdbx_total_number_of_bins_used 
_refine_ls_shell.percent_reflns_obs 
_refine_ls_shell.number_reflns_R_work 
_refine_ls_shell.R_factor_all 
_refine_ls_shell.R_factor_R_work 
_refine_ls_shell.R_factor_R_free 
_refine_ls_shell.percent_reflns_R_free 
_refine_ls_shell.number_reflns_R_free 
_refine_ls_shell.R_factor_R_free_error 
_refine_ls_shell.number_reflns_all 
_refine_ls_shell.number_reflns_obs 
_refine_ls_shell.pdbx_refine_id 
_refine_ls_shell.redundancy_reflns_obs 
1.800 1.826  24 93.000 473 . 0.146 . . . . . . 'X-RAY DIFFRACTION' . 
1.826 1.853  24 94.000 490 . 0.152 . . . . . . 'X-RAY DIFFRACTION' . 
1.853 1.882  24 93.000 470 . 0.134 . . . . . . 'X-RAY DIFFRACTION' . 
1.882 1.913  24 96.000 508 . 0.132 . . . . . . 'X-RAY DIFFRACTION' . 
1.913 1.946  24 93.000 483 . 0.136 . . . . . . 'X-RAY DIFFRACTION' . 
1.946 1.981  24 94.000 487 . 0.137 . . . . . . 'X-RAY DIFFRACTION' . 
1.981 2.019  24 93.000 474 . 0.141 . . . . . . 'X-RAY DIFFRACTION' . 
2.019 2.060  24 95.000 499 . 0.139 . . . . . . 'X-RAY DIFFRACTION' . 
2.060 2.105  24 95.000 483 . 0.127 . . . . . . 'X-RAY DIFFRACTION' . 
2.105 2.154  24 93.000 499 . 0.134 . . . . . . 'X-RAY DIFFRACTION' . 
2.154 2.208  24 94.000 482 . 0.141 . . . . . . 'X-RAY DIFFRACTION' . 
2.208 2.268  24 96.000 513 . 0.131 . . . . . . 'X-RAY DIFFRACTION' . 
2.268 2.335  24 94.000 505 . 0.136 . . . . . . 'X-RAY DIFFRACTION' . 
2.335 2.410  24 94.000 482 . 0.150 . . . . . . 'X-RAY DIFFRACTION' . 
2.410 2.496  24 96.000 508 . 0.159 . . . . . . 'X-RAY DIFFRACTION' . 
2.496 2.596  24 95.000 509 . 0.191 . . . . . . 'X-RAY DIFFRACTION' . 
2.596 2.714  24 96.000 512 . 0.176 . . . . . . 'X-RAY DIFFRACTION' . 
2.714 2.857  24 94.000 512 . 0.165 . . . . . . 'X-RAY DIFFRACTION' . 
2.857 3.036  24 96.000 515 . 0.180 . . . . . . 'X-RAY DIFFRACTION' . 
3.036 3.270  24 93.000 499 . 0.160 . . . . . . 'X-RAY DIFFRACTION' . 
3.270 3.599  24 94.000 534 . 0.164 . . . . . . 'X-RAY DIFFRACTION' . 
3.599 4.120  24 95.000 531 . 0.166 . . . . . . 'X-RAY DIFFRACTION' . 
4.120 5.189  24 95.000 550 . 0.161 . . . . . . 'X-RAY DIFFRACTION' . 
5.189 39.743 24 96.000 621 . 0.227 . . . . . . 'X-RAY DIFFRACTION' . 
# 
_struct.entry_id                  3EMI 
_struct.title                     'Crystal structure of Hia 307-422 non-adhesive domain' 
_struct.pdbx_model_details        ? 
_struct.pdbx_CASP_flag            N 
_struct.pdbx_model_type_details   ? 
# 
_struct_keywords.entry_id        3EMI 
_struct_keywords.pdbx_keywords   'CELL ADHESION' 
_struct_keywords.text            
'non-adhesive domain, Hia adhesin, trimeric autotransporter, Haemophilus influenzae, CELL ADHESION' 
# 
loop_
_struct_asym.id 
_struct_asym.pdbx_blank_PDB_chainid_flag 
_struct_asym.pdbx_modified 
_struct_asym.entity_id 
_struct_asym.details 
A N N 1 ? 
B N N 2 ? 
# 
_struct_ref.id                         1 
_struct_ref.db_name                    UNP 
_struct_ref.db_code                    Q48152_HAEIN 
_struct_ref.pdbx_db_accession          Q48152 
_struct_ref.entity_id                  1 
_struct_ref.pdbx_seq_one_letter_code   
;KENGKRTEVKIGAKTSVIKEKDGKLFTGKANKETNKVDGANATEDADEGKGLVTAKDVIDAVNKTGWRIKTTDANGQNGD
FATVASGTNVTFASGNGTTATVTNGTDGITVKYDAK
;
_struct_ref.pdbx_align_begin           307 
_struct_ref.pdbx_db_isoform            ? 
# 
_struct_ref_seq.align_id                      1 
_struct_ref_seq.ref_id                        1 
_struct_ref_seq.pdbx_PDB_id_code              3EMI 
_struct_ref_seq.pdbx_strand_id                A 
_struct_ref_seq.seq_align_beg                 1 
_struct_ref_seq.pdbx_seq_align_beg_ins_code   ? 
_struct_ref_seq.seq_align_end                 116 
_struct_ref_seq.pdbx_seq_align_end_ins_code   ? 
_struct_ref_seq.pdbx_db_accession             Q48152 
_struct_ref_seq.db_align_beg                  307 
_struct_ref_seq.pdbx_db_align_beg_ins_code    ? 
_struct_ref_seq.db_align_end                  422 
_struct_ref_seq.pdbx_db_align_end_ins_code    ? 
_struct_ref_seq.pdbx_auth_seq_align_beg       307 
_struct_ref_seq.pdbx_auth_seq_align_end       422 
# 
_struct_ref_seq_dif.align_id                     1 
_struct_ref_seq_dif.pdbx_pdb_id_code             3EMI 
_struct_ref_seq_dif.mon_id                       MET 
_struct_ref_seq_dif.pdbx_pdb_strand_id           A 
_struct_ref_seq_dif.seq_num                      18 
_struct_ref_seq_dif.pdbx_pdb_ins_code            ? 
_struct_ref_seq_dif.pdbx_seq_db_name             UNP 
_struct_ref_seq_dif.pdbx_seq_db_accession_code   Q48152 
_struct_ref_seq_dif.db_mon_id                    ILE 
_struct_ref_seq_dif.pdbx_seq_db_seq_num          324 
_struct_ref_seq_dif.details                      'engineered mutation' 
_struct_ref_seq_dif.pdbx_auth_seq_num            324 
_struct_ref_seq_dif.pdbx_ordinal                 1 
# 
_pdbx_struct_assembly.id                   1 
_pdbx_struct_assembly.details              author_and_software_defined_assembly 
_pdbx_struct_assembly.method_details       PISA 
_pdbx_struct_assembly.oligomeric_details   trimeric 
_pdbx_struct_assembly.oligomeric_count     3 
# 
loop_
_pdbx_struct_assembly_prop.biol_id 
_pdbx_struct_assembly_prop.type 
_pdbx_struct_assembly_prop.value 
_pdbx_struct_assembly_prop.details 
1 'ABSA (A^2)' 8260  ? 
1 MORE         -68   ? 
1 'SSA (A^2)'  16750 ? 
# 
_pdbx_struct_assembly_gen.assembly_id       1 
_pdbx_struct_assembly_gen.oper_expression   1,2,3 
_pdbx_struct_assembly_gen.asym_id_list      A,B 
# 
loop_
_pdbx_struct_oper_list.id 
_pdbx_struct_oper_list.type 
_pdbx_struct_oper_list.name 
_pdbx_struct_oper_list.symmetry_operation 
_pdbx_struct_oper_list.matrix[1][1] 
_pdbx_struct_oper_list.matrix[1][2] 
_pdbx_struct_oper_list.matrix[1][3] 
_pdbx_struct_oper_list.vector[1] 
_pdbx_struct_oper_list.matrix[2][1] 
_pdbx_struct_oper_list.matrix[2][2] 
_pdbx_struct_oper_list.matrix[2][3] 
_pdbx_struct_oper_list.vector[2] 
_pdbx_struct_oper_list.matrix[3][1] 
_pdbx_struct_oper_list.matrix[3][2] 
_pdbx_struct_oper_list.matrix[3][3] 
_pdbx_struct_oper_list.vector[3] 
1 'identity operation'         1_555 x,y,z         1.0000000000 0.0000000000 0.0000000000  0.0000000000  0.0000000000 1.0000000000 0.0000000000  0.0000000000 0.0000000000  0.0000000000  1.0000000000  0.0000000000  
2 'crystal symmetry operation' 2_655 -y+1,x-y,z    0.3127618499 0.5069642328 -0.8032230649 -5.2152090029 0.9008767051 0.1096546322 0.4199964569  8.3130196107 0.3010003113  -0.8549638169 -0.4224164821 6.4233718406  
3 'crystal symmetry operation' 3_665 -x+y+1,-x+1,z 0.3127618499 0.9008767051 0.3010003113  -7.7913242245 0.5069642328 0.1096546322 -0.8549638169 7.2241138289 -0.8032230649 0.4199964569  -0.4224164821 -4.9670768053 
# 
_struct_biol.id        1 
_struct_biol.details   ? 
# 
loop_
_struct_conf.conf_type_id 
_struct_conf.id 
_struct_conf.pdbx_PDB_helix_id 
_struct_conf.beg_label_comp_id 
_struct_conf.beg_label_asym_id 
_struct_conf.beg_label_seq_id 
_struct_conf.pdbx_beg_PDB_ins_code 
_struct_conf.end_label_comp_id 
_struct_conf.end_label_asym_id 
_struct_conf.end_label_seq_id 
_struct_conf.pdbx_end_PDB_ins_code 
_struct_conf.beg_auth_comp_id 
_struct_conf.beg_auth_asym_id 
_struct_conf.beg_auth_seq_id 
_struct_conf.end_auth_comp_id 
_struct_conf.end_auth_asym_id 
_struct_conf.end_auth_seq_id 
_struct_conf.pdbx_PDB_helix_class 
_struct_conf.details 
_struct_conf.pdbx_PDB_helix_length 
HELX_P HELX_P1 1 THR A 27 ? THR A 34 ? THR A 333 THR A 340 1 ? 8  
HELX_P HELX_P2 2 ASN A 41 ? ALA A 46 ? ASN A 347 ALA A 352 1 ? 6  
HELX_P HELX_P3 3 THR A 54 ? THR A 65 ? THR A 360 THR A 371 1 ? 12 
# 
_struct_conf_type.id          HELX_P 
_struct_conf_type.criteria    ? 
_struct_conf_type.reference   ? 
# 
loop_
_struct_sheet.id 
_struct_sheet.type 
_struct_sheet.number_strands 
_struct_sheet.details 
A ? 2 ? 
B ? 2 ? 
C ? 2 ? 
# 
loop_
_struct_sheet_order.sheet_id 
_struct_sheet_order.range_id_1 
_struct_sheet_order.range_id_2 
_struct_sheet_order.offset 
_struct_sheet_order.sense 
A 1 2 ? anti-parallel 
B 1 2 ? anti-parallel 
C 1 2 ? anti-parallel 
# 
loop_
_struct_sheet_range.sheet_id 
_struct_sheet_range.id 
_struct_sheet_range.beg_label_comp_id 
_struct_sheet_range.beg_label_asym_id 
_struct_sheet_range.beg_label_seq_id 
_struct_sheet_range.pdbx_beg_PDB_ins_code 
_struct_sheet_range.end_label_comp_id 
_struct_sheet_range.end_label_asym_id 
_struct_sheet_range.end_label_seq_id 
_struct_sheet_range.pdbx_end_PDB_ins_code 
_struct_sheet_range.beg_auth_comp_id 
_struct_sheet_range.beg_auth_asym_id 
_struct_sheet_range.beg_auth_seq_id 
_struct_sheet_range.end_auth_comp_id 
_struct_sheet_range.end_auth_asym_id 
_struct_sheet_range.end_auth_seq_id 
A 1 LYS A 19  ? LYS A 21  ? LYS A 325 LYS A 327 
A 2 LYS A 24  ? PHE A 26  ? LYS A 330 PHE A 332 
B 1 GLY A 66  ? THR A 72  ? GLY A 372 THR A 378 
B 2 ASN A 78  ? ALA A 85  ? ASN A 384 ALA A 391 
C 1 THR A 98  ? GLY A 105 ? THR A 404 GLY A 411 
C 2 GLY A 108 ? ALA A 115 ? GLY A 414 ALA A 421 
# 
loop_
_pdbx_struct_sheet_hbond.sheet_id 
_pdbx_struct_sheet_hbond.range_id_1 
_pdbx_struct_sheet_hbond.range_id_2 
_pdbx_struct_sheet_hbond.range_1_label_atom_id 
_pdbx_struct_sheet_hbond.range_1_label_comp_id 
_pdbx_struct_sheet_hbond.range_1_label_asym_id 
_pdbx_struct_sheet_hbond.range_1_label_seq_id 
_pdbx_struct_sheet_hbond.range_1_PDB_ins_code 
_pdbx_struct_sheet_hbond.range_1_auth_atom_id 
_pdbx_struct_sheet_hbond.range_1_auth_comp_id 
_pdbx_struct_sheet_hbond.range_1_auth_asym_id 
_pdbx_struct_sheet_hbond.range_1_auth_seq_id 
_pdbx_struct_sheet_hbond.range_2_label_atom_id 
_pdbx_struct_sheet_hbond.range_2_label_comp_id 
_pdbx_struct_sheet_hbond.range_2_label_asym_id 
_pdbx_struct_sheet_hbond.range_2_label_seq_id 
_pdbx_struct_sheet_hbond.range_2_PDB_ins_code 
_pdbx_struct_sheet_hbond.range_2_auth_atom_id 
_pdbx_struct_sheet_hbond.range_2_auth_comp_id 
_pdbx_struct_sheet_hbond.range_2_auth_asym_id 
_pdbx_struct_sheet_hbond.range_2_auth_seq_id 
A 1 2 N LYS A 19  ? N LYS A 325 O PHE A 26  ? O PHE A 332 
B 1 2 N TRP A 67  ? N TRP A 373 O VAL A 84  ? O VAL A 390 
C 1 2 N THR A 103 ? N THR A 409 O THR A 110 ? O THR A 416 
# 
_pdbx_validate_torsion.id              1 
_pdbx_validate_torsion.PDB_model_num   1 
_pdbx_validate_torsion.auth_comp_id    ASN 
_pdbx_validate_torsion.auth_asym_id    A 
_pdbx_validate_torsion.auth_seq_id     402 
_pdbx_validate_torsion.PDB_ins_code    ? 
_pdbx_validate_torsion.label_alt_id    ? 
_pdbx_validate_torsion.phi             -57.96 
_pdbx_validate_torsion.psi             109.94 
# 
loop_
_pdbx_struct_special_symmetry.id 
_pdbx_struct_special_symmetry.PDB_model_num 
_pdbx_struct_special_symmetry.auth_asym_id 
_pdbx_struct_special_symmetry.auth_comp_id 
_pdbx_struct_special_symmetry.auth_seq_id 
_pdbx_struct_special_symmetry.PDB_ins_code 
_pdbx_struct_special_symmetry.label_asym_id 
_pdbx_struct_special_symmetry.label_comp_id 
_pdbx_struct_special_symmetry.label_seq_id 
1 1 A HOH 46 ? B HOH . 
2 1 A HOH 88 ? B HOH . 
3 1 A HOH 94 ? B HOH . 
# 
loop_
_pdbx_unobs_or_zero_occ_residues.id 
_pdbx_unobs_or_zero_occ_residues.PDB_model_num 
_pdbx_unobs_or_zero_occ_residues.polymer_flag 
_pdbx_unobs_or_zero_occ_residues.occupancy_flag 
_pdbx_unobs_or_zero_occ_residues.auth_asym_id 
_pdbx_unobs_or_zero_occ_residues.auth_comp_id 
_pdbx_unobs_or_zero_occ_residues.auth_seq_id 
_pdbx_unobs_or_zero_occ_residues.PDB_ins_code 
_pdbx_unobs_or_zero_occ_residues.label_asym_id 
_pdbx_unobs_or_zero_occ_residues.label_comp_id 
_pdbx_unobs_or_zero_occ_residues.label_seq_id 
1 1 Y 1 A LYS 307 ? A LYS 1 
2 1 Y 1 A GLU 308 ? A GLU 2 
3 1 Y 1 A ASN 309 ? A ASN 3 
4 1 Y 1 A GLY 310 ? A GLY 4 
5 1 Y 1 A LYS 311 ? A LYS 5 
6 1 Y 1 A ARG 312 ? A ARG 6 
# 
loop_
_chem_comp_atom.comp_id 
_chem_comp_atom.atom_id 
_chem_comp_atom.type_symbol 
_chem_comp_atom.pdbx_aromatic_flag 
_chem_comp_atom.pdbx_stereo_config 
_chem_comp_atom.pdbx_ordinal 
ALA N    N N N 1   
ALA CA   C N S 2   
ALA C    C N N 3   
ALA O    O N N 4   
ALA CB   C N N 5   
ALA OXT  O N N 6   
ALA H    H N N 7   
ALA H2   H N N 8   
ALA HA   H N N 9   
ALA HB1  H N N 10  
ALA HB2  H N N 11  
ALA HB3  H N N 12  
ALA HXT  H N N 13  
ARG N    N N N 14  
ARG CA   C N S 15  
ARG C    C N N 16  
ARG O    O N N 17  
ARG CB   C N N 18  
ARG CG   C N N 19  
ARG CD   C N N 20  
ARG NE   N N N 21  
ARG CZ   C N N 22  
ARG NH1  N N N 23  
ARG NH2  N N N 24  
ARG OXT  O N N 25  
ARG H    H N N 26  
ARG H2   H N N 27  
ARG HA   H N N 28  
ARG HB2  H N N 29  
ARG HB3  H N N 30  
ARG HG2  H N N 31  
ARG HG3  H N N 32  
ARG HD2  H N N 33  
ARG HD3  H N N 34  
ARG HE   H N N 35  
ARG HH11 H N N 36  
ARG HH12 H N N 37  
ARG HH21 H N N 38  
ARG HH22 H N N 39  
ARG HXT  H N N 40  
ASN N    N N N 41  
ASN CA   C N S 42  
ASN C    C N N 43  
ASN O    O N N 44  
ASN CB   C N N 45  
ASN CG   C N N 46  
ASN OD1  O N N 47  
ASN ND2  N N N 48  
ASN OXT  O N N 49  
ASN H    H N N 50  
ASN H2   H N N 51  
ASN HA   H N N 52  
ASN HB2  H N N 53  
ASN HB3  H N N 54  
ASN HD21 H N N 55  
ASN HD22 H N N 56  
ASN HXT  H N N 57  
ASP N    N N N 58  
ASP CA   C N S 59  
ASP C    C N N 60  
ASP O    O N N 61  
ASP CB   C N N 62  
ASP CG   C N N 63  
ASP OD1  O N N 64  
ASP OD2  O N N 65  
ASP OXT  O N N 66  
ASP H    H N N 67  
ASP H2   H N N 68  
ASP HA   H N N 69  
ASP HB2  H N N 70  
ASP HB3  H N N 71  
ASP HD2  H N N 72  
ASP HXT  H N N 73  
GLN N    N N N 74  
GLN CA   C N S 75  
GLN C    C N N 76  
GLN O    O N N 77  
GLN CB   C N N 78  
GLN CG   C N N 79  
GLN CD   C N N 80  
GLN OE1  O N N 81  
GLN NE2  N N N 82  
GLN OXT  O N N 83  
GLN H    H N N 84  
GLN H2   H N N 85  
GLN HA   H N N 86  
GLN HB2  H N N 87  
GLN HB3  H N N 88  
GLN HG2  H N N 89  
GLN HG3  H N N 90  
GLN HE21 H N N 91  
GLN HE22 H N N 92  
GLN HXT  H N N 93  
GLU N    N N N 94  
GLU CA   C N S 95  
GLU C    C N N 96  
GLU O    O N N 97  
GLU CB   C N N 98  
GLU CG   C N N 99  
GLU CD   C N N 100 
GLU OE1  O N N 101 
GLU OE2  O N N 102 
GLU OXT  O N N 103 
GLU H    H N N 104 
GLU H2   H N N 105 
GLU HA   H N N 106 
GLU HB2  H N N 107 
GLU HB3  H N N 108 
GLU HG2  H N N 109 
GLU HG3  H N N 110 
GLU HE2  H N N 111 
GLU HXT  H N N 112 
GLY N    N N N 113 
GLY CA   C N N 114 
GLY C    C N N 115 
GLY O    O N N 116 
GLY OXT  O N N 117 
GLY H    H N N 118 
GLY H2   H N N 119 
GLY HA2  H N N 120 
GLY HA3  H N N 121 
GLY HXT  H N N 122 
HOH O    O N N 123 
HOH H1   H N N 124 
HOH H2   H N N 125 
ILE N    N N N 126 
ILE CA   C N S 127 
ILE C    C N N 128 
ILE O    O N N 129 
ILE CB   C N S 130 
ILE CG1  C N N 131 
ILE CG2  C N N 132 
ILE CD1  C N N 133 
ILE OXT  O N N 134 
ILE H    H N N 135 
ILE H2   H N N 136 
ILE HA   H N N 137 
ILE HB   H N N 138 
ILE HG12 H N N 139 
ILE HG13 H N N 140 
ILE HG21 H N N 141 
ILE HG22 H N N 142 
ILE HG23 H N N 143 
ILE HD11 H N N 144 
ILE HD12 H N N 145 
ILE HD13 H N N 146 
ILE HXT  H N N 147 
LEU N    N N N 148 
LEU CA   C N S 149 
LEU C    C N N 150 
LEU O    O N N 151 
LEU CB   C N N 152 
LEU CG   C N N 153 
LEU CD1  C N N 154 
LEU CD2  C N N 155 
LEU OXT  O N N 156 
LEU H    H N N 157 
LEU H2   H N N 158 
LEU HA   H N N 159 
LEU HB2  H N N 160 
LEU HB3  H N N 161 
LEU HG   H N N 162 
LEU HD11 H N N 163 
LEU HD12 H N N 164 
LEU HD13 H N N 165 
LEU HD21 H N N 166 
LEU HD22 H N N 167 
LEU HD23 H N N 168 
LEU HXT  H N N 169 
LYS N    N N N 170 
LYS CA   C N S 171 
LYS C    C N N 172 
LYS O    O N N 173 
LYS CB   C N N 174 
LYS CG   C N N 175 
LYS CD   C N N 176 
LYS CE   C N N 177 
LYS NZ   N N N 178 
LYS OXT  O N N 179 
LYS H    H N N 180 
LYS H2   H N N 181 
LYS HA   H N N 182 
LYS HB2  H N N 183 
LYS HB3  H N N 184 
LYS HG2  H N N 185 
LYS HG3  H N N 186 
LYS HD2  H N N 187 
LYS HD3  H N N 188 
LYS HE2  H N N 189 
LYS HE3  H N N 190 
LYS HZ1  H N N 191 
LYS HZ2  H N N 192 
LYS HZ3  H N N 193 
LYS HXT  H N N 194 
MET N    N N N 195 
MET CA   C N S 196 
MET C    C N N 197 
MET O    O N N 198 
MET CB   C N N 199 
MET CG   C N N 200 
MET SD   S N N 201 
MET CE   C N N 202 
MET OXT  O N N 203 
MET H    H N N 204 
MET H2   H N N 205 
MET HA   H N N 206 
MET HB2  H N N 207 
MET HB3  H N N 208 
MET HG2  H N N 209 
MET HG3  H N N 210 
MET HE1  H N N 211 
MET HE2  H N N 212 
MET HE3  H N N 213 
MET HXT  H N N 214 
PHE N    N N N 215 
PHE CA   C N S 216 
PHE C    C N N 217 
PHE O    O N N 218 
PHE CB   C N N 219 
PHE CG   C Y N 220 
PHE CD1  C Y N 221 
PHE CD2  C Y N 222 
PHE CE1  C Y N 223 
PHE CE2  C Y N 224 
PHE CZ   C Y N 225 
PHE OXT  O N N 226 
PHE H    H N N 227 
PHE H2   H N N 228 
PHE HA   H N N 229 
PHE HB2  H N N 230 
PHE HB3  H N N 231 
PHE HD1  H N N 232 
PHE HD2  H N N 233 
PHE HE1  H N N 234 
PHE HE2  H N N 235 
PHE HZ   H N N 236 
PHE HXT  H N N 237 
SER N    N N N 238 
SER CA   C N S 239 
SER C    C N N 240 
SER O    O N N 241 
SER CB   C N N 242 
SER OG   O N N 243 
SER OXT  O N N 244 
SER H    H N N 245 
SER H2   H N N 246 
SER HA   H N N 247 
SER HB2  H N N 248 
SER HB3  H N N 249 
SER HG   H N N 250 
SER HXT  H N N 251 
THR N    N N N 252 
THR CA   C N S 253 
THR C    C N N 254 
THR O    O N N 255 
THR CB   C N R 256 
THR OG1  O N N 257 
THR CG2  C N N 258 
THR OXT  O N N 259 
THR H    H N N 260 
THR H2   H N N 261 
THR HA   H N N 262 
THR HB   H N N 263 
THR HG1  H N N 264 
THR HG21 H N N 265 
THR HG22 H N N 266 
THR HG23 H N N 267 
THR HXT  H N N 268 
TRP N    N N N 269 
TRP CA   C N S 270 
TRP C    C N N 271 
TRP O    O N N 272 
TRP CB   C N N 273 
TRP CG   C Y N 274 
TRP CD1  C Y N 275 
TRP CD2  C Y N 276 
TRP NE1  N Y N 277 
TRP CE2  C Y N 278 
TRP CE3  C Y N 279 
TRP CZ2  C Y N 280 
TRP CZ3  C Y N 281 
TRP CH2  C Y N 282 
TRP OXT  O N N 283 
TRP H    H N N 284 
TRP H2   H N N 285 
TRP HA   H N N 286 
TRP HB2  H N N 287 
TRP HB3  H N N 288 
TRP HD1  H N N 289 
TRP HE1  H N N 290 
TRP HE3  H N N 291 
TRP HZ2  H N N 292 
TRP HZ3  H N N 293 
TRP HH2  H N N 294 
TRP HXT  H N N 295 
TYR N    N N N 296 
TYR CA   C N S 297 
TYR C    C N N 298 
TYR O    O N N 299 
TYR CB   C N N 300 
TYR CG   C Y N 301 
TYR CD1  C Y N 302 
TYR CD2  C Y N 303 
TYR CE1  C Y N 304 
TYR CE2  C Y N 305 
TYR CZ   C Y N 306 
TYR OH   O N N 307 
TYR OXT  O N N 308 
TYR H    H N N 309 
TYR H2   H N N 310 
TYR HA   H N N 311 
TYR HB2  H N N 312 
TYR HB3  H N N 313 
TYR HD1  H N N 314 
TYR HD2  H N N 315 
TYR HE1  H N N 316 
TYR HE2  H N N 317 
TYR HH   H N N 318 
TYR HXT  H N N 319 
VAL N    N N N 320 
VAL CA   C N S 321 
VAL C    C N N 322 
VAL O    O N N 323 
VAL CB   C N N 324 
VAL CG1  C N N 325 
VAL CG2  C N N 326 
VAL OXT  O N N 327 
VAL H    H N N 328 
VAL H2   H N N 329 
VAL HA   H N N 330 
VAL HB   H N N 331 
VAL HG11 H N N 332 
VAL HG12 H N N 333 
VAL HG13 H N N 334 
VAL HG21 H N N 335 
VAL HG22 H N N 336 
VAL HG23 H N N 337 
VAL HXT  H N N 338 
# 
loop_
_chem_comp_bond.comp_id 
_chem_comp_bond.atom_id_1 
_chem_comp_bond.atom_id_2 
_chem_comp_bond.value_order 
_chem_comp_bond.pdbx_aromatic_flag 
_chem_comp_bond.pdbx_stereo_config 
_chem_comp_bond.pdbx_ordinal 
ALA N   CA   sing N N 1   
ALA N   H    sing N N 2   
ALA N   H2   sing N N 3   
ALA CA  C    sing N N 4   
ALA CA  CB   sing N N 5   
ALA CA  HA   sing N N 6   
ALA C   O    doub N N 7   
ALA C   OXT  sing N N 8   
ALA CB  HB1  sing N N 9   
ALA CB  HB2  sing N N 10  
ALA CB  HB3  sing N N 11  
ALA OXT HXT  sing N N 12  
ARG N   CA   sing N N 13  
ARG N   H    sing N N 14  
ARG N   H2   sing N N 15  
ARG CA  C    sing N N 16  
ARG CA  CB   sing N N 17  
ARG CA  HA   sing N N 18  
ARG C   O    doub N N 19  
ARG C   OXT  sing N N 20  
ARG CB  CG   sing N N 21  
ARG CB  HB2  sing N N 22  
ARG CB  HB3  sing N N 23  
ARG CG  CD   sing N N 24  
ARG CG  HG2  sing N N 25  
ARG CG  HG3  sing N N 26  
ARG CD  NE   sing N N 27  
ARG CD  HD2  sing N N 28  
ARG CD  HD3  sing N N 29  
ARG NE  CZ   sing N N 30  
ARG NE  HE   sing N N 31  
ARG CZ  NH1  sing N N 32  
ARG CZ  NH2  doub N N 33  
ARG NH1 HH11 sing N N 34  
ARG NH1 HH12 sing N N 35  
ARG NH2 HH21 sing N N 36  
ARG NH2 HH22 sing N N 37  
ARG OXT HXT  sing N N 38  
ASN N   CA   sing N N 39  
ASN N   H    sing N N 40  
ASN N   H2   sing N N 41  
ASN CA  C    sing N N 42  
ASN CA  CB   sing N N 43  
ASN CA  HA   sing N N 44  
ASN C   O    doub N N 45  
ASN C   OXT  sing N N 46  
ASN CB  CG   sing N N 47  
ASN CB  HB2  sing N N 48  
ASN CB  HB3  sing N N 49  
ASN CG  OD1  doub N N 50  
ASN CG  ND2  sing N N 51  
ASN ND2 HD21 sing N N 52  
ASN ND2 HD22 sing N N 53  
ASN OXT HXT  sing N N 54  
ASP N   CA   sing N N 55  
ASP N   H    sing N N 56  
ASP N   H2   sing N N 57  
ASP CA  C    sing N N 58  
ASP CA  CB   sing N N 59  
ASP CA  HA   sing N N 60  
ASP C   O    doub N N 61  
ASP C   OXT  sing N N 62  
ASP CB  CG   sing N N 63  
ASP CB  HB2  sing N N 64  
ASP CB  HB3  sing N N 65  
ASP CG  OD1  doub N N 66  
ASP CG  OD2  sing N N 67  
ASP OD2 HD2  sing N N 68  
ASP OXT HXT  sing N N 69  
GLN N   CA   sing N N 70  
GLN N   H    sing N N 71  
GLN N   H2   sing N N 72  
GLN CA  C    sing N N 73  
GLN CA  CB   sing N N 74  
GLN CA  HA   sing N N 75  
GLN C   O    doub N N 76  
GLN C   OXT  sing N N 77  
GLN CB  CG   sing N N 78  
GLN CB  HB2  sing N N 79  
GLN CB  HB3  sing N N 80  
GLN CG  CD   sing N N 81  
GLN CG  HG2  sing N N 82  
GLN CG  HG3  sing N N 83  
GLN CD  OE1  doub N N 84  
GLN CD  NE2  sing N N 85  
GLN NE2 HE21 sing N N 86  
GLN NE2 HE22 sing N N 87  
GLN OXT HXT  sing N N 88  
GLU N   CA   sing N N 89  
GLU N   H    sing N N 90  
GLU N   H2   sing N N 91  
GLU CA  C    sing N N 92  
GLU CA  CB   sing N N 93  
GLU CA  HA   sing N N 94  
GLU C   O    doub N N 95  
GLU C   OXT  sing N N 96  
GLU CB  CG   sing N N 97  
GLU CB  HB2  sing N N 98  
GLU CB  HB3  sing N N 99  
GLU CG  CD   sing N N 100 
GLU CG  HG2  sing N N 101 
GLU CG  HG3  sing N N 102 
GLU CD  OE1  doub N N 103 
GLU CD  OE2  sing N N 104 
GLU OE2 HE2  sing N N 105 
GLU OXT HXT  sing N N 106 
GLY N   CA   sing N N 107 
GLY N   H    sing N N 108 
GLY N   H2   sing N N 109 
GLY CA  C    sing N N 110 
GLY CA  HA2  sing N N 111 
GLY CA  HA3  sing N N 112 
GLY C   O    doub N N 113 
GLY C   OXT  sing N N 114 
GLY OXT HXT  sing N N 115 
HOH O   H1   sing N N 116 
HOH O   H2   sing N N 117 
ILE N   CA   sing N N 118 
ILE N   H    sing N N 119 
ILE N   H2   sing N N 120 
ILE CA  C    sing N N 121 
ILE CA  CB   sing N N 122 
ILE CA  HA   sing N N 123 
ILE C   O    doub N N 124 
ILE C   OXT  sing N N 125 
ILE CB  CG1  sing N N 126 
ILE CB  CG2  sing N N 127 
ILE CB  HB   sing N N 128 
ILE CG1 CD1  sing N N 129 
ILE CG1 HG12 sing N N 130 
ILE CG1 HG13 sing N N 131 
ILE CG2 HG21 sing N N 132 
ILE CG2 HG22 sing N N 133 
ILE CG2 HG23 sing N N 134 
ILE CD1 HD11 sing N N 135 
ILE CD1 HD12 sing N N 136 
ILE CD1 HD13 sing N N 137 
ILE OXT HXT  sing N N 138 
LEU N   CA   sing N N 139 
LEU N   H    sing N N 140 
LEU N   H2   sing N N 141 
LEU CA  C    sing N N 142 
LEU CA  CB   sing N N 143 
LEU CA  HA   sing N N 144 
LEU C   O    doub N N 145 
LEU C   OXT  sing N N 146 
LEU CB  CG   sing N N 147 
LEU CB  HB2  sing N N 148 
LEU CB  HB3  sing N N 149 
LEU CG  CD1  sing N N 150 
LEU CG  CD2  sing N N 151 
LEU CG  HG   sing N N 152 
LEU CD1 HD11 sing N N 153 
LEU CD1 HD12 sing N N 154 
LEU CD1 HD13 sing N N 155 
LEU CD2 HD21 sing N N 156 
LEU CD2 HD22 sing N N 157 
LEU CD2 HD23 sing N N 158 
LEU OXT HXT  sing N N 159 
LYS N   CA   sing N N 160 
LYS N   H    sing N N 161 
LYS N   H2   sing N N 162 
LYS CA  C    sing N N 163 
LYS CA  CB   sing N N 164 
LYS CA  HA   sing N N 165 
LYS C   O    doub N N 166 
LYS C   OXT  sing N N 167 
LYS CB  CG   sing N N 168 
LYS CB  HB2  sing N N 169 
LYS CB  HB3  sing N N 170 
LYS CG  CD   sing N N 171 
LYS CG  HG2  sing N N 172 
LYS CG  HG3  sing N N 173 
LYS CD  CE   sing N N 174 
LYS CD  HD2  sing N N 175 
LYS CD  HD3  sing N N 176 
LYS CE  NZ   sing N N 177 
LYS CE  HE2  sing N N 178 
LYS CE  HE3  sing N N 179 
LYS NZ  HZ1  sing N N 180 
LYS NZ  HZ2  sing N N 181 
LYS NZ  HZ3  sing N N 182 
LYS OXT HXT  sing N N 183 
MET N   CA   sing N N 184 
MET N   H    sing N N 185 
MET N   H2   sing N N 186 
MET CA  C    sing N N 187 
MET CA  CB   sing N N 188 
MET CA  HA   sing N N 189 
MET C   O    doub N N 190 
MET C   OXT  sing N N 191 
MET CB  CG   sing N N 192 
MET CB  HB2  sing N N 193 
MET CB  HB3  sing N N 194 
MET CG  SD   sing N N 195 
MET CG  HG2  sing N N 196 
MET CG  HG3  sing N N 197 
MET SD  CE   sing N N 198 
MET CE  HE1  sing N N 199 
MET CE  HE2  sing N N 200 
MET CE  HE3  sing N N 201 
MET OXT HXT  sing N N 202 
PHE N   CA   sing N N 203 
PHE N   H    sing N N 204 
PHE N   H2   sing N N 205 
PHE CA  C    sing N N 206 
PHE CA  CB   sing N N 207 
PHE CA  HA   sing N N 208 
PHE C   O    doub N N 209 
PHE C   OXT  sing N N 210 
PHE CB  CG   sing N N 211 
PHE CB  HB2  sing N N 212 
PHE CB  HB3  sing N N 213 
PHE CG  CD1  doub Y N 214 
PHE CG  CD2  sing Y N 215 
PHE CD1 CE1  sing Y N 216 
PHE CD1 HD1  sing N N 217 
PHE CD2 CE2  doub Y N 218 
PHE CD2 HD2  sing N N 219 
PHE CE1 CZ   doub Y N 220 
PHE CE1 HE1  sing N N 221 
PHE CE2 CZ   sing Y N 222 
PHE CE2 HE2  sing N N 223 
PHE CZ  HZ   sing N N 224 
PHE OXT HXT  sing N N 225 
SER N   CA   sing N N 226 
SER N   H    sing N N 227 
SER N   H2   sing N N 228 
SER CA  C    sing N N 229 
SER CA  CB   sing N N 230 
SER CA  HA   sing N N 231 
SER C   O    doub N N 232 
SER C   OXT  sing N N 233 
SER CB  OG   sing N N 234 
SER CB  HB2  sing N N 235 
SER CB  HB3  sing N N 236 
SER OG  HG   sing N N 237 
SER OXT HXT  sing N N 238 
THR N   CA   sing N N 239 
THR N   H    sing N N 240 
THR N   H2   sing N N 241 
THR CA  C    sing N N 242 
THR CA  CB   sing N N 243 
THR CA  HA   sing N N 244 
THR C   O    doub N N 245 
THR C   OXT  sing N N 246 
THR CB  OG1  sing N N 247 
THR CB  CG2  sing N N 248 
THR CB  HB   sing N N 249 
THR OG1 HG1  sing N N 250 
THR CG2 HG21 sing N N 251 
THR CG2 HG22 sing N N 252 
THR CG2 HG23 sing N N 253 
THR OXT HXT  sing N N 254 
TRP N   CA   sing N N 255 
TRP N   H    sing N N 256 
TRP N   H2   sing N N 257 
TRP CA  C    sing N N 258 
TRP CA  CB   sing N N 259 
TRP CA  HA   sing N N 260 
TRP C   O    doub N N 261 
TRP C   OXT  sing N N 262 
TRP CB  CG   sing N N 263 
TRP CB  HB2  sing N N 264 
TRP CB  HB3  sing N N 265 
TRP CG  CD1  doub Y N 266 
TRP CG  CD2  sing Y N 267 
TRP CD1 NE1  sing Y N 268 
TRP CD1 HD1  sing N N 269 
TRP CD2 CE2  doub Y N 270 
TRP CD2 CE3  sing Y N 271 
TRP NE1 CE2  sing Y N 272 
TRP NE1 HE1  sing N N 273 
TRP CE2 CZ2  sing Y N 274 
TRP CE3 CZ3  doub Y N 275 
TRP CE3 HE3  sing N N 276 
TRP CZ2 CH2  doub Y N 277 
TRP CZ2 HZ2  sing N N 278 
TRP CZ3 CH2  sing Y N 279 
TRP CZ3 HZ3  sing N N 280 
TRP CH2 HH2  sing N N 281 
TRP OXT HXT  sing N N 282 
TYR N   CA   sing N N 283 
TYR N   H    sing N N 284 
TYR N   H2   sing N N 285 
TYR CA  C    sing N N 286 
TYR CA  CB   sing N N 287 
TYR CA  HA   sing N N 288 
TYR C   O    doub N N 289 
TYR C   OXT  sing N N 290 
TYR CB  CG   sing N N 291 
TYR CB  HB2  sing N N 292 
TYR CB  HB3  sing N N 293 
TYR CG  CD1  doub Y N 294 
TYR CG  CD2  sing Y N 295 
TYR CD1 CE1  sing Y N 296 
TYR CD1 HD1  sing N N 297 
TYR CD2 CE2  doub Y N 298 
TYR CD2 HD2  sing N N 299 
TYR CE1 CZ   doub Y N 300 
TYR CE1 HE1  sing N N 301 
TYR CE2 CZ   sing Y N 302 
TYR CE2 HE2  sing N N 303 
TYR CZ  OH   sing N N 304 
TYR OH  HH   sing N N 305 
TYR OXT HXT  sing N N 306 
VAL N   CA   sing N N 307 
VAL N   H    sing N N 308 
VAL N   H2   sing N N 309 
VAL CA  C    sing N N 310 
VAL CA  CB   sing N N 311 
VAL CA  HA   sing N N 312 
VAL C   O    doub N N 313 
VAL C   OXT  sing N N 314 
VAL CB  CG1  sing N N 315 
VAL CB  CG2  sing N N 316 
VAL CB  HB   sing N N 317 
VAL CG1 HG11 sing N N 318 
VAL CG1 HG12 sing N N 319 
VAL CG1 HG13 sing N N 320 
VAL CG2 HG21 sing N N 321 
VAL CG2 HG22 sing N N 322 
VAL CG2 HG23 sing N N 323 
VAL OXT HXT  sing N N 324 
# 
_atom_sites.entry_id                    3EMI 
_atom_sites.fract_transf_matrix[1][1]   0.00790017 
_atom_sites.fract_transf_matrix[1][2]   -0.00205031 
_atom_sites.fract_transf_matrix[1][3]   0.01982271 
_atom_sites.fract_transf_matrix[2][1]   -0.00659010 
_atom_sites.fract_transf_matrix[2][2]   0.01316706 
_atom_sites.fract_transf_matrix[2][3]   0.01558025 
_atom_sites.fract_transf_matrix[3][1]   -0.00485236 
_atom_sites.fract_transf_matrix[3][2]   -0.00420256 
_atom_sites.fract_transf_matrix[3][3]   0.00149919 
_atom_sites.fract_transf_vector[1]      0.701912 
_atom_sites.fract_transf_vector[2]      0.229001 
_atom_sites.fract_transf_vector[3]      0.457600 
# 
loop_
_atom_type.symbol 
C 
N 
O 
S 
# 
loop_
_atom_site.group_PDB 
_atom_site.id 
_atom_site.type_symbol 
_atom_site.label_atom_id 
_atom_site.label_alt_id 
_atom_site.label_comp_id 
_atom_site.label_asym_id 
_atom_site.label_entity_id 
_atom_site.label_seq_id 
_atom_site.pdbx_PDB_ins_code 
_atom_site.Cartn_x 
_atom_site.Cartn_y 
_atom_site.Cartn_z 
_atom_site.occupancy 
_atom_site.B_iso_or_equiv 
_atom_site.pdbx_formal_charge 
_atom_site.auth_seq_id 
_atom_site.auth_comp_id 
_atom_site.auth_asym_id 
_atom_site.auth_atom_id 
_atom_site.pdbx_PDB_model_num 
ATOM   1    N N   . THR A 1 7   ? 25.470  26.136  -21.558 1.00 62.63 ? 313 THR A N   1 
ATOM   2    C CA  . THR A 1 7   ? 24.909  27.384  -21.052 1.00 62.12 ? 313 THR A CA  1 
ATOM   3    C C   . THR A 1 7   ? 24.644  27.324  -19.546 1.00 60.25 ? 313 THR A C   1 
ATOM   4    O O   . THR A 1 7   ? 25.391  27.899  -18.756 1.00 61.20 ? 313 THR A O   1 
ATOM   5    C CB  . THR A 1 7   ? 23.609  27.766  -21.794 1.00 62.94 ? 313 THR A CB  1 
ATOM   6    O OG1 . THR A 1 7   ? 22.857  28.693  -21.002 1.00 63.50 ? 313 THR A OG1 1 
ATOM   7    C CG2 . THR A 1 7   ? 22.757  26.533  -22.061 1.00 63.20 ? 313 THR A CG2 1 
ATOM   8    N N   . GLU A 1 8   ? 23.588  26.614  -19.160 1.00 57.02 ? 314 GLU A N   1 
ATOM   9    C CA  . GLU A 1 8   ? 23.162  26.535  -17.764 1.00 53.37 ? 314 GLU A CA  1 
ATOM   10   C C   . GLU A 1 8   ? 24.231  25.992  -16.820 1.00 48.61 ? 314 GLU A C   1 
ATOM   11   O O   . GLU A 1 8   ? 25.181  25.331  -17.242 1.00 48.77 ? 314 GLU A O   1 
ATOM   12   C CB  . GLU A 1 8   ? 21.912  25.661  -17.639 1.00 54.52 ? 314 GLU A CB  1 
ATOM   13   C CG  . GLU A 1 8   ? 20.679  26.223  -18.316 1.00 56.10 ? 314 GLU A CG  1 
ATOM   14   C CD  . GLU A 1 8   ? 19.430  25.425  -17.995 1.00 57.11 ? 314 GLU A CD  1 
ATOM   15   O OE1 . GLU A 1 8   ? 19.557  24.305  -17.451 1.00 56.78 ? 314 GLU A OE1 1 
ATOM   16   O OE2 . GLU A 1 8   ? 18.321  25.919  -18.286 1.00 57.93 ? 314 GLU A OE2 1 
ATOM   17   N N   . VAL A 1 9   ? 24.065  26.291  -15.536 1.00 43.42 ? 315 VAL A N   1 
ATOM   18   C CA  . VAL A 1 9   ? 24.822  25.629  -14.486 1.00 39.34 ? 315 VAL A CA  1 
ATOM   19   C C   . VAL A 1 9   ? 23.905  24.582  -13.874 1.00 39.59 ? 315 VAL A C   1 
ATOM   20   O O   . VAL A 1 9   ? 22.810  24.907  -13.419 1.00 39.70 ? 315 VAL A O   1 
ATOM   21   C CB  . VAL A 1 9   ? 25.263  26.613  -13.387 1.00 36.44 ? 315 VAL A CB  1 
ATOM   22   C CG1 . VAL A 1 9   ? 25.711  25.859  -12.140 1.00 36.65 ? 315 VAL A CG1 1 
ATOM   23   C CG2 . VAL A 1 9   ? 26.370  27.505  -13.895 1.00 36.06 ? 315 VAL A CG2 1 
ATOM   24   N N   . LYS A 1 10  ? 24.337  23.328  -13.886 1.00 39.50 ? 316 LYS A N   1 
ATOM   25   C CA  . LYS A 1 10  ? 23.536  22.256  -13.314 1.00 41.34 ? 316 LYS A CA  1 
ATOM   26   C C   . LYS A 1 10  ? 23.795  22.164  -11.820 1.00 42.21 ? 316 LYS A C   1 
ATOM   27   O O   . LYS A 1 10  ? 24.944  22.108  -11.382 1.00 42.85 ? 316 LYS A O   1 
ATOM   28   C CB  . LYS A 1 10  ? 23.850  20.937  -13.994 1.00 42.15 ? 316 LYS A CB  1 
ATOM   29   N N   . ILE A 1 11  ? 22.721  22.166  -11.043 1.00 42.74 ? 317 ILE A N   1 
ATOM   30   C CA  . ILE A 1 11  ? 22.825  22.079  -9.593  1.00 43.87 ? 317 ILE A CA  1 
ATOM   31   C C   . ILE A 1 11  ? 22.077  20.853  -9.087  1.00 44.63 ? 317 ILE A C   1 
ATOM   32   O O   . ILE A 1 11  ? 20.849  20.823  -9.089  1.00 45.22 ? 317 ILE A O   1 
ATOM   33   C CB  . ILE A 1 11  ? 22.271  23.345  -8.917  1.00 43.98 ? 317 ILE A CB  1 
ATOM   34   C CG1 . ILE A 1 11  ? 23.002  24.582  -9.445  1.00 43.43 ? 317 ILE A CG1 1 
ATOM   35   C CG2 . ILE A 1 11  ? 22.405  23.250  -7.406  1.00 44.56 ? 317 ILE A CG2 1 
ATOM   36   C CD1 . ILE A 1 11  ? 22.437  25.883  -8.940  1.00 42.91 ? 317 ILE A CD1 1 
ATOM   37   N N   . GLY A 1 12  ? 22.825  19.843  -8.656  1.00 44.10 ? 318 GLY A N   1 
ATOM   38   C CA  . GLY A 1 12  ? 22.238  18.591  -8.216  1.00 43.59 ? 318 GLY A CA  1 
ATOM   39   C C   . GLY A 1 12  ? 21.591  18.665  -6.846  1.00 42.37 ? 318 GLY A C   1 
ATOM   40   O O   . GLY A 1 12  ? 22.182  19.165  -5.886  1.00 42.94 ? 318 GLY A O   1 
ATOM   41   N N   . ALA A 1 13  ? 20.362  18.173  -6.761  1.00 39.27 ? 319 ALA A N   1 
ATOM   42   C CA  . ALA A 1 13  ? 19.667  18.073  -5.491  1.00 36.09 ? 319 ALA A CA  1 
ATOM   43   C C   . ALA A 1 13  ? 19.491  16.597  -5.185  1.00 32.93 ? 319 ALA A C   1 
ATOM   44   O O   . ALA A 1 13  ? 18.893  15.860  -5.966  1.00 32.82 ? 319 ALA A O   1 
ATOM   45   C CB  . ALA A 1 13  ? 18.317  18.774  -5.559  1.00 35.87 ? 319 ALA A CB  1 
ATOM   46   N N   . LYS A 1 14  ? 20.033  16.161  -4.058  1.00 29.26 ? 320 LYS A N   1 
ATOM   47   C CA  . LYS A 1 14  ? 19.976  14.750  -3.710  1.00 28.35 ? 320 LYS A CA  1 
ATOM   48   C C   . LYS A 1 14  ? 18.542  14.306  -3.454  1.00 25.13 ? 320 LYS A C   1 
ATOM   49   O O   . LYS A 1 14  ? 17.777  15.010  -2.791  1.00 22.93 ? 320 LYS A O   1 
ATOM   50   C CB  . LYS A 1 14  ? 20.839  14.469  -2.493  1.00 29.44 ? 320 LYS A CB  1 
ATOM   51   N N   . THR A 1 15  ? 18.185  13.142  -3.986  1.00 22.67 ? 321 THR A N   1 
ATOM   52   C CA  . THR A 1 15  ? 16.876  12.568  -3.727  1.00 20.83 ? 321 THR A CA  1 
ATOM   53   C C   . THR A 1 15  ? 16.988  11.473  -2.674  1.00 19.33 ? 321 THR A C   1 
ATOM   54   O O   . THR A 1 15  ? 18.072  10.933  -2.428  1.00 20.72 ? 321 THR A O   1 
ATOM   55   C CB  . THR A 1 15  ? 16.245  11.979  -5.007  1.00 23.11 ? 321 THR A CB  1 
ATOM   56   O OG1 . THR A 1 15  ? 17.108  10.968  -5.546  1.00 23.99 ? 321 THR A OG1 1 
ATOM   57   C CG2 . THR A 1 15  ? 16.027  13.064  -6.044  1.00 23.12 ? 321 THR A CG2 1 
ATOM   58   N N   . SER A 1 16  ? 15.863  11.166  -2.045  1.00 16.53 ? 322 SER A N   1 
ATOM   59   C CA  . SER A 1 16  ? 15.790  10.073  -1.095  1.00 15.82 ? 322 SER A CA  1 
ATOM   60   C C   . SER A 1 16  ? 14.828  9.044   -1.644  1.00 16.09 ? 322 SER A C   1 
ATOM   61   O O   . SER A 1 16  ? 13.920  9.381   -2.390  1.00 16.38 ? 322 SER A O   1 
ATOM   62   C CB  . SER A 1 16  ? 15.288  10.568  0.258   1.00 14.11 ? 322 SER A CB  1 
ATOM   63   O OG  . SER A 1 16  ? 16.342  11.096  1.036   1.00 14.26 ? 322 SER A OG  1 
ATOM   64   N N   . VAL A 1 17  ? 15.040  7.786   -1.283  1.00 14.91 ? 323 VAL A N   1 
ATOM   65   C CA  . VAL A 1 17  ? 14.171  6.708   -1.727  1.00 15.26 ? 323 VAL A CA  1 
ATOM   66   C C   . VAL A 1 17  ? 12.986  6.585   -0.781  1.00 13.87 ? 323 VAL A C   1 
ATOM   67   O O   . VAL A 1 17  ? 13.051  7.022   0.365   1.00 14.82 ? 323 VAL A O   1 
ATOM   68   C CB  . VAL A 1 17  ? 14.949  5.363   -1.784  1.00 16.01 ? 323 VAL A CB  1 
ATOM   69   C CG1 . VAL A 1 17  ? 15.341  4.915   -0.376  1.00 14.91 ? 323 VAL A CG1 1 
ATOM   70   C CG2 . VAL A 1 17  ? 14.140  4.281   -2.492  1.00 19.99 ? 323 VAL A CG2 1 
ATOM   71   N N   . MET A 1 18  ? 11.897  6.007   -1.270  1.00 11.07 ? 324 MET A N   1 
ATOM   72   C CA  . MET A 1 18  ? 10.757  5.683   -0.427  1.00 10.76 ? 324 MET A CA  1 
ATOM   73   C C   . MET A 1 18  ? 10.511  4.196   -0.584  1.00 11.42 ? 324 MET A C   1 
ATOM   74   O O   . MET A 1 18  ? 10.298  3.709   -1.704  1.00 12.09 ? 324 MET A O   1 
ATOM   75   C CB  . MET A 1 18  ? 9.524   6.504   -0.829  1.00 10.71 ? 324 MET A CB  1 
ATOM   76   C CG  . MET A 1 18  ? 9.643   7.999   -0.487  1.00 9.56  ? 324 MET A CG  1 
ATOM   77   S SD  . MET A 1 18  ? 8.219   9.007   -0.978  1.00 5.50  ? 324 MET A SD  1 
ATOM   78   C CE  . MET A 1 18  ? 8.368   8.927   -2.757  1.00 11.84 ? 324 MET A CE  1 
ATOM   79   N N   . LYS A 1 19  ? 10.595  3.470   0.527   1.00 10.70 ? 325 LYS A N   1 
ATOM   80   C CA  . LYS A 1 19  ? 10.410  2.024   0.508   1.00 11.73 ? 325 LYS A CA  1 
ATOM   81   C C   . LYS A 1 19  ? 8.984   1.700   0.911   1.00 11.99 ? 325 LYS A C   1 
ATOM   82   O O   . LYS A 1 19  ? 8.312   2.523   1.530   1.00 12.25 ? 325 LYS A O   1 
ATOM   83   C CB  . LYS A 1 19  ? 11.389  1.356   1.471   1.00 11.53 ? 325 LYS A CB  1 
ATOM   84   C CG  . LYS A 1 19  ? 12.847  1.548   1.095   1.00 10.42 ? 325 LYS A CG  1 
ATOM   85   C CD  . LYS A 1 19  ? 13.175  0.790   -0.187  1.00 11.85 ? 325 LYS A CD  1 
ATOM   86   C CE  . LYS A 1 19  ? 14.664  0.865   -0.510  1.00 12.51 ? 325 LYS A CE  1 
ATOM   87   N NZ  . LYS A 1 19  ? 15.002  0.135   -1.774  1.00 13.58 ? 325 LYS A NZ  1 
ATOM   88   N N   . GLU A 1 20  ? 8.526   0.502   0.552   1.00 13.30 ? 326 GLU A N   1 
ATOM   89   C CA  . GLU A 1 20  ? 7.200   0.040   0.936   1.00 12.31 ? 326 GLU A CA  1 
ATOM   90   C C   . GLU A 1 20  ? 7.265   -1.374  1.458   1.00 13.56 ? 326 GLU A C   1 
ATOM   91   O O   . GLU A 1 20  ? 8.017   -2.203  0.942   1.00 14.69 ? 326 GLU A O   1 
ATOM   92   C CB  . GLU A 1 20  ? 6.236   0.077   -0.253  1.00 13.97 ? 326 GLU A CB  1 
ATOM   93   C CG  . GLU A 1 20  ? 4.837   -0.471  0.074   1.00 13.26 ? 326 GLU A CG  1 
ATOM   94   C CD  . GLU A 1 20  ? 4.656   -1.945  -0.265  1.00 15.11 ? 326 GLU A CD  1 
ATOM   95   O OE1 . GLU A 1 20  ? 5.496   -2.510  -1.002  1.00 15.00 ? 326 GLU A OE1 1 
ATOM   96   O OE2 . GLU A 1 20  ? 3.641   -2.529  0.189   1.00 14.86 ? 326 GLU A OE2 1 
ATOM   97   N N   . LYS A 1 21  ? 6.473   -1.647  2.486   1.00 12.54 ? 327 LYS A N   1 
ATOM   98   C CA  . LYS A 1 21  ? 6.310   -3.011  2.955   1.00 14.57 ? 327 LYS A CA  1 
ATOM   99   C C   . LYS A 1 21  ? 4.917   -3.193  3.510   1.00 12.67 ? 327 LYS A C   1 
ATOM   100  O O   . LYS A 1 21  ? 4.519   -2.501  4.451   1.00 10.83 ? 327 LYS A O   1 
ATOM   101  C CB  . LYS A 1 21  ? 7.345   -3.363  4.019   1.00 17.12 ? 327 LYS A CB  1 
ATOM   102  C CG  . LYS A 1 21  ? 7.174   -4.759  4.574   1.00 22.22 ? 327 LYS A CG  1 
ATOM   103  C CD  . LYS A 1 21  ? 8.233   -5.082  5.617   1.00 25.80 ? 327 LYS A CD  1 
ATOM   104  C CE  . LYS A 1 21  ? 8.040   -6.480  6.177   1.00 29.78 ? 327 LYS A CE  1 
ATOM   105  N NZ  . LYS A 1 21  ? 6.713   -6.646  6.842   1.00 31.69 ? 327 LYS A NZ  1 
ATOM   106  N N   . ASP A 1 22  ? 4.173   -4.111  2.908   1.00 13.24 ? 328 ASP A N   1 
ATOM   107  C CA  . ASP A 1 22  ? 2.846   -4.455  3.398   1.00 14.10 ? 328 ASP A CA  1 
ATOM   108  C C   . ASP A 1 22  ? 1.907   -3.253  3.432   1.00 13.28 ? 328 ASP A C   1 
ATOM   109  O O   . ASP A 1 22  ? 1.098   -3.123  4.351   1.00 13.96 ? 328 ASP A O   1 
ATOM   110  C CB  . ASP A 1 22  ? 2.931   -5.077  4.790   1.00 17.42 ? 328 ASP A CB  1 
ATOM   111  C CG  . ASP A 1 22  ? 3.665   -6.401  4.795   1.00 20.74 ? 328 ASP A CG  1 
ATOM   112  O OD1 . ASP A 1 22  ? 3.910   -6.960  3.704   1.00 20.04 ? 328 ASP A OD1 1 
ATOM   113  O OD2 . ASP A 1 22  ? 3.982   -6.887  5.902   1.00 22.36 ? 328 ASP A OD2 1 
ATOM   114  N N   . GLY A 1 23  ? 2.025   -2.381  2.435   1.00 12.66 ? 329 GLY A N   1 
ATOM   115  C CA  . GLY A 1 23  ? 1.067   -1.306  2.243   1.00 13.97 ? 329 GLY A CA  1 
ATOM   116  C C   . GLY A 1 23  ? 1.463   0.008   2.893   1.00 13.40 ? 329 GLY A C   1 
ATOM   117  O O   . GLY A 1 23  ? 0.754   1.009   2.777   1.00 13.33 ? 329 GLY A O   1 
ATOM   118  N N   . LYS A 1 24  ? 2.599   -0.008  3.581   1.00 13.18 ? 330 LYS A N   1 
ATOM   119  C CA  . LYS A 1 24  ? 3.067   1.140   4.342   1.00 11.86 ? 330 LYS A CA  1 
ATOM   120  C C   . LYS A 1 24  ? 4.422   1.581   3.815   1.00 11.46 ? 330 LYS A C   1 
ATOM   121  O O   . LYS A 1 24  ? 5.211   0.760   3.341   1.00 11.86 ? 330 LYS A O   1 
ATOM   122  C CB  . LYS A 1 24  ? 3.175   0.761   5.825   1.00 12.39 ? 330 LYS A CB  1 
ATOM   123  C CG  . LYS A 1 24  ? 3.421   1.926   6.761   1.00 12.56 ? 330 LYS A CG  1 
ATOM   124  C CD  . LYS A 1 24  ? 3.336   1.460   8.212   1.00 12.99 ? 330 LYS A CD  1 
ATOM   125  C CE  . LYS A 1 24  ? 3.878   2.509   9.174   1.00 14.71 ? 330 LYS A CE  1 
ATOM   126  N NZ  . LYS A 1 24  ? 3.737   2.056   10.580  1.00 14.66 ? 330 LYS A NZ  1 
ATOM   127  N N   . LEU A 1 25  ? 4.686   2.883   3.898   1.00 10.30 ? 331 LEU A N   1 
ATOM   128  C CA  . LEU A 1 25  ? 5.946   3.458   3.423   1.00 11.35 ? 331 LEU A CA  1 
ATOM   129  C C   . LEU A 1 25  ? 6.985   3.611   4.534   1.00 12.27 ? 331 LEU A C   1 
ATOM   130  O O   . LEU A 1 25  ? 6.649   3.788   5.706   1.00 11.64 ? 331 LEU A O   1 
ATOM   131  C CB  . LEU A 1 25  ? 5.702   4.819   2.764   1.00 12.01 ? 331 LEU A CB  1 
ATOM   132  C CG  . LEU A 1 25  ? 4.781   4.848   1.535   1.00 11.58 ? 331 LEU A CG  1 
ATOM   133  C CD1 . LEU A 1 25  ? 4.828   6.216   0.861   1.00 12.59 ? 331 LEU A CD1 1 
ATOM   134  C CD2 . LEU A 1 25  ? 5.161   3.755   0.546   1.00 11.73 ? 331 LEU A CD2 1 
ATOM   135  N N   . PHE A 1 26  ? 8.256   3.562   4.140   1.00 12.26 ? 332 PHE A N   1 
ATOM   136  C CA  . PHE A 1 26  ? 9.377   3.623   5.068   1.00 11.69 ? 332 PHE A CA  1 
ATOM   137  C C   . PHE A 1 26  ? 10.569  4.308   4.408   1.00 12.12 ? 332 PHE A C   1 
ATOM   138  O O   . PHE A 1 26  ? 10.734  4.224   3.191   1.00 11.31 ? 332 PHE A O   1 
ATOM   139  C CB  . PHE A 1 26  ? 9.801   2.210   5.461   1.00 10.20 ? 332 PHE A CB  1 
ATOM   140  C CG  . PHE A 1 26  ? 8.734   1.438   6.186   1.00 10.49 ? 332 PHE A CG  1 
ATOM   141  C CD1 . PHE A 1 26  ? 8.627   1.516   7.560   1.00 11.50 ? 332 PHE A CD1 1 
ATOM   142  C CD2 . PHE A 1 26  ? 7.833   0.649   5.489   1.00 11.03 ? 332 PHE A CD2 1 
ATOM   143  C CE1 . PHE A 1 26  ? 7.636   0.812   8.238   1.00 12.09 ? 332 PHE A CE1 1 
ATOM   144  C CE2 . PHE A 1 26  ? 6.848   -0.061  6.156   1.00 11.34 ? 332 PHE A CE2 1 
ATOM   145  C CZ  . PHE A 1 26  ? 6.749   0.032   7.535   1.00 13.14 ? 332 PHE A CZ  1 
ATOM   146  N N   . THR A 1 27  ? 11.406  4.964   5.207   1.00 11.14 ? 333 THR A N   1 
ATOM   147  C CA  . THR A 1 27  ? 12.679  5.458   4.697   1.00 11.97 ? 333 THR A CA  1 
ATOM   148  C C   . THR A 1 27  ? 13.539  4.254   4.360   1.00 12.38 ? 333 THR A C   1 
ATOM   149  O O   . THR A 1 27  ? 13.235  3.141   4.778   1.00 11.52 ? 333 THR A O   1 
ATOM   150  C CB  . THR A 1 27  ? 13.430  6.288   5.742   1.00 12.32 ? 333 THR A CB  1 
ATOM   151  O OG1 . THR A 1 27  ? 13.612  5.501   6.925   1.00 12.00 ? 333 THR A OG1 1 
ATOM   152  C CG2 . THR A 1 27  ? 12.655  7.569   6.086   1.00 11.89 ? 333 THR A CG2 1 
ATOM   153  N N   . GLY A 1 28  ? 14.616  4.477   3.616   1.00 12.73 ? 334 GLY A N   1 
ATOM   154  C CA  . GLY A 1 28  ? 15.533  3.398   3.294   1.00 13.23 ? 334 GLY A CA  1 
ATOM   155  C C   . GLY A 1 28  ? 16.122  2.815   4.568   1.00 13.19 ? 334 GLY A C   1 
ATOM   156  O O   . GLY A 1 28  ? 16.251  1.592   4.716   1.00 13.56 ? 334 GLY A O   1 
ATOM   157  N N   . LYS A 1 29  ? 16.460  3.702   5.496   1.00 13.05 ? 335 LYS A N   1 
ATOM   158  C CA  . LYS A 1 29  ? 17.061  3.304   6.769   1.00 12.38 ? 335 LYS A CA  1 
ATOM   159  C C   . LYS A 1 29  ? 16.100  2.515   7.655   1.00 13.40 ? 335 LYS A C   1 
ATOM   160  O O   . LYS A 1 29  ? 16.481  1.521   8.274   1.00 14.70 ? 335 LYS A O   1 
ATOM   161  C CB  . LYS A 1 29  ? 17.571  4.534   7.517   1.00 13.91 ? 335 LYS A CB  1 
ATOM   162  C CG  . LYS A 1 29  ? 18.322  4.208   8.811   1.00 15.58 ? 335 LYS A CG  1 
ATOM   163  C CD  . LYS A 1 29  ? 18.783  5.481   9.513   1.00 17.69 ? 335 LYS A CD  1 
ATOM   164  C CE  . LYS A 1 29  ? 19.307  5.192   10.912  1.00 20.79 ? 335 LYS A CE  1 
ATOM   165  N NZ  . LYS A 1 29  ? 20.620  4.493   10.895  1.00 22.73 ? 335 LYS A NZ  1 
ATOM   166  N N   . ALA A 1 30  ? 14.853  2.968   7.732   1.00 14.34 ? 336 ALA A N   1 
ATOM   167  C CA  . ALA A 1 30  ? 13.847  2.260   8.512   1.00 13.58 ? 336 ALA A CA  1 
ATOM   168  C C   . ALA A 1 30  ? 13.546  0.886   7.907   1.00 13.02 ? 336 ALA A C   1 
ATOM   169  O O   . ALA A 1 30  ? 13.398  -0.100  8.629   1.00 14.08 ? 336 ALA A O   1 
ATOM   170  C CB  . ALA A 1 30  ? 12.581  3.084   8.606   1.00 13.56 ? 336 ALA A CB  1 
ATOM   171  N N   . ASN A 1 31  ? 13.452  0.818   6.583   1.00 11.29 ? 337 ASN A N   1 
ATOM   172  C CA  . ASN A 1 31  ? 13.148  -0.451  5.933   1.00 10.26 ? 337 ASN A CA  1 
ATOM   173  C C   . ASN A 1 31  ? 14.243  -1.474  6.241   1.00 12.18 ? 337 ASN A C   1 
ATOM   174  O O   . ASN A 1 31  ? 13.963  -2.649  6.481   1.00 12.86 ? 337 ASN A O   1 
ATOM   175  C CB  . ASN A 1 31  ? 12.979  -0.281  4.422   1.00 11.18 ? 337 ASN A CB  1 
ATOM   176  C CG  . ASN A 1 31  ? 12.054  -1.320  3.826   1.00 12.71 ? 337 ASN A CG  1 
ATOM   177  O OD1 . ASN A 1 31  ? 12.349  -1.928  2.790   1.00 15.04 ? 337 ASN A OD1 1 
ATOM   178  N ND2 . ASN A 1 31  ? 10.920  -1.534  4.484   1.00 10.69 ? 337 ASN A ND2 1 
ATOM   179  N N   . LYS A 1 32  ? 15.492  -1.015  6.242   1.00 11.89 ? 338 LYS A N   1 
ATOM   180  C CA  . LYS A 1 32  ? 16.615  -1.893  6.519   1.00 13.56 ? 338 LYS A CA  1 
ATOM   181  C C   . LYS A 1 32  ? 16.643  -2.269  7.992   1.00 15.03 ? 338 LYS A C   1 
ATOM   182  O O   . LYS A 1 32  ? 16.747  -3.443  8.340   1.00 15.97 ? 338 LYS A O   1 
ATOM   183  C CB  . LYS A 1 32  ? 17.929  -1.210  6.142   1.00 15.49 ? 338 LYS A CB  1 
ATOM   184  C CG  . LYS A 1 32  ? 19.177  -1.993  6.539   1.00 17.76 ? 338 LYS A CG  1 
ATOM   185  C CD  . LYS A 1 32  ? 19.192  -3.376  5.893   1.00 20.69 ? 338 LYS A CD  1 
ATOM   186  C CE  . LYS A 1 32  ? 20.587  -3.981  5.928   1.00 24.50 ? 338 LYS A CE  1 
ATOM   187  N NZ  . LYS A 1 32  ? 21.154  -4.032  7.306   1.00 27.75 ? 338 LYS A NZ  1 
ATOM   188  N N   . GLU A 1 33  ? 16.534  -1.264  8.855   1.00 15.18 ? 339 GLU A N   1 
ATOM   189  C CA  . GLU A 1 33  ? 16.782  -1.450  10.284  1.00 16.00 ? 339 GLU A CA  1 
ATOM   190  C C   . GLU A 1 33  ? 15.591  -1.943  11.089  1.00 17.19 ? 339 GLU A C   1 
ATOM   191  O O   . GLU A 1 33  ? 15.755  -2.714  12.034  1.00 18.00 ? 339 GLU A O   1 
ATOM   192  C CB  . GLU A 1 33  ? 17.347  -0.166  10.892  1.00 16.20 ? 339 GLU A CB  1 
ATOM   193  C CG  . GLU A 1 33  ? 18.678  0.205   10.267  1.00 17.56 ? 339 GLU A CG  1 
ATOM   194  C CD  . GLU A 1 33  ? 19.339  1.393   10.929  1.00 19.99 ? 339 GLU A CD  1 
ATOM   195  O OE1 . GLU A 1 33  ? 18.687  2.068   11.756  1.00 19.46 ? 339 GLU A OE1 1 
ATOM   196  O OE2 . GLU A 1 33  ? 20.517  1.650   10.611  1.00 21.12 ? 339 GLU A OE2 1 
ATOM   197  N N   . THR A 1 34  ? 14.394  -1.502  10.728  1.00 16.41 ? 340 THR A N   1 
ATOM   198  C CA  . THR A 1 34  ? 13.201  -1.987  11.414  1.00 16.77 ? 340 THR A CA  1 
ATOM   199  C C   . THR A 1 34  ? 12.598  -3.196  10.712  1.00 15.96 ? 340 THR A C   1 
ATOM   200  O O   . THR A 1 34  ? 12.240  -4.182  11.361  1.00 15.73 ? 340 THR A O   1 
ATOM   201  C CB  . THR A 1 34  ? 12.147  -0.879  11.587  1.00 20.40 ? 340 THR A CB  1 
ATOM   202  O OG1 . THR A 1 34  ? 12.660  0.111   12.485  1.00 24.04 ? 340 THR A OG1 1 
ATOM   203  C CG2 . THR A 1 34  ? 10.848  -1.445  12.163  1.00 20.89 ? 340 THR A CG2 1 
ATOM   204  N N   . ASN A 1 35  ? 12.497  -3.127  9.388   1.00 13.62 ? 341 ASN A N   1 
ATOM   205  C CA  . ASN A 1 35  ? 11.850  -4.190  8.627   1.00 14.58 ? 341 ASN A CA  1 
ATOM   206  C C   . ASN A 1 35  ? 12.805  -5.292  8.182   1.00 15.84 ? 341 ASN A C   1 
ATOM   207  O O   . ASN A 1 35  ? 12.370  -6.340  7.709   1.00 16.08 ? 341 ASN A O   1 
ATOM   208  C CB  . ASN A 1 35  ? 11.102  -3.616  7.423   1.00 14.05 ? 341 ASN A CB  1 
ATOM   209  C CG  . ASN A 1 35  ? 9.947   -2.726  7.828   1.00 14.26 ? 341 ASN A CG  1 
ATOM   210  O OD1 . ASN A 1 35  ? 9.369   -2.895  8.905   1.00 16.46 ? 341 ASN A OD1 1 
ATOM   211  N ND2 . ASN A 1 35  ? 9.600   -1.770  6.965   1.00 13.90 ? 341 ASN A ND2 1 
ATOM   212  N N   . LYS A 1 36  ? 14.102  -5.037  8.325   1.00 16.32 ? 342 LYS A N   1 
ATOM   213  C CA  . LYS A 1 36  ? 15.129  -6.017  7.983   1.00 17.11 ? 342 LYS A CA  1 
ATOM   214  C C   . LYS A 1 36  ? 15.097  -6.388  6.503   1.00 17.75 ? 342 LYS A C   1 
ATOM   215  O O   . LYS A 1 36  ? 15.375  -7.533  6.137   1.00 19.38 ? 342 LYS A O   1 
ATOM   216  C CB  . LYS A 1 36  ? 14.998  -7.270  8.856   1.00 19.02 ? 342 LYS A CB  1 
ATOM   217  C CG  . LYS A 1 36  ? 14.823  -6.978  10.345  1.00 21.36 ? 342 LYS A CG  1 
ATOM   218  C CD  . LYS A 1 36  ? 15.968  -6.179  10.928  1.00 23.24 ? 342 LYS A CD  1 
ATOM   219  C CE  . LYS A 1 36  ? 15.821  -6.068  12.445  1.00 26.05 ? 342 LYS A CE  1 
ATOM   220  N NZ  . LYS A 1 36  ? 16.986  -5.403  13.091  1.00 28.65 ? 342 LYS A NZ  1 
ATOM   221  N N   . VAL A 1 37  ? 14.753  -5.420  5.658   1.00 14.92 ? 343 VAL A N   1 
ATOM   222  C CA  . VAL A 1 37  ? 14.797  -5.620  4.220   1.00 14.24 ? 343 VAL A CA  1 
ATOM   223  C C   . VAL A 1 37  ? 16.003  -4.893  3.637   1.00 16.27 ? 343 VAL A C   1 
ATOM   224  O O   . VAL A 1 37  ? 16.149  -3.681  3.811   1.00 16.56 ? 343 VAL A O   1 
ATOM   225  C CB  . VAL A 1 37  ? 13.536  -5.092  3.528   1.00 13.93 ? 343 VAL A CB  1 
ATOM   226  C CG1 . VAL A 1 37  ? 13.618  -5.348  2.025   1.00 14.87 ? 343 VAL A CG1 1 
ATOM   227  C CG2 . VAL A 1 37  ? 12.297  -5.736  4.123   1.00 15.11 ? 343 VAL A CG2 1 
ATOM   228  N N   . ASP A 1 38  ? 16.870  -5.632  2.951   1.00 17.50 ? 344 ASP A N   1 
ATOM   229  C CA  . ASP A 1 38  ? 18.042  -5.034  2.317   1.00 21.12 ? 344 ASP A CA  1 
ATOM   230  C C   . ASP A 1 38  ? 17.649  -4.017  1.254   1.00 20.94 ? 344 ASP A C   1 
ATOM   231  O O   . ASP A 1 38  ? 16.796  -4.285  0.404   1.00 19.60 ? 344 ASP A O   1 
ATOM   232  C CB  . ASP A 1 38  ? 18.914  -6.113  1.672   1.00 25.23 ? 344 ASP A CB  1 
ATOM   233  C CG  . ASP A 1 38  ? 19.712  -6.906  2.687   1.00 30.18 ? 344 ASP A CG  1 
ATOM   234  O OD1 . ASP A 1 38  ? 19.603  -6.611  3.895   1.00 31.95 ? 344 ASP A OD1 1 
ATOM   235  O OD2 . ASP A 1 38  ? 20.458  -7.815  2.273   1.00 32.11 ? 344 ASP A OD2 1 
ATOM   236  N N   . GLY A 1 39  ? 18.282  -2.851  1.300   1.00 20.54 ? 345 GLY A N   1 
ATOM   237  C CA  . GLY A 1 39  ? 18.153  -1.881  0.233   1.00 20.22 ? 345 GLY A CA  1 
ATOM   238  C C   . GLY A 1 39  ? 19.040  -2.297  -0.927  1.00 20.69 ? 345 GLY A C   1 
ATOM   239  O O   . GLY A 1 39  ? 19.669  -3.353  -0.872  1.00 20.92 ? 345 GLY A O   1 
ATOM   240  N N   . ALA A 1 40  ? 19.091  -1.474  -1.973  1.00 19.70 ? 346 ALA A N   1 
ATOM   241  C CA  . ALA A 1 40  ? 19.904  -1.778  -3.147  1.00 21.16 ? 346 ALA A CA  1 
ATOM   242  C C   . ALA A 1 40  ? 21.389  -1.595  -2.861  1.00 22.69 ? 346 ALA A C   1 
ATOM   243  O O   . ALA A 1 40  ? 22.240  -2.134  -3.571  1.00 23.51 ? 346 ALA A O   1 
ATOM   244  C CB  . ALA A 1 40  ? 19.488  -0.904  -4.318  1.00 21.02 ? 346 ALA A CB  1 
ATOM   245  N N   . ASN A 1 41  ? 21.695  -0.816  -1.831  1.00 22.98 ? 347 ASN A N   1 
ATOM   246  C CA  . ASN A 1 41  ? 23.074  -0.483  -1.513  1.00 23.74 ? 347 ASN A CA  1 
ATOM   247  C C   . ASN A 1 41  ? 23.187  0.220   -0.166  1.00 23.14 ? 347 ASN A C   1 
ATOM   248  O O   . ASN A 1 41  ? 22.185  0.467   0.502   1.00 21.63 ? 347 ASN A O   1 
ATOM   249  C CB  . ASN A 1 41  ? 23.667  0.395   -2.612  1.00 25.09 ? 347 ASN A CB  1 
ATOM   250  C CG  . ASN A 1 41  ? 22.848  1.651   -2.859  1.00 26.69 ? 347 ASN A CG  1 
ATOM   251  O OD1 . ASN A 1 41  ? 22.458  2.348   -1.920  1.00 27.62 ? 347 ASN A OD1 1 
ATOM   252  N ND2 . ASN A 1 41  ? 22.586  1.947   -4.125  1.00 27.06 ? 347 ASN A ND2 1 
ATOM   253  N N   . ALA A 1 42  ? 24.413  0.549   0.220   1.00 22.76 ? 348 ALA A N   1 
ATOM   254  C CA  . ALA A 1 42  ? 24.665  1.181   1.510   1.00 22.95 ? 348 ALA A CA  1 
ATOM   255  C C   . ALA A 1 42  ? 24.027  2.565   1.624   1.00 22.04 ? 348 ALA A C   1 
ATOM   256  O O   . ALA A 1 42  ? 23.678  3.008   2.716   1.00 20.87 ? 348 ALA A O   1 
ATOM   257  C CB  . ALA A 1 42  ? 26.160  1.262   1.771   1.00 24.06 ? 348 ALA A CB  1 
ATOM   258  N N   . THR A 1 43  ? 23.875  3.253   0.497   1.00 21.18 ? 349 THR A N   1 
ATOM   259  C CA  . THR A 1 43  ? 23.270  4.580   0.521   1.00 21.42 ? 349 THR A CA  1 
ATOM   260  C C   . THR A 1 43  ? 21.797  4.485   0.899   1.00 18.99 ? 349 THR A C   1 
ATOM   261  O O   . THR A 1 43  ? 21.320  5.236   1.748   1.00 17.71 ? 349 THR A O   1 
ATOM   262  C CB  . THR A 1 43  ? 23.412  5.315   -0.822  1.00 24.43 ? 349 THR A CB  1 
ATOM   263  O OG1 . THR A 1 43  ? 24.801  5.477   -1.129  1.00 25.00 ? 349 THR A OG1 1 
ATOM   264  C CG2 . THR A 1 43  ? 22.754  6.686   -0.745  1.00 25.78 ? 349 THR A CG2 1 
ATOM   265  N N   . GLU A 1 44  ? 21.074  3.566   0.270   1.00 16.50 ? 350 GLU A N   1 
ATOM   266  C CA  . GLU A 1 44  ? 19.663  3.394   0.603   1.00 15.35 ? 350 GLU A CA  1 
ATOM   267  C C   . GLU A 1 44  ? 19.500  3.010   2.064   1.00 15.31 ? 350 GLU A C   1 
ATOM   268  O O   . GLU A 1 44  ? 18.612  3.513   2.750   1.00 14.67 ? 350 GLU A O   1 
ATOM   269  C CB  . GLU A 1 44  ? 19.015  2.333   -0.286  1.00 14.49 ? 350 GLU A CB  1 
ATOM   270  C CG  . GLU A 1 44  ? 18.947  2.713   -1.752  1.00 16.29 ? 350 GLU A CG  1 
ATOM   271  C CD  . GLU A 1 44  ? 17.995  1.845   -2.535  1.00 17.71 ? 350 GLU A CD  1 
ATOM   272  O OE1 . GLU A 1 44  ? 17.562  0.807   -1.996  1.00 17.06 ? 350 GLU A OE1 1 
ATOM   273  O OE2 . GLU A 1 44  ? 17.671  2.209   -3.685  1.00 18.90 ? 350 GLU A OE2 1 
ATOM   274  N N   . ASP A 1 45  ? 20.360  2.104   2.524   1.00 14.47 ? 351 ASP A N   1 
ATOM   275  C CA  . ASP A 1 45  ? 20.293  1.582   3.886   1.00 16.42 ? 351 ASP A CA  1 
ATOM   276  C C   . ASP A 1 45  ? 20.532  2.653   4.942   1.00 16.64 ? 351 ASP A C   1 
ATOM   277  O O   . ASP A 1 45  ? 20.143  2.485   6.098   1.00 15.72 ? 351 ASP A O   1 
ATOM   278  C CB  . ASP A 1 45  ? 21.299  0.437   4.071   1.00 18.13 ? 351 ASP A CB  1 
ATOM   279  C CG  . ASP A 1 45  ? 20.859  -0.846  3.383   1.00 20.76 ? 351 ASP A CG  1 
ATOM   280  O OD1 . ASP A 1 45  ? 19.701  -0.902  2.916   1.00 19.66 ? 351 ASP A OD1 1 
ATOM   281  O OD2 . ASP A 1 45  ? 21.676  -1.795  3.306   1.00 22.86 ? 351 ASP A OD2 1 
ATOM   282  N N   . ALA A 1 46  ? 21.177  3.747   4.546   1.00 16.85 ? 352 ALA A N   1 
ATOM   283  C CA  . ALA A 1 46  ? 21.450  4.848   5.468   1.00 17.75 ? 352 ALA A CA  1 
ATOM   284  C C   . ALA A 1 46  ? 20.516  6.037   5.232   1.00 16.90 ? 352 ALA A C   1 
ATOM   285  O O   . ALA A 1 46  ? 20.605  7.052   5.918   1.00 17.44 ? 352 ALA A O   1 
ATOM   286  C CB  . ALA A 1 46  ? 22.907  5.292   5.343   1.00 18.92 ? 352 ALA A CB  1 
ATOM   287  N N   . ASP A 1 47  ? 19.619  5.897   4.263   1.00 15.42 ? 353 ASP A N   1 
ATOM   288  C CA  . ASP A 1 47  ? 18.766  7.001   3.811   1.00 16.06 ? 353 ASP A CA  1 
ATOM   289  C C   . ASP A 1 47  ? 17.662  7.346   4.808   1.00 15.22 ? 353 ASP A C   1 
ATOM   290  O O   . ASP A 1 47  ? 16.738  6.555   5.012   1.00 14.61 ? 353 ASP A O   1 
ATOM   291  C CB  . ASP A 1 47  ? 18.140  6.634   2.465   1.00 16.07 ? 353 ASP A CB  1 
ATOM   292  C CG  . ASP A 1 47  ? 17.460  7.805   1.790   1.00 17.08 ? 353 ASP A CG  1 
ATOM   293  O OD1 . ASP A 1 47  ? 16.943  8.698   2.490   1.00 15.27 ? 353 ASP A OD1 1 
ATOM   294  O OD2 . ASP A 1 47  ? 17.432  7.825   0.542   1.00 18.14 ? 353 ASP A OD2 1 
ATOM   295  N N   . GLU A 1 48  ? 17.747  8.530   5.409   1.00 16.04 ? 354 GLU A N   1 
ATOM   296  C CA  . GLU A 1 48  ? 16.775  8.943   6.423   1.00 16.57 ? 354 GLU A CA  1 
ATOM   297  C C   . GLU A 1 48  ? 15.629  9.778   5.850   1.00 16.22 ? 354 GLU A C   1 
ATOM   298  O O   . GLU A 1 48  ? 14.798  10.307  6.596   1.00 14.95 ? 354 GLU A O   1 
ATOM   299  C CB  . GLU A 1 48  ? 17.468  9.685   7.571   1.00 20.59 ? 354 GLU A CB  1 
ATOM   300  C CG  . GLU A 1 48  ? 18.551  8.847   8.238   1.00 23.19 ? 354 GLU A CG  1 
ATOM   301  C CD  . GLU A 1 48  ? 19.036  9.423   9.550   1.00 28.61 ? 354 GLU A CD  1 
ATOM   302  O OE1 . GLU A 1 48  ? 18.836  10.631  9.790   1.00 29.77 ? 354 GLU A OE1 1 
ATOM   303  O OE2 . GLU A 1 48  ? 19.627  8.658   10.339  1.00 31.56 ? 354 GLU A OE2 1 
ATOM   304  N N   . GLY A 1 49  ? 15.588  9.888   4.524   1.00 15.34 ? 355 GLY A N   1 
ATOM   305  C CA  . GLY A 1 49  ? 14.490  10.549  3.843   1.00 14.94 ? 355 GLY A CA  1 
ATOM   306  C C   . GLY A 1 49  ? 14.570  12.064  3.819   1.00 14.41 ? 355 GLY A C   1 
ATOM   307  O O   . GLY A 1 49  ? 13.561  12.738  3.612   1.00 15.29 ? 355 GLY A O   1 
ATOM   308  N N   . LYS A 1 50  ? 15.769  12.605  4.010   1.00 13.83 ? 356 LYS A N   1 
ATOM   309  C CA  . LYS A 1 50  ? 15.950  14.055  4.006   1.00 15.82 ? 356 LYS A CA  1 
ATOM   310  C C   . LYS A 1 50  ? 15.975  14.610  2.589   1.00 15.73 ? 356 LYS A C   1 
ATOM   311  O O   . LYS A 1 50  ? 15.870  15.815  2.389   1.00 16.18 ? 356 LYS A O   1 
ATOM   312  C CB  . LYS A 1 50  ? 17.235  14.453  4.733   1.00 19.90 ? 356 LYS A CB  1 
ATOM   313  C CG  . LYS A 1 50  ? 17.213  14.207  6.231   1.00 25.38 ? 356 LYS A CG  1 
ATOM   314  C CD  . LYS A 1 50  ? 18.442  14.826  6.893   1.00 30.37 ? 356 LYS A CD  1 
ATOM   315  C CE  . LYS A 1 50  ? 18.506  14.482  8.377   1.00 34.11 ? 356 LYS A CE  1 
ATOM   316  N NZ  . LYS A 1 50  ? 18.719  13.022  8.588   1.00 36.23 ? 356 LYS A NZ  1 
ATOM   317  N N   . GLY A 1 51  ? 16.106  13.722  1.609   1.00 14.97 ? 357 GLY A N   1 
ATOM   318  C CA  . GLY A 1 51  ? 16.204  14.133  0.222   1.00 14.64 ? 357 GLY A CA  1 
ATOM   319  C C   . GLY A 1 51  ? 14.880  14.455  -0.452  1.00 15.21 ? 357 GLY A C   1 
ATOM   320  O O   . GLY A 1 51  ? 13.798  14.170  0.074   1.00 14.46 ? 357 GLY A O   1 
ATOM   321  N N   . LEU A 1 52  ? 14.975  15.056  -1.632  1.00 15.38 ? 358 LEU A N   1 
ATOM   322  C CA  . LEU A 1 52  ? 13.800  15.356  -2.434  1.00 14.90 ? 358 LEU A CA  1 
ATOM   323  C C   . LEU A 1 52  ? 13.286  14.097  -3.120  1.00 14.49 ? 358 LEU A C   1 
ATOM   324  O O   . LEU A 1 52  ? 13.951  13.062  -3.112  1.00 14.48 ? 358 LEU A O   1 
ATOM   325  C CB  . LEU A 1 52  ? 14.143  16.413  -3.479  1.00 16.51 ? 358 LEU A CB  1 
ATOM   326  C CG  . LEU A 1 52  ? 14.553  17.766  -2.901  1.00 19.11 ? 358 LEU A CG  1 
ATOM   327  C CD1 . LEU A 1 52  ? 15.027  18.670  -4.006  1.00 20.57 ? 358 LEU A CD1 1 
ATOM   328  C CD2 . LEU A 1 52  ? 13.392  18.389  -2.140  1.00 19.52 ? 358 LEU A CD2 1 
ATOM   329  N N   . VAL A 1 53  ? 12.102  14.191  -3.720  1.00 14.26 ? 359 VAL A N   1 
ATOM   330  C CA  . VAL A 1 53  ? 11.537  13.088  -4.486  1.00 12.61 ? 359 VAL A CA  1 
ATOM   331  C C   . VAL A 1 53  ? 10.981  13.635  -5.803  1.00 14.52 ? 359 VAL A C   1 
ATOM   332  O O   . VAL A 1 53  ? 10.729  14.833  -5.922  1.00 14.91 ? 359 VAL A O   1 
ATOM   333  C CB  . VAL A 1 53  ? 10.417  12.372  -3.696  1.00 12.43 ? 359 VAL A CB  1 
ATOM   334  C CG1 . VAL A 1 53  ? 10.936  11.900  -2.338  1.00 13.44 ? 359 VAL A CG1 1 
ATOM   335  C CG2 . VAL A 1 53  ? 9.219   13.294  -3.509  1.00 13.87 ? 359 VAL A CG2 1 
ATOM   336  N N   . THR A 1 54  ? 10.808  12.763  -6.796  1.00 13.16 ? 360 THR A N   1 
ATOM   337  C CA  . THR A 1 54  ? 10.204  13.169  -8.061  1.00 12.22 ? 360 THR A CA  1 
ATOM   338  C C   . THR A 1 54  ? 8.724   12.809  -8.082  1.00 11.51 ? 360 THR A C   1 
ATOM   339  O O   . THR A 1 54  ? 8.250   12.041  -7.244  1.00 9.95  ? 360 THR A O   1 
ATOM   340  C CB  . THR A 1 54  ? 10.867  12.478  -9.275  1.00 13.84 ? 360 THR A CB  1 
ATOM   341  O OG1 . THR A 1 54  ? 10.630  11.065  -9.214  1.00 11.89 ? 360 THR A OG1 1 
ATOM   342  C CG2 . THR A 1 54  ? 12.368  12.735  -9.296  1.00 15.65 ? 360 THR A CG2 1 
ATOM   343  N N   . ALA A 1 55  ? 7.994   13.352  -9.055  1.00 11.64 ? 361 ALA A N   1 
ATOM   344  C CA  . ALA A 1 55  ? 6.598   12.963  -9.259  1.00 12.26 ? 361 ALA A CA  1 
ATOM   345  C C   . ALA A 1 55  ? 6.478   11.448  -9.426  1.00 11.32 ? 361 ALA A C   1 
ATOM   346  O O   . ALA A 1 55  ? 5.625   10.805  -8.795  1.00 10.46 ? 361 ALA A O   1 
ATOM   347  C CB  . ALA A 1 55  ? 6.030   13.664  -10.472 1.00 12.88 ? 361 ALA A CB  1 
ATOM   348  N N   . LYS A 1 56  ? 7.311   10.870  -10.291 1.00 11.00 ? 362 LYS A N   1 
ATOM   349  C CA  . LYS A 1 56  ? 7.248   9.425   -10.504 1.00 11.41 ? 362 LYS A CA  1 
ATOM   350  C C   . LYS A 1 56  ? 7.502   8.656   -9.203  1.00 12.44 ? 362 LYS A C   1 
ATOM   351  O O   . LYS A 1 56  ? 6.856   7.629   -8.936  1.00 13.16 ? 362 LYS A O   1 
ATOM   352  C CB  . LYS A 1 56  ? 8.232   8.977   -11.584 1.00 14.24 ? 362 LYS A CB  1 
ATOM   353  C CG  . LYS A 1 56  ? 8.392   7.461   -11.670 1.00 15.68 ? 362 LYS A CG  1 
ATOM   354  C CD  . LYS A 1 56  ? 9.457   7.080   -12.671 1.00 19.69 ? 362 LYS A CD  1 
ATOM   355  C CE  . LYS A 1 56  ? 9.822   5.607   -12.559 1.00 22.36 ? 362 LYS A CE  1 
ATOM   356  N NZ  . LYS A 1 56  ? 8.610   4.735   -12.486 1.00 22.59 ? 362 LYS A NZ  1 
ATOM   357  N N   . ASP A 1 57  ? 8.448   9.141   -8.400  1.00 10.59 ? 363 ASP A N   1 
ATOM   358  C CA  . ASP A 1 57  ? 8.726   8.498   -7.118  1.00 10.96 ? 363 ASP A CA  1 
ATOM   359  C C   . ASP A 1 57  ? 7.449   8.444   -6.279  1.00 11.56 ? 363 ASP A C   1 
ATOM   360  O O   . ASP A 1 57  ? 7.103   7.408   -5.711  1.00 12.02 ? 363 ASP A O   1 
ATOM   361  C CB  . ASP A 1 57  ? 9.788   9.263   -6.331  1.00 12.46 ? 363 ASP A CB  1 
ATOM   362  C CG  . ASP A 1 57  ? 11.172  9.181   -6.955  1.00 14.61 ? 363 ASP A CG  1 
ATOM   363  O OD1 . ASP A 1 57  ? 11.408  8.293   -7.806  1.00 14.37 ? 363 ASP A OD1 1 
ATOM   364  O OD2 . ASP A 1 57  ? 12.025  10.014  -6.577  1.00 15.39 ? 363 ASP A OD2 1 
ATOM   365  N N   . VAL A 1 58  ? 6.765   9.580   -6.181  1.00 11.55 ? 364 VAL A N   1 
ATOM   366  C CA  . VAL A 1 58  ? 5.567   9.679   -5.350  1.00 11.76 ? 364 VAL A CA  1 
ATOM   367  C C   . VAL A 1 58  ? 4.442   8.825   -5.921  1.00 11.33 ? 364 VAL A C   1 
ATOM   368  O O   . VAL A 1 58  ? 3.769   8.086   -5.193  1.00 11.93 ? 364 VAL A O   1 
ATOM   369  C CB  . VAL A 1 58  ? 5.097   11.134  -5.220  1.00 12.57 ? 364 VAL A CB  1 
ATOM   370  C CG1 . VAL A 1 58  ? 3.774   11.208  -4.465  1.00 13.31 ? 364 VAL A CG1 1 
ATOM   371  C CG2 . VAL A 1 58  ? 6.165   11.964  -4.517  1.00 13.03 ? 364 VAL A CG2 1 
ATOM   372  N N   . ILE A 1 59  ? 4.236   8.936   -7.229  1.00 11.20 ? 365 ILE A N   1 
ATOM   373  C CA  . ILE A 1 59  ? 3.241   8.124   -7.921  1.00 10.25 ? 365 ILE A CA  1 
ATOM   374  C C   . ILE A 1 59  ? 3.444   6.643   -7.616  1.00 11.69 ? 365 ILE A C   1 
ATOM   375  O O   . ILE A 1 59  ? 2.504   5.923   -7.235  1.00 11.58 ? 365 ILE A O   1 
ATOM   376  C CB  . ILE A 1 59  ? 3.335   8.342   -9.444  1.00 9.60  ? 365 ILE A CB  1 
ATOM   377  C CG1 . ILE A 1 59  ? 2.809   9.733   -9.835  1.00 10.42 ? 365 ILE A CG1 1 
ATOM   378  C CG2 . ILE A 1 59  ? 2.583   7.249   -10.197 1.00 11.54 ? 365 ILE A CG2 1 
ATOM   379  C CD1 . ILE A 1 59  ? 3.340   10.236  -11.161 1.00 10.87 ? 365 ILE A CD1 1 
ATOM   380  N N   . ASP A 1 60  ? 4.677   6.180   -7.793  1.00 11.50 ? 366 ASP A N   1 
ATOM   381  C CA  . ASP A 1 60  ? 4.974   4.764   -7.589  1.00 12.74 ? 366 ASP A CA  1 
ATOM   382  C C   . ASP A 1 60  ? 4.810   4.347   -6.134  1.00 12.80 ? 366 ASP A C   1 
ATOM   383  O O   . ASP A 1 60  ? 4.242   3.292   -5.841  1.00 12.85 ? 366 ASP A O   1 
ATOM   384  C CB  . ASP A 1 60  ? 6.391   4.438   -8.059  1.00 13.98 ? 366 ASP A CB  1 
ATOM   385  C CG  . ASP A 1 60  ? 6.530   4.476   -9.570  1.00 16.03 ? 366 ASP A CG  1 
ATOM   386  O OD1 . ASP A 1 60  ? 5.499   4.570   -10.278 1.00 15.94 ? 366 ASP A OD1 1 
ATOM   387  O OD2 . ASP A 1 60  ? 7.679   4.408   -10.051 1.00 16.94 ? 366 ASP A OD2 1 
ATOM   388  N N   . ALA A 1 61  ? 5.319   5.164   -5.217  1.00 12.69 ? 367 ALA A N   1 
ATOM   389  C CA  . ALA A 1 61  ? 5.240   4.819   -3.801  1.00 13.22 ? 367 ALA A CA  1 
ATOM   390  C C   . ALA A 1 61  ? 3.794   4.811   -3.327  1.00 13.19 ? 367 ALA A C   1 
ATOM   391  O O   . ALA A 1 61  ? 3.362   3.890   -2.638  1.00 13.19 ? 367 ALA A O   1 
ATOM   392  C CB  . ALA A 1 61  ? 6.072   5.778   -2.956  1.00 14.14 ? 367 ALA A CB  1 
ATOM   393  N N   . VAL A 1 62  ? 3.044   5.842   -3.697  1.00 12.14 ? 368 VAL A N   1 
ATOM   394  C CA  . VAL A 1 62  ? 1.652   5.941   -3.267  1.00 12.80 ? 368 VAL A CA  1 
ATOM   395  C C   . VAL A 1 62  ? 0.822   4.784   -3.813  1.00 13.23 ? 368 VAL A C   1 
ATOM   396  O O   . VAL A 1 62  ? -0.045  4.242   -3.118  1.00 13.29 ? 368 VAL A O   1 
ATOM   397  C CB  . VAL A 1 62  ? 1.025   7.277   -3.685  1.00 13.18 ? 368 VAL A CB  1 
ATOM   398  C CG1 . VAL A 1 62  ? -0.482  7.245   -3.474  1.00 13.52 ? 368 VAL A CG1 1 
ATOM   399  C CG2 . VAL A 1 62  ? 1.643   8.408   -2.870  1.00 13.06 ? 368 VAL A CG2 1 
ATOM   400  N N   . ASN A 1 63  ? 1.082   4.399   -5.056  1.00 12.82 ? 369 ASN A N   1 
ATOM   401  C CA  . ASN A 1 63  ? 0.343   3.285   -5.648  1.00 12.74 ? 369 ASN A CA  1 
ATOM   402  C C   . ASN A 1 63  ? 0.554   1.964   -4.911  1.00 14.23 ? 369 ASN A C   1 
ATOM   403  O O   . ASN A 1 63  ? -0.291  1.070   -4.970  1.00 15.97 ? 369 ASN A O   1 
ATOM   404  C CB  . ASN A 1 63  ? 0.693   3.137   -7.126  1.00 11.94 ? 369 ASN A CB  1 
ATOM   405  C CG  . ASN A 1 63  ? -0.001  4.169   -7.987  1.00 10.87 ? 369 ASN A CG  1 
ATOM   406  O OD1 . ASN A 1 63  ? -0.904  4.870   -7.523  1.00 11.79 ? 369 ASN A OD1 1 
ATOM   407  N ND2 . ASN A 1 63  ? 0.409   4.269   -9.246  1.00 9.45  ? 369 ASN A ND2 1 
ATOM   408  N N   . LYS A 1 64  ? 1.680   1.839   -4.221  1.00 12.64 ? 370 LYS A N   1 
ATOM   409  C CA  . LYS A 1 64  ? 1.975   0.617   -3.480  1.00 14.78 ? 370 LYS A CA  1 
ATOM   410  C C   . LYS A 1 64  ? 1.243   0.560   -2.145  1.00 15.00 ? 370 LYS A C   1 
ATOM   411  O O   . LYS A 1 64  ? 1.084   -0.515  -1.574  1.00 15.23 ? 370 LYS A O   1 
ATOM   412  C CB  . LYS A 1 64  ? 3.473   0.500   -3.217  1.00 15.66 ? 370 LYS A CB  1 
ATOM   413  C CG  . LYS A 1 64  ? 4.304   0.153   -4.435  1.00 21.12 ? 370 LYS A CG  1 
ATOM   414  C CD  . LYS A 1 64  ? 5.787   0.243   -4.106  1.00 25.16 ? 370 LYS A CD  1 
ATOM   415  C CE  . LYS A 1 64  ? 6.581   0.696   -5.319  1.00 28.24 ? 370 LYS A CE  1 
ATOM   416  N NZ  . LYS A 1 64  ? 8.036   0.867   -5.021  1.00 31.01 ? 370 LYS A NZ  1 
ATOM   417  N N   . THR A 1 65  ? 0.818   1.709   -1.632  1.00 13.95 ? 371 THR A N   1 
ATOM   418  C CA  . THR A 1 65  ? 0.254   1.751   -0.286  1.00 13.53 ? 371 THR A CA  1 
ATOM   419  C C   . THR A 1 65  ? -1.203  1.317   -0.272  1.00 14.61 ? 371 THR A C   1 
ATOM   420  O O   . THR A 1 65  ? -1.906  1.386   -1.283  1.00 13.28 ? 371 THR A O   1 
ATOM   421  C CB  . THR A 1 65  ? 0.334   3.150   0.333   1.00 12.90 ? 371 THR A CB  1 
ATOM   422  O OG1 . THR A 1 65  ? -0.578  4.021   -0.347  1.00 13.46 ? 371 THR A OG1 1 
ATOM   423  C CG2 . THR A 1 65  ? 1.761   3.706   0.243   1.00 12.25 ? 371 THR A CG2 1 
ATOM   424  N N   . GLY A 1 66  ? -1.659  0.887   0.894   1.00 15.11 ? 372 GLY A N   1 
ATOM   425  C CA  . GLY A 1 66  ? -3.041  0.496   1.047   1.00 15.29 ? 372 GLY A CA  1 
ATOM   426  C C   . GLY A 1 66  ? -3.264  -0.218  2.355   1.00 13.50 ? 372 GLY A C   1 
ATOM   427  O O   . GLY A 1 66  ? -2.351  -0.355  3.173   1.00 13.91 ? 372 GLY A O   1 
ATOM   428  N N   . TRP A 1 67  ? -4.487  -0.675  2.568   1.00 11.08 ? 373 TRP A N   1 
ATOM   429  C CA  . TRP A 1 67  ? -4.764  -1.405  3.790   1.00 11.57 ? 373 TRP A CA  1 
ATOM   430  C C   . TRP A 1 67  ? -4.500  -2.880  3.536   1.00 11.79 ? 373 TRP A C   1 
ATOM   431  O O   . TRP A 1 67  ? -4.235  -3.281  2.400   1.00 12.37 ? 373 TRP A O   1 
ATOM   432  C CB  . TRP A 1 67  ? -6.185  -1.134  4.286   1.00 9.80  ? 373 TRP A CB  1 
ATOM   433  C CG  . TRP A 1 67  ? -7.247  -1.256  3.239   1.00 8.89  ? 373 TRP A CG  1 
ATOM   434  C CD1 . TRP A 1 67  ? -7.428  -0.450  2.143   1.00 8.82  ? 373 TRP A CD1 1 
ATOM   435  C CD2 . TRP A 1 67  ? -8.298  -2.225  3.208   1.00 9.70  ? 373 TRP A CD2 1 
ATOM   436  N NE1 . TRP A 1 67  ? -8.524  -0.881  1.424   1.00 10.01 ? 373 TRP A NE1 1 
ATOM   437  C CE2 . TRP A 1 67  ? -9.071  -1.962  2.057   1.00 10.61 ? 373 TRP A CE2 1 
ATOM   438  C CE3 . TRP A 1 67  ? -8.656  -3.295  4.035   1.00 11.20 ? 373 TRP A CE3 1 
ATOM   439  C CZ2 . TRP A 1 67  ? -10.190 -2.730  1.724   1.00 10.50 ? 373 TRP A CZ2 1 
ATOM   440  C CZ3 . TRP A 1 67  ? -9.761  -4.056  3.697   1.00 10.28 ? 373 TRP A CZ3 1 
ATOM   441  C CH2 . TRP A 1 67  ? -10.516 -3.767  2.551   1.00 10.06 ? 373 TRP A CH2 1 
ATOM   442  N N   . ARG A 1 68  ? -4.538  -3.680  4.593   1.00 9.46  ? 374 ARG A N   1 
ATOM   443  C CA  . ARG A 1 68  ? -4.193  -5.090  4.476   1.00 10.05 ? 374 ARG A CA  1 
ATOM   444  C C   . ARG A 1 68  ? -5.437  -5.896  4.796   1.00 10.77 ? 374 ARG A C   1 
ATOM   445  O O   . ARG A 1 68  ? -6.067  -5.669  5.822   1.00 12.63 ? 374 ARG A O   1 
ATOM   446  C CB  . ARG A 1 68  ? -3.048  -5.445  5.435   1.00 9.68  ? 374 ARG A CB  1 
ATOM   447  C CG  . ARG A 1 68  ? -1.724  -4.784  5.063   1.00 10.97 ? 374 ARG A CG  1 
ATOM   448  C CD  . ARG A 1 68  ? -1.028  -5.565  3.949   1.00 12.38 ? 374 ARG A CD  1 
ATOM   449  N NE  . ARG A 1 68  ? -0.379  -6.765  4.463   1.00 13.15 ? 374 ARG A NE  1 
ATOM   450  C CZ  . ARG A 1 68  ? 0.283   -7.639  3.714   1.00 14.59 ? 374 ARG A CZ  1 
ATOM   451  N NH1 . ARG A 1 68  ? 0.384   -7.457  2.402   1.00 15.19 ? 374 ARG A NH1 1 
ATOM   452  N NH2 . ARG A 1 68  ? 0.841   -8.702  4.276   1.00 14.28 ? 374 ARG A NH2 1 
ATOM   453  N N   . ILE A 1 69  ? -5.820  -6.800  3.901   1.00 8.47  ? 375 ILE A N   1 
ATOM   454  C CA  . ILE A 1 69  ? -7.025  -7.593  4.139   1.00 8.99  ? 375 ILE A CA  1 
ATOM   455  C C   . ILE A 1 69  ? -6.678  -9.063  4.347   1.00 10.64 ? 375 ILE A C   1 
ATOM   456  O O   . ILE A 1 69  ? -5.880  -9.638  3.606   1.00 12.53 ? 375 ILE A O   1 
ATOM   457  C CB  . ILE A 1 69  ? -8.087  -7.406  3.025   1.00 9.26  ? 375 ILE A CB  1 
ATOM   458  C CG1 . ILE A 1 69  ? -9.444  -7.979  3.469   1.00 9.25  ? 375 ILE A CG1 1 
ATOM   459  C CG2 . ILE A 1 69  ? -7.621  -8.024  1.701   1.00 9.66  ? 375 ILE A CG2 1 
ATOM   460  C CD1 . ILE A 1 69  ? -10.551 -7.722  2.479   1.00 10.63 ? 375 ILE A CD1 1 
ATOM   461  N N   . LYS A 1 70  ? -7.259  -9.663  5.376   1.00 10.36 ? 376 LYS A N   1 
ATOM   462  C CA  . LYS A 1 70  ? -6.995  -11.068 5.654   1.00 12.20 ? 376 LYS A CA  1 
ATOM   463  C C   . LYS A 1 70  ? -7.724  -11.925 4.624   1.00 12.22 ? 376 LYS A C   1 
ATOM   464  O O   . LYS A 1 70  ? -8.940  -11.841 4.488   1.00 12.42 ? 376 LYS A O   1 
ATOM   465  C CB  . LYS A 1 70  ? -7.458  -11.427 7.062   1.00 14.05 ? 376 LYS A CB  1 
ATOM   466  C CG  . LYS A 1 70  ? -7.559  -12.911 7.305   1.00 19.38 ? 376 LYS A CG  1 
ATOM   467  C CD  . LYS A 1 70  ? -6.197  -13.512 7.513   1.00 25.03 ? 376 LYS A CD  1 
ATOM   468  C CE  . LYS A 1 70  ? -5.483  -12.805 8.643   1.00 30.21 ? 376 LYS A CE  1 
ATOM   469  N NZ  . LYS A 1 70  ? -4.435  -13.675 9.216   1.00 33.64 ? 376 LYS A NZ  1 
ATOM   470  N N   . THR A 1 71  ? -6.981  -12.735 3.878   1.00 11.56 ? 377 THR A N   1 
ATOM   471  C CA  . THR A 1 71  ? -7.625  -13.614 2.918   1.00 11.95 ? 377 THR A CA  1 
ATOM   472  C C   . THR A 1 71  ? -7.832  -14.991 3.527   1.00 12.63 ? 377 THR A C   1 
ATOM   473  O O   . THR A 1 71  ? -7.230  -15.334 4.549   1.00 12.98 ? 377 THR A O   1 
ATOM   474  C CB  . THR A 1 71  ? -6.814  -13.753 1.604   1.00 13.46 ? 377 THR A CB  1 
ATOM   475  O OG1 . THR A 1 71  ? -5.628  -14.523 1.835   1.00 13.51 ? 377 THR A OG1 1 
ATOM   476  C CG2 . THR A 1 71  ? -6.425  -12.376 1.043   1.00 15.58 ? 377 THR A CG2 1 
ATOM   477  N N   . THR A 1 72  ? -8.696  -15.772 2.894   1.00 12.27 ? 378 THR A N   1 
ATOM   478  C CA  . THR A 1 72  ? -8.904  -17.148 3.298   1.00 13.60 ? 378 THR A CA  1 
ATOM   479  C C   . THR A 1 72  ? -8.458  -18.064 2.155   1.00 13.01 ? 378 THR A C   1 
ATOM   480  O O   . THR A 1 72  ? -8.497  -17.672 0.979   1.00 12.84 ? 378 THR A O   1 
ATOM   481  C CB  . THR A 1 72  ? -10.373 -17.390 3.672   1.00 13.44 ? 378 THR A CB  1 
ATOM   482  O OG1 . THR A 1 72  ? -11.213 -16.962 2.596   1.00 13.51 ? 378 THR A OG1 1 
ATOM   483  C CG2 . THR A 1 72  ? -10.731 -16.575 4.922   1.00 12.78 ? 378 THR A CG2 1 
ATOM   484  N N   . ASP A 1 73  ? -8.017  -19.272 2.511   1.00 13.72 ? 379 ASP A N   1 
ATOM   485  C CA  . ASP A 1 73  ? -7.403  -20.196 1.557   1.00 14.99 ? 379 ASP A CA  1 
ATOM   486  C C   . ASP A 1 73  ? -8.417  -21.120 0.875   1.00 14.74 ? 379 ASP A C   1 
ATOM   487  O O   . ASP A 1 73  ? -9.625  -20.910 0.980   1.00 15.26 ? 379 ASP A O   1 
ATOM   488  C CB  . ASP A 1 73  ? -6.277  -21.003 2.234   1.00 16.09 ? 379 ASP A CB  1 
ATOM   489  C CG  . ASP A 1 73  ? -6.791  -21.994 3.269   1.00 17.36 ? 379 ASP A CG  1 
ATOM   490  O OD1 . ASP A 1 73  ? -7.996  -22.340 3.237   1.00 16.91 ? 379 ASP A OD1 1 
ATOM   491  O OD2 . ASP A 1 73  ? -5.972  -22.442 4.110   1.00 16.35 ? 379 ASP A OD2 1 
ATOM   492  N N   . ALA A 1 74  ? -7.924  -22.143 0.182   1.00 15.12 ? 380 ALA A N   1 
ATOM   493  C CA  . ALA A 1 74  ? -8.786  -22.979 -0.654  1.00 17.23 ? 380 ALA A CA  1 
ATOM   494  C C   . ALA A 1 74  ? -9.786  -23.765 0.186   1.00 18.50 ? 380 ALA A C   1 
ATOM   495  O O   . ALA A 1 74  ? -10.788 -24.266 -0.331  1.00 19.30 ? 380 ALA A O   1 
ATOM   496  C CB  . ALA A 1 74  ? -7.954  -23.928 -1.513  1.00 18.08 ? 380 ALA A CB  1 
ATOM   497  N N   . ASN A 1 75  ? -9.505  -23.869 1.480   1.00 16.44 ? 381 ASN A N   1 
ATOM   498  C CA  . ASN A 1 75  ? -10.362 -24.601 2.400   1.00 17.56 ? 381 ASN A CA  1 
ATOM   499  C C   . ASN A 1 75  ? -11.169 -23.659 3.289   1.00 17.71 ? 381 ASN A C   1 
ATOM   500  O O   . ASN A 1 75  ? -11.820 -24.095 4.241   1.00 18.83 ? 381 ASN A O   1 
ATOM   501  C CB  . ASN A 1 75  ? -9.515  -25.537 3.252   1.00 17.50 ? 381 ASN A CB  1 
ATOM   502  C CG  . ASN A 1 75  ? -8.654  -26.456 2.409   1.00 18.04 ? 381 ASN A CG  1 
ATOM   503  O OD1 . ASN A 1 75  ? -7.453  -26.591 2.639   1.00 20.19 ? 381 ASN A OD1 1 
ATOM   504  N ND2 . ASN A 1 75  ? -9.260  -27.063 1.402   1.00 15.90 ? 381 ASN A ND2 1 
ATOM   505  N N   . GLY A 1 76  ? -11.113 -22.367 2.974   1.00 16.74 ? 382 GLY A N   1 
ATOM   506  C CA  . GLY A 1 76  ? -11.852 -21.361 3.721   1.00 17.81 ? 382 GLY A CA  1 
ATOM   507  C C   . GLY A 1 76  ? -11.194 -20.974 5.035   1.00 19.03 ? 382 GLY A C   1 
ATOM   508  O O   . GLY A 1 76  ? -11.760 -20.235 5.836   1.00 18.63 ? 382 GLY A O   1 
ATOM   509  N N   . GLN A 1 77  ? -9.986  -21.476 5.264   1.00 18.85 ? 383 GLN A N   1 
ATOM   510  C CA  . GLN A 1 77  ? -9.280  -21.174 6.500   1.00 21.19 ? 383 GLN A CA  1 
ATOM   511  C C   . GLN A 1 77  ? -8.447  -19.908 6.340   1.00 19.86 ? 383 GLN A C   1 
ATOM   512  O O   . GLN A 1 77  ? -8.145  -19.495 5.224   1.00 18.40 ? 383 GLN A O   1 
ATOM   513  C CB  . GLN A 1 77  ? -8.402  -22.355 6.917   1.00 26.83 ? 383 GLN A CB  1 
ATOM   514  C CG  . GLN A 1 77  ? -9.182  -23.650 7.195   1.00 32.86 ? 383 GLN A CG  1 
ATOM   515  C CD  . GLN A 1 77  ? -10.019 -23.600 8.470   1.00 39.66 ? 383 GLN A CD  1 
ATOM   516  O OE1 . GLN A 1 77  ? -10.850 -24.470 8.707   1.00 42.96 ? 383 GLN A OE1 1 
ATOM   517  N NE2 . GLN A 1 77  ? -9.798  -22.585 9.295   1.00 41.83 ? 383 GLN A NE2 1 
ATOM   518  N N   . ASN A 1 78  ? -8.085  -19.286 7.456   1.00 20.54 ? 384 ASN A N   1 
ATOM   519  C CA  . ASN A 1 78  ? -7.302  -18.058 7.409   1.00 21.40 ? 384 ASN A CA  1 
ATOM   520  C C   . ASN A 1 78  ? -5.993  -18.232 6.659   1.00 20.77 ? 384 ASN A C   1 
ATOM   521  O O   . ASN A 1 78  ? -5.244  -19.183 6.913   1.00 21.34 ? 384 ASN A O   1 
ATOM   522  C CB  . ASN A 1 78  ? -7.034  -17.538 8.820   1.00 23.63 ? 384 ASN A CB  1 
ATOM   523  C CG  . ASN A 1 78  ? -8.300  -17.094 9.515   1.00 26.43 ? 384 ASN A CG  1 
ATOM   524  O OD1 . ASN A 1 78  ? -9.305  -16.805 8.866   1.00 27.19 ? 384 ASN A OD1 1 
ATOM   525  N ND2 . ASN A 1 78  ? -8.265  -17.044 10.839  1.00 28.00 ? 384 ASN A ND2 1 
ATOM   526  N N   . GLY A 1 79  ? -5.731  -17.309 5.738   1.00 19.65 ? 385 GLY A N   1 
ATOM   527  C CA  . GLY A 1 79  ? -4.505  -17.313 4.961   1.00 20.03 ? 385 GLY A CA  1 
ATOM   528  C C   . GLY A 1 79  ? -3.730  -16.031 5.201   1.00 19.06 ? 385 GLY A C   1 
ATOM   529  O O   . GLY A 1 79  ? -3.832  -15.432 6.268   1.00 18.87 ? 385 GLY A O   1 
ATOM   530  N N   . ASP A 1 80  ? -2.958  -15.599 4.214   1.00 17.79 ? 386 ASP A N   1 
ATOM   531  C CA  . ASP A 1 80  ? -2.138  -14.401 4.374   1.00 19.89 ? 386 ASP A CA  1 
ATOM   532  C C   . ASP A 1 80  ? -2.956  -13.134 4.183   1.00 17.95 ? 386 ASP A C   1 
ATOM   533  O O   . ASP A 1 80  ? -4.048  -13.162 3.612   1.00 16.83 ? 386 ASP A O   1 
ATOM   534  C CB  . ASP A 1 80  ? -1.002  -14.390 3.356   1.00 25.71 ? 386 ASP A CB  1 
ATOM   535  C CG  . ASP A 1 80  ? -0.055  -15.549 3.523   1.00 31.60 ? 386 ASP A CG  1 
ATOM   536  O OD1 . ASP A 1 80  ? -0.005  -16.127 4.629   1.00 33.51 ? 386 ASP A OD1 1 
ATOM   537  O OD2 . ASP A 1 80  ? 0.647   -15.869 2.540   1.00 34.29 ? 386 ASP A OD2 1 
ATOM   538  N N   . PHE A 1 81  ? -2.416  -12.016 4.656   1.00 16.33 ? 387 PHE A N   1 
ATOM   539  C CA  . PHE A 1 81  ? -2.980  -10.724 4.305   1.00 15.62 ? 387 PHE A CA  1 
ATOM   540  C C   . PHE A 1 81  ? -2.594  -10.392 2.868   1.00 16.05 ? 387 PHE A C   1 
ATOM   541  O O   . PHE A 1 81  ? -1.604  -10.912 2.334   1.00 16.85 ? 387 PHE A O   1 
ATOM   542  C CB  . PHE A 1 81  ? -2.471  -9.632  5.244   1.00 16.88 ? 387 PHE A CB  1 
ATOM   543  C CG  . PHE A 1 81  ? -3.151  -9.619  6.577   1.00 17.39 ? 387 PHE A CG  1 
ATOM   544  C CD1 . PHE A 1 81  ? -4.302  -8.878  6.768   1.00 17.72 ? 387 PHE A CD1 1 
ATOM   545  C CD2 . PHE A 1 81  ? -2.641  -10.348 7.644   1.00 20.45 ? 387 PHE A CD2 1 
ATOM   546  C CE1 . PHE A 1 81  ? -4.934  -8.856  7.996   1.00 18.87 ? 387 PHE A CE1 1 
ATOM   547  C CE2 . PHE A 1 81  ? -3.268  -10.332 8.875   1.00 20.37 ? 387 PHE A CE2 1 
ATOM   548  C CZ  . PHE A 1 81  ? -4.419  -9.583  9.049   1.00 20.32 ? 387 PHE A CZ  1 
ATOM   549  N N   . ALA A 1 82  ? -3.393  -9.543  2.240   1.00 14.06 ? 388 ALA A N   1 
ATOM   550  C CA  . ALA A 1 82  ? -3.069  -9.008  0.930   1.00 13.60 ? 388 ALA A CA  1 
ATOM   551  C C   . ALA A 1 82  ? -3.217  -7.501  1.001   1.00 12.23 ? 388 ALA A C   1 
ATOM   552  O O   . ALA A 1 82  ? -4.069  -6.983  1.725   1.00 11.58 ? 388 ALA A O   1 
ATOM   553  C CB  . ALA A 1 82  ? -3.985  -9.594  -0.128  1.00 13.91 ? 388 ALA A CB  1 
ATOM   554  N N   . THR A 1 83  ? -2.377  -6.789  0.269   1.00 9.96  ? 389 THR A N   1 
ATOM   555  C CA  . THR A 1 83  ? -2.467  -5.341  0.265   1.00 10.87 ? 389 THR A CA  1 
ATOM   556  C C   . THR A 1 83  ? -3.538  -4.891  -0.714  1.00 10.89 ? 389 THR A C   1 
ATOM   557  O O   . THR A 1 83  ? -3.513  -5.250  -1.902  1.00 12.02 ? 389 THR A O   1 
ATOM   558  C CB  . THR A 1 83  ? -1.122  -4.684  -0.094  1.00 10.45 ? 389 THR A CB  1 
ATOM   559  O OG1 . THR A 1 83  ? -0.128  -5.098  0.847   1.00 10.09 ? 389 THR A OG1 1 
ATOM   560  C CG2 . THR A 1 83  ? -1.239  -3.167  -0.061  1.00 10.45 ? 389 THR A CG2 1 
ATOM   561  N N   . VAL A 1 84  ? -4.492  -4.127  -0.198  1.00 8.66  ? 390 VAL A N   1 
ATOM   562  C CA  . VAL A 1 84  ? -5.516  -3.511  -1.028  1.00 10.24 ? 390 VAL A CA  1 
ATOM   563  C C   . VAL A 1 84  ? -4.971  -2.158  -1.438  1.00 11.86 ? 390 VAL A C   1 
ATOM   564  O O   . VAL A 1 84  ? -5.228  -1.137  -0.799  1.00 12.70 ? 390 VAL A O   1 
ATOM   565  C CB  . VAL A 1 84  ? -6.834  -3.356  -0.264  1.00 9.18  ? 390 VAL A CB  1 
ATOM   566  C CG1 . VAL A 1 84  ? -7.911  -2.801  -1.174  1.00 9.71  ? 390 VAL A CG1 1 
ATOM   567  C CG2 . VAL A 1 84  ? -7.254  -4.712  0.290   1.00 11.45 ? 390 VAL A CG2 1 
ATOM   568  N N   . ALA A 1 85  ? -4.172  -2.177  -2.497  1.00 12.78 ? 391 ALA A N   1 
ATOM   569  C CA  . ALA A 1 85  ? -3.433  -1.005  -2.938  1.00 13.09 ? 391 ALA A CA  1 
ATOM   570  C C   . ALA A 1 85  ? -4.313  -0.032  -3.723  1.00 14.09 ? 391 ALA A C   1 
ATOM   571  O O   . ALA A 1 85  ? -5.426  -0.369  -4.122  1.00 16.52 ? 391 ALA A O   1 
ATOM   572  C CB  . ALA A 1 85  ? -2.250  -1.441  -3.780  1.00 14.11 ? 391 ALA A CB  1 
ATOM   573  N N   . SER A 1 86  ? -3.800  1.176   -3.942  1.00 13.23 ? 392 SER A N   1 
ATOM   574  C CA  . SER A 1 86  ? -4.517  2.191   -4.705  1.00 15.09 ? 392 SER A CA  1 
ATOM   575  C C   . SER A 1 86  ? -5.034  1.608   -6.015  1.00 14.73 ? 392 SER A C   1 
ATOM   576  O O   . SER A 1 86  ? -4.267  1.040   -6.792  1.00 15.87 ? 392 SER A O   1 
ATOM   577  C CB  . SER A 1 86  ? -3.598  3.383   -4.986  1.00 16.24 ? 392 SER A CB  1 
ATOM   578  O OG  . SER A 1 86  ? -2.967  3.816   -3.792  1.00 18.43 ? 392 SER A OG  1 
ATOM   579  N N   . GLY A 1 87  ? -6.339  1.726   -6.249  1.00 12.56 ? 393 GLY A N   1 
ATOM   580  C CA  . GLY A 1 87  ? -6.934  1.238   -7.477  1.00 11.55 ? 393 GLY A CA  1 
ATOM   581  C C   . GLY A 1 87  ? -7.416  -0.205  -7.432  1.00 11.00 ? 393 GLY A C   1 
ATOM   582  O O   . GLY A 1 87  ? -8.038  -0.677  -8.387  1.00 10.76 ? 393 GLY A O   1 
ATOM   583  N N   . THR A 1 88  ? -7.122  -0.907  -6.341  1.00 10.17 ? 394 THR A N   1 
ATOM   584  C CA  . THR A 1 88  ? -7.504  -2.319  -6.207  1.00 11.15 ? 394 THR A CA  1 
ATOM   585  C C   . THR A 1 88  ? -9.016  -2.434  -6.074  1.00 11.27 ? 394 THR A C   1 
ATOM   586  O O   . THR A 1 88  ? -9.630  -1.720  -5.279  1.00 11.43 ? 394 THR A O   1 
ATOM   587  C CB  . THR A 1 88  ? -6.848  -3.006  -4.980  1.00 11.55 ? 394 THR A CB  1 
ATOM   588  O OG1 . THR A 1 88  ? -5.424  -3.030  -5.125  1.00 10.36 ? 394 THR A OG1 1 
ATOM   589  C CG2 . THR A 1 88  ? -7.332  -4.447  -4.852  1.00 12.46 ? 394 THR A CG2 1 
ATOM   590  N N   . ASN A 1 89  ? -9.610  -3.327  -6.862  1.00 11.54 ? 395 ASN A N   1 
ATOM   591  C CA  . ASN A 1 89  ? -11.052 -3.557  -6.841  1.00 11.68 ? 395 ASN A CA  1 
ATOM   592  C C   . ASN A 1 89  ? -11.446 -4.462  -5.688  1.00 12.01 ? 395 ASN A C   1 
ATOM   593  O O   . ASN A 1 89  ? -10.791 -5.471  -5.435  1.00 11.25 ? 395 ASN A O   1 
ATOM   594  C CB  . ASN A 1 89  ? -11.504 -4.198  -8.158  1.00 13.23 ? 395 ASN A CB  1 
ATOM   595  C CG  . ASN A 1 89  ? -11.596 -3.204  -9.290  1.00 13.96 ? 395 ASN A CG  1 
ATOM   596  O OD1 . ASN A 1 89  ? -11.358 -2.012  -9.105  1.00 15.19 ? 395 ASN A OD1 1 
ATOM   597  N ND2 . ASN A 1 89  ? -11.947 -3.690  -10.479 1.00 16.87 ? 395 ASN A ND2 1 
ATOM   598  N N   . VAL A 1 90  ? -12.519 -4.097  -4.995  1.00 10.85 ? 396 VAL A N   1 
ATOM   599  C CA  . VAL A 1 90  ? -13.032 -4.893  -3.895  1.00 10.40 ? 396 VAL A CA  1 
ATOM   600  C C   . VAL A 1 90  ? -14.529 -5.074  -4.094  1.00 10.10 ? 396 VAL A C   1 
ATOM   601  O O   . VAL A 1 90  ? -15.253 -4.103  -4.314  1.00 10.36 ? 396 VAL A O   1 
ATOM   602  C CB  . VAL A 1 90  ? -12.752 -4.230  -2.538  1.00 10.57 ? 396 VAL A CB  1 
ATOM   603  C CG1 . VAL A 1 90  ? -13.330 -5.071  -1.399  1.00 12.52 ? 396 VAL A CG1 1 
ATOM   604  C CG2 . VAL A 1 90  ? -11.246 -4.023  -2.348  1.00 10.75 ? 396 VAL A CG2 1 
ATOM   605  N N   . THR A 1 91  ? -14.972 -6.325  -4.039  1.00 11.50 ? 397 THR A N   1 
ATOM   606  C CA  . THR A 1 91  ? -16.373 -6.660  -4.236  1.00 10.92 ? 397 THR A CA  1 
ATOM   607  C C   . THR A 1 91  ? -16.914 -7.348  -2.995  1.00 10.86 ? 397 THR A C   1 
ATOM   608  O O   . THR A 1 91  ? -16.287 -8.268  -2.461  1.00 10.22 ? 397 THR A O   1 
ATOM   609  C CB  . THR A 1 91  ? -16.533 -7.607  -5.446  1.00 11.71 ? 397 THR A CB  1 
ATOM   610  O OG1 . THR A 1 91  ? -16.063 -6.958  -6.630  1.00 10.66 ? 397 THR A OG1 1 
ATOM   611  C CG2 . THR A 1 91  ? -17.988 -8.029  -5.647  1.00 12.56 ? 397 THR A CG2 1 
ATOM   612  N N   . PHE A 1 92  ? -18.060 -6.879  -2.514  1.00 10.02 ? 398 PHE A N   1 
ATOM   613  C CA  . PHE A 1 92  ? -18.752 -7.575  -1.438  1.00 10.21 ? 398 PHE A CA  1 
ATOM   614  C C   . PHE A 1 92  ? -19.872 -8.411  -2.050  1.00 10.46 ? 398 PHE A C   1 
ATOM   615  O O   . PHE A 1 92  ? -20.925 -7.894  -2.403  1.00 10.84 ? 398 PHE A O   1 
ATOM   616  C CB  . PHE A 1 92  ? -19.238 -6.584  -0.380  1.00 10.91 ? 398 PHE A CB  1 
ATOM   617  C CG  . PHE A 1 92  ? -18.117 -5.960  0.387   1.00 11.45 ? 398 PHE A CG  1 
ATOM   618  C CD1 . PHE A 1 92  ? -17.668 -6.533  1.567   1.00 11.46 ? 398 PHE A CD1 1 
ATOM   619  C CD2 . PHE A 1 92  ? -17.458 -4.844  -0.109  1.00 11.41 ? 398 PHE A CD2 1 
ATOM   620  C CE1 . PHE A 1 92  ? -16.602 -5.982  2.254   1.00 11.91 ? 398 PHE A CE1 1 
ATOM   621  C CE2 . PHE A 1 92  ? -16.391 -4.290  0.581   1.00 11.32 ? 398 PHE A CE2 1 
ATOM   622  C CZ  . PHE A 1 92  ? -15.965 -4.861  1.762   1.00 11.27 ? 398 PHE A CZ  1 
ATOM   623  N N   . ALA A 1 93  ? -19.608 -9.705  -2.209  1.00 10.60 ? 399 ALA A N   1 
ATOM   624  C CA  . ALA A 1 93  ? -20.487 -10.584 -2.967  1.00 11.10 ? 399 ALA A CA  1 
ATOM   625  C C   . ALA A 1 93  ? -21.584 -11.133 -2.084  1.00 12.64 ? 399 ALA A C   1 
ATOM   626  O O   . ALA A 1 93  ? -21.357 -11.416 -0.913  1.00 12.62 ? 399 ALA A O   1 
ATOM   627  C CB  . ALA A 1 93  ? -19.684 -11.737 -3.584  1.00 12.52 ? 399 ALA A CB  1 
ATOM   628  N N   . SER A 1 94  ? -22.772 -11.299 -2.651  1.00 11.25 ? 400 SER A N   1 
ATOM   629  C CA  . SER A 1 94  ? -23.843 -11.996 -1.958  1.00 12.24 ? 400 SER A CA  1 
ATOM   630  C C   . SER A 1 94  ? -23.428 -13.454 -1.814  1.00 13.53 ? 400 SER A C   1 
ATOM   631  O O   . SER A 1 94  ? -22.665 -13.971 -2.634  1.00 14.86 ? 400 SER A O   1 
ATOM   632  C CB  . SER A 1 94  ? -25.144 -11.894 -2.750  1.00 12.39 ? 400 SER A CB  1 
ATOM   633  O OG  . SER A 1 94  ? -25.520 -10.534 -2.938  1.00 12.44 ? 400 SER A OG  1 
ATOM   634  N N   . GLY A 1 95  ? -23.923 -14.118 -0.774  1.00 13.38 ? 401 GLY A N   1 
ATOM   635  C CA  . GLY A 1 95  ? -23.553 -15.497 -0.535  1.00 14.65 ? 401 GLY A CA  1 
ATOM   636  C C   . GLY A 1 95  ? -24.746 -16.410 -0.336  1.00 15.86 ? 401 GLY A C   1 
ATOM   637  O O   . GLY A 1 95  ? -25.893 -16.034 -0.599  1.00 14.61 ? 401 GLY A O   1 
ATOM   638  N N   . ASN A 1 96  ? -24.468 -17.622 0.127   1.00 17.20 ? 402 ASN A N   1 
ATOM   639  C CA  . ASN A 1 96  ? -25.528 -18.573 0.407   1.00 21.20 ? 402 ASN A CA  1 
ATOM   640  C C   . ASN A 1 96  ? -26.511 -18.006 1.422   1.00 19.21 ? 402 ASN A C   1 
ATOM   641  O O   . ASN A 1 96  ? -26.177 -17.828 2.587   1.00 19.62 ? 402 ASN A O   1 
ATOM   642  C CB  . ASN A 1 96  ? -24.936 -19.895 0.900   1.00 27.05 ? 402 ASN A CB  1 
ATOM   643  C CG  . ASN A 1 96  ? -24.219 -20.653 -0.203  1.00 34.17 ? 402 ASN A CG  1 
ATOM   644  O OD1 . ASN A 1 96  ? -24.516 -20.471 -1.389  1.00 36.67 ? 402 ASN A OD1 1 
ATOM   645  N ND2 . ASN A 1 96  ? -23.269 -21.502 0.178   1.00 35.49 ? 402 ASN A ND2 1 
ATOM   646  N N   . GLY A 1 97  ? -27.718 -17.695 0.964   1.00 15.46 ? 403 GLY A N   1 
ATOM   647  C CA  . GLY A 1 97  ? -28.755 -17.206 1.854   1.00 15.14 ? 403 GLY A CA  1 
ATOM   648  C C   . GLY A 1 97  ? -28.507 -15.799 2.366   1.00 14.06 ? 403 GLY A C   1 
ATOM   649  O O   . GLY A 1 97  ? -29.043 -15.404 3.402   1.00 15.09 ? 403 GLY A O   1 
ATOM   650  N N   . THR A 1 98  ? -27.688 -15.035 1.648   1.00 14.40 ? 404 THR A N   1 
ATOM   651  C CA  . THR A 1 98  ? -27.486 -13.632 1.999   1.00 15.02 ? 404 THR A CA  1 
ATOM   652  C C   . THR A 1 98  ? -27.514 -12.758 0.752   1.00 15.28 ? 404 THR A C   1 
ATOM   653  O O   . THR A 1 98  ? -27.313 -13.234 -0.367  1.00 16.75 ? 404 THR A O   1 
ATOM   654  C CB  . THR A 1 98  ? -26.140 -13.385 2.706   1.00 14.54 ? 404 THR A CB  1 
ATOM   655  O OG1 . THR A 1 98  ? -25.073 -13.573 1.768   1.00 13.48 ? 404 THR A OG1 1 
ATOM   656  C CG2 . THR A 1 98  ? -25.970 -14.329 3.908   1.00 13.50 ? 404 THR A CG2 1 
ATOM   657  N N   . THR A 1 99  ? -27.753 -11.471 0.954   1.00 12.96 ? 405 THR A N   1 
ATOM   658  C CA  . THR A 1 99  ? -27.757 -10.527 -0.144  1.00 14.09 ? 405 THR A CA  1 
ATOM   659  C C   . THR A 1 99  ? -26.919 -9.319  0.231   1.00 13.26 ? 405 THR A C   1 
ATOM   660  O O   . THR A 1 99  ? -27.160 -8.690  1.263   1.00 13.94 ? 405 THR A O   1 
ATOM   661  C CB  . THR A 1 99  ? -29.178 -10.074 -0.471  1.00 16.28 ? 405 THR A CB  1 
ATOM   662  O OG1 . THR A 1 99  ? -29.971 -11.221 -0.813  1.00 17.05 ? 405 THR A OG1 1 
ATOM   663  C CG2 . THR A 1 99  ? -29.174 -9.095  -1.635  1.00 18.58 ? 405 THR A CG2 1 
ATOM   664  N N   . ALA A 1 100 ? -25.931 -9.008  -0.601  1.00 11.59 ? 406 ALA A N   1 
ATOM   665  C CA  . ALA A 1 100 ? -25.078 -7.847  -0.372  1.00 11.66 ? 406 ALA A CA  1 
ATOM   666  C C   . ALA A 1 100 ? -25.545 -6.659  -1.198  1.00 12.08 ? 406 ALA A C   1 
ATOM   667  O O   . ALA A 1 100 ? -25.894 -6.798  -2.373  1.00 11.59 ? 406 ALA A O   1 
ATOM   668  C CB  . ALA A 1 100 ? -23.628 -8.174  -0.703  1.00 12.82 ? 406 ALA A CB  1 
ATOM   669  N N   . THR A 1 101 ? -25.543 -5.491  -0.569  1.00 13.05 ? 407 THR A N   1 
ATOM   670  C CA  . THR A 1 101 ? -25.764 -4.246  -1.276  1.00 12.67 ? 407 THR A CA  1 
ATOM   671  C C   . THR A 1 101 ? -24.680 -3.272  -0.857  1.00 13.61 ? 407 THR A C   1 
ATOM   672  O O   . THR A 1 101 ? -24.232 -3.278  0.297   1.00 13.24 ? 407 THR A O   1 
ATOM   673  C CB  . THR A 1 101 ? -27.152 -3.655  -0.979  1.00 15.08 ? 407 THR A CB  1 
ATOM   674  O OG1 . THR A 1 101 ? -27.308 -3.469  0.433   1.00 14.70 ? 407 THR A OG1 1 
ATOM   675  C CG2 . THR A 1 101 ? -28.223 -4.595  -1.470  1.00 16.97 ? 407 THR A CG2 1 
ATOM   676  N N   . VAL A 1 102 ? -24.232 -2.460  -1.802  1.00 12.05 ? 408 VAL A N   1 
ATOM   677  C CA  . VAL A 1 102 ? -23.230 -1.445  -1.514  1.00 11.44 ? 408 VAL A CA  1 
ATOM   678  C C   . VAL A 1 102 ? -23.711 -0.139  -2.113  1.00 11.11 ? 408 VAL A C   1 
ATOM   679  O O   . VAL A 1 102 ? -23.856 -0.027  -3.324  1.00 10.66 ? 408 VAL A O   1 
ATOM   680  C CB  . VAL A 1 102 ? -21.856 -1.798  -2.115  1.00 11.23 ? 408 VAL A CB  1 
ATOM   681  C CG1 . VAL A 1 102 ? -20.864 -0.690  -1.820  1.00 10.07 ? 408 VAL A CG1 1 
ATOM   682  C CG2 . VAL A 1 102 ? -21.347 -3.135  -1.567  1.00 9.70  ? 408 VAL A CG2 1 
ATOM   683  N N   . THR A 1 103 ? -23.978 0.852   -1.274  1.00 11.43 ? 409 THR A N   1 
ATOM   684  C CA  . THR A 1 103 ? -24.513 2.099   -1.792  1.00 15.32 ? 409 THR A CA  1 
ATOM   685  C C   . THR A 1 103 ? -23.649 3.281   -1.389  1.00 15.83 ? 409 THR A C   1 
ATOM   686  O O   . THR A 1 103 ? -22.837 3.185   -0.471  1.00 15.60 ? 409 THR A O   1 
ATOM   687  C CB  . THR A 1 103 ? -25.965 2.315   -1.356  1.00 18.94 ? 409 THR A CB  1 
ATOM   688  O OG1 . THR A 1 103 ? -26.033 2.366   0.072   1.00 19.36 ? 409 THR A OG1 1 
ATOM   689  C CG2 . THR A 1 103 ? -26.829 1.170   -1.858  1.00 20.76 ? 409 THR A CG2 1 
ATOM   690  N N   . ASN A 1 104 ? -23.833 4.380   -2.110  1.00 15.33 ? 410 ASN A N   1 
ATOM   691  C CA  . ASN A 1 104 ? -23.027 5.578   -1.959  1.00 15.15 ? 410 ASN A CA  1 
ATOM   692  C C   . ASN A 1 104 ? -23.965 6.752   -1.705  1.00 16.65 ? 410 ASN A C   1 
ATOM   693  O O   . ASN A 1 104 ? -24.936 6.941   -2.444  1.00 17.90 ? 410 ASN A O   1 
ATOM   694  C CB  . ASN A 1 104 ? -22.228 5.816   -3.244  1.00 17.85 ? 410 ASN A CB  1 
ATOM   695  C CG  . ASN A 1 104 ? -21.060 6.757   -3.042  1.00 20.86 ? 410 ASN A CG  1 
ATOM   696  O OD1 . ASN A 1 104 ? -20.961 7.422   -2.017  1.00 21.77 ? 410 ASN A OD1 1 
ATOM   697  N ND2 . ASN A 1 104 ? -20.162 6.816   -4.026  1.00 22.17 ? 410 ASN A ND2 1 
ATOM   698  N N   . GLY A 1 105 ? -23.696 7.520   -0.655  1.00 15.58 ? 411 GLY A N   1 
ATOM   699  C CA  . GLY A 1 105 ? -24.543 8.643   -0.305  1.00 15.55 ? 411 GLY A CA  1 
ATOM   700  C C   . GLY A 1 105 ? -23.728 9.732   0.362   1.00 16.16 ? 411 GLY A C   1 
ATOM   701  O O   . GLY A 1 105 ? -22.495 9.712   0.323   1.00 15.31 ? 411 GLY A O   1 
ATOM   702  N N   . THR A 1 106 ? -24.417 10.679  0.988   1.00 15.40 ? 412 THR A N   1 
ATOM   703  C CA  . THR A 1 106 ? -23.753 11.807  1.626   1.00 15.73 ? 412 THR A CA  1 
ATOM   704  C C   . THR A 1 106 ? -22.954 11.374  2.846   1.00 16.20 ? 412 THR A C   1 
ATOM   705  O O   . THR A 1 106 ? -22.040 12.077  3.272   1.00 17.69 ? 412 THR A O   1 
ATOM   706  C CB  . THR A 1 106 ? -24.765 12.870  2.067   1.00 15.88 ? 412 THR A CB  1 
ATOM   707  O OG1 . THR A 1 106 ? -25.688 12.283  2.996   1.00 14.57 ? 412 THR A OG1 1 
ATOM   708  C CG2 . THR A 1 106 ? -25.528 13.423  0.868   1.00 16.36 ? 412 THR A CG2 1 
ATOM   709  N N   . ASP A 1 107 ? -23.298 10.223  3.414   1.00 15.18 ? 413 ASP A N   1 
ATOM   710  C CA  . ASP A 1 107 ? -22.544 9.707   4.553   1.00 16.25 ? 413 ASP A CA  1 
ATOM   711  C C   . ASP A 1 107 ? -21.452 8.741   4.111   1.00 14.98 ? 413 ASP A C   1 
ATOM   712  O O   . ASP A 1 107 ? -20.859 8.043   4.936   1.00 14.05 ? 413 ASP A O   1 
ATOM   713  C CB  . ASP A 1 107 ? -23.462 9.067   5.609   1.00 18.79 ? 413 ASP A CB  1 
ATOM   714  C CG  . ASP A 1 107 ? -24.341 7.960   5.044   1.00 21.59 ? 413 ASP A CG  1 
ATOM   715  O OD1 . ASP A 1 107 ? -24.468 7.867   3.809   1.00 21.27 ? 413 ASP A OD1 1 
ATOM   716  O OD2 . ASP A 1 107 ? -24.916 7.184   5.838   1.00 24.50 ? 413 ASP A OD2 1 
ATOM   717  N N   . GLY A 1 108 ? -21.184 8.709   2.809   1.00 12.91 ? 414 GLY A N   1 
ATOM   718  C CA  . GLY A 1 108 ? -20.150 7.838   2.285   1.00 13.57 ? 414 GLY A CA  1 
ATOM   719  C C   . GLY A 1 108 ? -20.714 6.536   1.766   1.00 13.24 ? 414 GLY A C   1 
ATOM   720  O O   . GLY A 1 108 ? -21.826 6.501   1.226   1.00 13.32 ? 414 GLY A O   1 
ATOM   721  N N   . ILE A 1 109 ? -19.949 5.466   1.956   1.00 10.54 ? 415 ILE A N   1 
ATOM   722  C CA  . ILE A 1 109 ? -20.290 4.149   1.455   1.00 11.12 ? 415 ILE A CA  1 
ATOM   723  C C   . ILE A 1 109 ? -20.942 3.319   2.543   1.00 11.50 ? 415 ILE A C   1 
ATOM   724  O O   . ILE A 1 109 ? -20.510 3.345   3.695   1.00 12.96 ? 415 ILE A O   1 
ATOM   725  C CB  . ILE A 1 109 ? -19.026 3.405   1.008   1.00 12.14 ? 415 ILE A CB  1 
ATOM   726  C CG1 . ILE A 1 109 ? -18.307 4.194   -0.091  1.00 13.97 ? 415 ILE A CG1 1 
ATOM   727  C CG2 . ILE A 1 109 ? -19.376 1.998   0.549   1.00 12.71 ? 415 ILE A CG2 1 
ATOM   728  C CD1 . ILE A 1 109 ? -19.167 4.464   -1.291  1.00 14.60 ? 415 ILE A CD1 1 
ATOM   729  N N   . THR A 1 110 ? -21.978 2.578   2.180   1.00 11.09 ? 416 THR A N   1 
ATOM   730  C CA  . THR A 1 110 ? -22.601 1.670   3.137   1.00 11.23 ? 416 THR A CA  1 
ATOM   731  C C   . THR A 1 110 ? -22.688 0.279   2.542   1.00 11.74 ? 416 THR A C   1 
ATOM   732  O O   . THR A 1 110 ? -23.327 0.079   1.503   1.00 11.69 ? 416 THR A O   1 
ATOM   733  C CB  . THR A 1 110 ? -24.016 2.110   3.536   1.00 11.54 ? 416 THR A CB  1 
ATOM   734  O OG1 . THR A 1 110 ? -23.968 3.402   4.147   1.00 11.52 ? 416 THR A OG1 1 
ATOM   735  C CG2 . THR A 1 110 ? -24.605 1.119   4.530   1.00 12.33 ? 416 THR A CG2 1 
ATOM   736  N N   . VAL A 1 111 ? -22.024 -0.667  3.198   1.00 10.27 ? 417 VAL A N   1 
ATOM   737  C CA  . VAL A 1 111 ? -22.097 -2.067  2.828   1.00 10.13 ? 417 VAL A CA  1 
ATOM   738  C C   . VAL A 1 111 ? -23.112 -2.716  3.761   1.00 11.54 ? 417 VAL A C   1 
ATOM   739  O O   . VAL A 1 111 ? -23.178 -2.397  4.950   1.00 11.98 ? 417 VAL A O   1 
ATOM   740  C CB  . VAL A 1 111 ? -20.736 -2.766  3.009   1.00 9.42  ? 417 VAL A CB  1 
ATOM   741  C CG1 . VAL A 1 111 ? -20.858 -4.266  2.749   1.00 11.55 ? 417 VAL A CG1 1 
ATOM   742  C CG2 . VAL A 1 111 ? -19.684 -2.144  2.101   1.00 9.06  ? 417 VAL A CG2 1 
ATOM   743  N N   . LYS A 1 112 ? -23.914 -3.620  3.220   1.00 11.03 ? 418 LYS A N   1 
ATOM   744  C CA  . LYS A 1 112 ? -24.912 -4.307  4.023   1.00 12.27 ? 418 LYS A CA  1 
ATOM   745  C C   . LYS A 1 112 ? -25.123 -5.724  3.522   1.00 12.60 ? 418 LYS A C   1 
ATOM   746  O O   . LYS A 1 112 ? -25.122 -5.969  2.316   1.00 12.25 ? 418 LYS A O   1 
ATOM   747  C CB  . LYS A 1 112 ? -26.233 -3.538  4.004   1.00 14.74 ? 418 LYS A CB  1 
ATOM   748  C CG  . LYS A 1 112 ? -27.309 -4.143  4.912   1.00 18.13 ? 418 LYS A CG  1 
ATOM   749  C CD  . LYS A 1 112 ? -28.430 -3.164  5.165   1.00 22.81 ? 418 LYS A CD  1 
ATOM   750  C CE  . LYS A 1 112 ? -29.256 -2.941  3.919   1.00 26.92 ? 418 LYS A CE  1 
ATOM   751  N NZ  . LYS A 1 112 ? -30.268 -1.881  4.145   1.00 29.69 ? 418 LYS A NZ  1 
ATOM   752  N N   . TYR A 1 113 ? -25.273 -6.651  4.465   1.00 12.35 ? 419 TYR A N   1 
ATOM   753  C CA  . TYR A 1 113 ? -25.683 -8.015  4.164   1.00 12.11 ? 419 TYR A CA  1 
ATOM   754  C C   . TYR A 1 113 ? -27.042 -8.268  4.809   1.00 11.97 ? 419 TYR A C   1 
ATOM   755  O O   . TYR A 1 113 ? -27.226 -8.012  5.997   1.00 12.69 ? 419 TYR A O   1 
ATOM   756  C CB  . TYR A 1 113 ? -24.643 -9.033  4.670   1.00 11.86 ? 419 TYR A CB  1 
ATOM   757  C CG  . TYR A 1 113 ? -23.490 -9.237  3.712   1.00 12.31 ? 419 TYR A CG  1 
ATOM   758  C CD1 . TYR A 1 113 ? -23.540 -10.238 2.747   1.00 12.80 ? 419 TYR A CD1 1 
ATOM   759  C CD2 . TYR A 1 113 ? -22.365 -8.419  3.754   1.00 11.83 ? 419 TYR A CD2 1 
ATOM   760  C CE1 . TYR A 1 113 ? -22.495 -10.426 1.856   1.00 11.10 ? 419 TYR A CE1 1 
ATOM   761  C CE2 . TYR A 1 113 ? -21.320 -8.596  2.867   1.00 11.65 ? 419 TYR A CE2 1 
ATOM   762  C CZ  . TYR A 1 113 ? -21.392 -9.597  1.920   1.00 10.75 ? 419 TYR A CZ  1 
ATOM   763  O OH  . TYR A 1 113 ? -20.354 -9.788  1.039   1.00 11.65 ? 419 TYR A OH  1 
ATOM   764  N N   . ASP A 1 114 ? -27.999 -8.724  4.006   1.00 12.34 ? 420 ASP A N   1 
ATOM   765  C CA  . ASP A 1 114 ? -29.292 -9.150  4.508   1.00 14.09 ? 420 ASP A CA  1 
ATOM   766  C C   . ASP A 1 114 ? -29.317 -10.663 4.478   1.00 16.25 ? 420 ASP A C   1 
ATOM   767  O O   . ASP A 1 114 ? -28.682 -11.275 3.627   1.00 17.00 ? 420 ASP A O   1 
ATOM   768  C CB  . ASP A 1 114 ? -30.416 -8.646  3.602   1.00 16.27 ? 420 ASP A CB  1 
ATOM   769  C CG  . ASP A 1 114 ? -30.550 -7.142  3.613   1.00 18.34 ? 420 ASP A CG  1 
ATOM   770  O OD1 . ASP A 1 114 ? -30.522 -6.547  4.710   1.00 17.82 ? 420 ASP A OD1 1 
ATOM   771  O OD2 . ASP A 1 114 ? -30.696 -6.559  2.518   1.00 19.38 ? 420 ASP A OD2 1 
ATOM   772  N N   . ALA A 1 115 ? -30.054 -11.272 5.400   1.00 17.59 ? 421 ALA A N   1 
ATOM   773  C CA  . ALA A 1 115 ? -30.281 -12.704 5.330   1.00 20.02 ? 421 ALA A CA  1 
ATOM   774  C C   . ALA A 1 115 ? -31.533 -12.925 4.500   1.00 23.12 ? 421 ALA A C   1 
ATOM   775  O O   . ALA A 1 115 ? -32.517 -12.207 4.666   1.00 23.19 ? 421 ALA A O   1 
ATOM   776  C CB  . ALA A 1 115 ? -30.453 -13.292 6.735   1.00 20.69 ? 421 ALA A CB  1 
ATOM   777  N N   . LYS A 1 116 ? -31.493 -13.894 3.591   1.00 25.79 ? 422 LYS A N   1 
ATOM   778  C CA  . LYS A 1 116 ? -32.680 -14.248 2.824   1.00 32.17 ? 422 LYS A CA  1 
ATOM   779  C C   . LYS A 1 116 ? -33.666 -14.975 3.732   1.00 37.48 ? 422 LYS A C   1 
ATOM   780  O O   . LYS A 1 116 ? -33.300 -15.918 4.440   1.00 39.91 ? 422 LYS A O   1 
ATOM   781  C CB  . LYS A 1 116 ? -32.312 -15.143 1.641   1.00 33.21 ? 422 LYS A CB  1 
ATOM   782  C CG  . LYS A 1 116 ? -31.478 -14.473 0.567   1.00 35.24 ? 422 LYS A CG  1 
ATOM   783  C CD  . LYS A 1 116 ? -31.063 -15.482 -0.493  1.00 38.52 ? 422 LYS A CD  1 
ATOM   784  C CE  . LYS A 1 116 ? -30.321 -14.815 -1.636  1.00 41.26 ? 422 LYS A CE  1 
ATOM   785  N NZ  . LYS A 1 116 ? -31.151 -13.742 -2.249  1.00 43.79 ? 422 LYS A NZ  1 
ATOM   786  O OXT . LYS A 1 116 ? -34.851 -14.645 3.781   1.00 39.60 ? 422 LYS A OXT 1 
HETATM 787  O O   . HOH B 2 .   ? 7.515   4.678   8.274   1.00 12.04 ? 1   HOH A O   1 
HETATM 788  O O   . HOH B 2 .   ? 8.958   5.520   -5.353  1.00 12.68 ? 2   HOH A O   1 
HETATM 789  O O   . HOH B 2 .   ? 18.620  11.386  3.802   1.00 20.94 ? 3   HOH A O   1 
HETATM 790  O O   . HOH B 2 .   ? 14.501  7.231   2.662   1.00 15.10 ? 4   HOH A O   1 
HETATM 791  O O   . HOH B 2 .   ? 9.553   16.979  -5.263  1.00 14.85 ? 5   HOH A O   1 
HETATM 792  O O   . HOH B 2 .   ? -10.917 -11.600 6.525   1.00 11.90 ? 6   HOH A O   1 
HETATM 793  O O   . HOH B 2 .   ? 10.352  -3.735  1.293   1.00 14.62 ? 7   HOH A O   1 
HETATM 794  O O   . HOH B 2 .   ? -6.013  1.499   -0.712  1.00 18.70 ? 8   HOH A O   1 
HETATM 795  O O   . HOH B 2 .   ? 11.440  6.065   -4.097  1.00 14.47 ? 9   HOH A O   1 
HETATM 796  O O   . HOH B 2 .   ? -8.019  -4.954  -8.823  1.00 18.44 ? 10  HOH A O   1 
HETATM 797  O O   . HOH B 2 .   ? -5.954  -27.729 0.253   1.00 14.43 ? 11  HOH A O   1 
HETATM 798  O O   . HOH B 2 .   ? 2.097   -4.578  -0.412  1.00 16.56 ? 12  HOH A O   1 
HETATM 799  O O   . HOH B 2 .   ? -5.112  -25.721 -1.461  1.00 15.97 ? 13  HOH A O   1 
HETATM 800  O O   . HOH B 2 .   ? -20.433 5.377   5.602   1.00 12.81 ? 14  HOH A O   1 
HETATM 801  O O   . HOH B 2 .   ? -28.064 -5.839  1.575   1.00 17.65 ? 15  HOH A O   1 
HETATM 802  O O   . HOH B 2 .   ? 10.145  5.547   7.882   1.00 12.33 ? 16  HOH A O   1 
HETATM 803  O O   . HOH B 2 .   ? 3.998   1.416   -7.872  1.00 16.80 ? 17  HOH A O   1 
HETATM 804  O O   . HOH B 2 .   ? 17.052  0.237   2.546   1.00 14.62 ? 18  HOH A O   1 
HETATM 805  O O   . HOH B 2 .   ? -24.100 5.513   2.215   1.00 16.48 ? 19  HOH A O   1 
HETATM 806  O O   . HOH B 2 .   ? -14.414 -19.456 5.807   1.00 17.98 ? 20  HOH A O   1 
HETATM 807  O O   . HOH B 2 .   ? -23.334 -10.305 -5.187  1.00 15.27 ? 21  HOH A O   1 
HETATM 808  O O   . HOH B 2 .   ? -30.179 -16.786 5.417   1.00 18.88 ? 22  HOH A O   1 
HETATM 809  O O   . HOH B 2 .   ? 5.517   -5.241  0.603   1.00 20.07 ? 23  HOH A O   1 
HETATM 810  O O   . HOH B 2 .   ? 21.322  1.099   8.067   1.00 21.52 ? 24  HOH A O   1 
HETATM 811  O O   . HOH B 2 .   ? 15.181  -1.730  2.123   1.00 16.43 ? 25  HOH A O   1 
HETATM 812  O O   . HOH B 2 .   ? -5.215  -23.362 0.006   1.00 18.67 ? 26  HOH A O   1 
HETATM 813  O O   . HOH B 2 .   ? 4.192   -2.401  7.136   1.00 18.97 ? 27  HOH A O   1 
HETATM 814  O O   . HOH B 2 .   ? -12.114 0.078   -10.734 1.00 19.53 ? 28  HOH A O   1 
HETATM 815  O O   . HOH B 2 .   ? 10.044  -1.013  -1.524  1.00 14.93 ? 29  HOH A O   1 
HETATM 816  O O   . HOH B 2 .   ? -0.426  -8.046  -1.349  1.00 19.39 ? 30  HOH A O   1 
HETATM 817  O O   . HOH B 2 .   ? -27.328 10.305  1.029   1.00 16.43 ? 31  HOH A O   1 
HETATM 818  O O   . HOH B 2 .   ? 16.430  0.614   -5.258  1.00 18.81 ? 32  HOH A O   1 
HETATM 819  O O   . HOH B 2 .   ? -1.388  -12.214 -0.122  1.00 21.37 ? 33  HOH A O   1 
HETATM 820  O O   . HOH B 2 .   ? 14.999  6.800   8.845   1.00 17.24 ? 34  HOH A O   1 
HETATM 821  O O   . HOH B 2 .   ? 14.133  9.431   8.943   1.00 21.28 ? 35  HOH A O   1 
HETATM 822  O O   . HOH B 2 .   ? 13.391  0.907   -4.164  1.00 18.53 ? 36  HOH A O   1 
HETATM 823  O O   . HOH B 2 .   ? -11.699 -19.147 1.069   1.00 17.28 ? 37  HOH A O   1 
HETATM 824  O O   . HOH B 2 .   ? -6.222  -25.059 4.889   1.00 18.29 ? 38  HOH A O   1 
HETATM 825  O O   . HOH B 2 .   ? -21.156 5.688   -6.679  1.00 20.16 ? 39  HOH A O   1 
HETATM 826  O O   . HOH B 2 .   ? 8.015   -2.651  -2.268  1.00 21.54 ? 40  HOH A O   1 
HETATM 827  O O   . HOH B 2 .   ? -24.509 -7.818  -4.503  1.00 18.84 ? 41  HOH A O   1 
HETATM 828  O O   . HOH B 2 .   ? -5.061  -15.863 10.814  1.00 26.66 ? 42  HOH A O   1 
HETATM 829  O O   . HOH B 2 .   ? -17.933 8.513   -4.838  1.00 24.74 ? 43  HOH A O   1 
HETATM 830  O O   . HOH B 2 .   ? -21.872 -6.780  -4.634  1.00 22.99 ? 44  HOH A O   1 
HETATM 831  O O   . HOH B 2 .   ? -11.589 -18.552 7.885   1.00 21.60 ? 45  HOH A O   1 
HETATM 832  O O   . HOH B 2 .   ? -7.068  2.812   1.330   0.50 15.34 ? 46  HOH A O   1 
HETATM 833  O O   . HOH B 2 .   ? 1.391   -2.850  -2.720  1.00 20.39 ? 47  HOH A O   1 
HETATM 834  O O   . HOH B 2 .   ? -1.687  0.268   -7.281  1.00 21.22 ? 48  HOH A O   1 
HETATM 835  O O   . HOH B 2 .   ? -25.919 -0.948  1.662   1.00 19.63 ? 49  HOH A O   1 
HETATM 836  O O   . HOH B 2 .   ? 2.898   3.479   -10.723 1.00 21.30 ? 50  HOH A O   1 
HETATM 837  O O   . HOH B 2 .   ? 4.991   6.371   -12.614 1.00 22.22 ? 51  HOH A O   1 
HETATM 838  O O   . HOH B 2 .   ? -27.167 -15.028 -2.871  1.00 21.72 ? 52  HOH A O   1 
HETATM 839  O O   . HOH B 2 .   ? 21.959  7.692   2.453   1.00 21.51 ? 53  HOH A O   1 
HETATM 840  O O   . HOH B 2 .   ? 11.991  8.714   -4.083  1.00 25.14 ? 54  HOH A O   1 
HETATM 841  O O   . HOH B 2 .   ? -25.512 4.440   6.028   1.00 22.31 ? 55  HOH A O   1 
HETATM 842  O O   . HOH B 2 .   ? 5.072   -0.567  10.578  1.00 19.79 ? 56  HOH A O   1 
HETATM 843  O O   . HOH B 2 .   ? 0.932   -9.652  7.128   1.00 23.51 ? 57  HOH A O   1 
HETATM 844  O O   . HOH B 2 .   ? 24.545  2.042   5.105   1.00 21.53 ? 58  HOH A O   1 
HETATM 845  O O   . HOH B 2 .   ? 9.727   -6.269  1.467   1.00 20.36 ? 59  HOH A O   1 
HETATM 846  O O   . HOH B 2 .   ? 8.223   3.250   -3.774  1.00 23.92 ? 60  HOH A O   1 
HETATM 847  O O   . HOH B 2 .   ? -8.245  -18.285 -1.787  1.00 25.99 ? 61  HOH A O   1 
HETATM 848  O O   . HOH B 2 .   ? 15.836  -6.762  -0.575  1.00 18.49 ? 62  HOH A O   1 
HETATM 849  O O   . HOH B 2 .   ? 0.058   -12.131 6.107   1.00 20.16 ? 63  HOH A O   1 
HETATM 850  O O   . HOH B 2 .   ? -18.458 7.855   -0.866  1.00 20.74 ? 64  HOH A O   1 
HETATM 851  O O   . HOH B 2 .   ? 10.549  1.262   -3.230  1.00 18.79 ? 65  HOH A O   1 
HETATM 852  O O   . HOH B 2 .   ? 21.942  7.735   8.159   1.00 25.87 ? 66  HOH A O   1 
HETATM 853  O O   . HOH B 2 .   ? -29.735 2.847   -4.230  1.00 26.03 ? 67  HOH A O   1 
HETATM 854  O O   . HOH B 2 .   ? -7.702  0.981   -10.791 1.00 30.39 ? 68  HOH A O   1 
HETATM 855  O O   . HOH B 2 .   ? 6.822   5.831   -14.548 1.00 23.53 ? 69  HOH A O   1 
HETATM 856  O O   . HOH B 2 .   ? 26.526  -0.491  -1.152  1.00 34.14 ? 70  HOH A O   1 
HETATM 857  O O   . HOH B 2 .   ? 7.785   3.384   10.541  1.00 24.18 ? 71  HOH A O   1 
HETATM 858  O O   . HOH B 2 .   ? -17.988 10.207  0.415   1.00 22.64 ? 72  HOH A O   1 
HETATM 859  O O   . HOH B 2 .   ? 4.240   -3.723  -3.100  1.00 25.47 ? 73  HOH A O   1 
HETATM 860  O O   . HOH B 2 .   ? -32.023 -4.024  5.507   1.00 23.47 ? 74  HOH A O   1 
HETATM 861  O O   . HOH B 2 .   ? -13.298 -6.184  -10.659 1.00 22.29 ? 75  HOH A O   1 
HETATM 862  O O   . HOH B 2 .   ? -30.037 -1.232  -2.024  1.00 23.71 ? 76  HOH A O   1 
HETATM 863  O O   . HOH B 2 .   ? -22.364 -13.954 -5.286  1.00 20.14 ? 77  HOH A O   1 
HETATM 864  O O   . HOH B 2 .   ? -25.370 4.208   -4.514  1.00 28.59 ? 78  HOH A O   1 
HETATM 865  O O   . HOH B 2 .   ? 23.656  2.588   7.579   1.00 25.54 ? 79  HOH A O   1 
HETATM 866  O O   . HOH B 2 .   ? 16.446  3.142   12.384  1.00 25.47 ? 80  HOH A O   1 
HETATM 867  O O   . HOH B 2 .   ? 18.896  -4.819  9.520   1.00 27.80 ? 81  HOH A O   1 
HETATM 868  O O   . HOH B 2 .   ? -5.577  -19.410 -1.813  1.00 34.28 ? 82  HOH A O   1 
HETATM 869  O O   . HOH B 2 .   ? 7.700   -6.500  -0.244  1.00 32.02 ? 83  HOH A O   1 
HETATM 870  O O   . HOH B 2 .   ? -4.357  -21.839 -2.203  1.00 24.43 ? 84  HOH A O   1 
HETATM 871  O O   . HOH B 2 .   ? 15.578  5.566   11.117  1.00 22.75 ? 85  HOH A O   1 
HETATM 872  O O   . HOH B 2 .   ? -4.207  -4.983  -6.019  1.00 23.73 ? 86  HOH A O   1 
HETATM 873  O O   . HOH B 2 .   ? 28.403  2.271   -1.023  1.00 47.82 ? 87  HOH A O   1 
HETATM 874  O O   . HOH B 2 .   ? -29.075 -16.248 8.129   0.50 25.96 ? 88  HOH A O   1 
HETATM 875  O O   . HOH B 2 .   ? -24.678 12.889  5.456   1.00 28.54 ? 89  HOH A O   1 
HETATM 876  O O   . HOH B 2 .   ? 3.888   2.513   -14.108 1.00 26.51 ? 90  HOH A O   1 
HETATM 877  O O   . HOH B 2 .   ? 11.222  2.413   12.225  1.00 37.19 ? 91  HOH A O   1 
HETATM 878  O O   . HOH B 2 .   ? -3.560  -23.950 2.314   1.00 28.72 ? 92  HOH A O   1 
HETATM 879  O O   . HOH B 2 .   ? -11.117 -14.693 10.060  1.00 33.84 ? 93  HOH A O   1 
HETATM 880  O O   . HOH B 2 .   ? -19.667 11.349  -3.586  0.50 42.67 ? 94  HOH A O   1 
HETATM 881  O O   . HOH B 2 .   ? 14.499  9.898   -7.225  1.00 33.83 ? 95  HOH A O   1 
HETATM 882  O O   . HOH B 2 .   ? -26.144 4.783   1.080   1.00 32.15 ? 96  HOH A O   1 
HETATM 883  O O   . HOH B 2 .   ? 9.645   4.541   -7.992  1.00 36.72 ? 97  HOH A O   1 
HETATM 884  O O   . HOH B 2 .   ? 7.396   -2.045  10.447  1.00 29.98 ? 98  HOH A O   1 
HETATM 885  O O   . HOH B 2 .   ? 1.792   -5.797  8.016   1.00 22.71 ? 99  HOH A O   1 
HETATM 886  O O   . HOH B 2 .   ? -29.205 -12.234 -3.399  1.00 32.24 ? 100 HOH A O   1 
HETATM 887  O O   . HOH B 2 .   ? 12.784  4.632   11.980  1.00 36.25 ? 101 HOH A O   1 
HETATM 888  O O   . HOH B 2 .   ? -24.396 -12.690 -6.453  1.00 30.10 ? 102 HOH A O   1 
HETATM 889  O O   . HOH B 2 .   ? -22.054 8.257   -7.435  1.00 29.05 ? 103 HOH A O   1 
HETATM 890  O O   . HOH B 2 .   ? -31.834 -7.839  0.655   1.00 38.70 ? 104 HOH A O   1 
HETATM 891  O O   . HOH B 2 .   ? 18.099  17.465  -1.564  1.00 31.10 ? 105 HOH A O   1 
HETATM 892  O O   . HOH B 2 .   ? 14.490  13.030  7.366   1.00 39.23 ? 106 HOH A O   1 
HETATM 893  O O   . HOH B 2 .   ? -31.790 -3.634  -2.645  1.00 37.50 ? 107 HOH A O   1 
HETATM 894  O O   . HOH B 2 .   ? -1.037  -10.465 -2.305  1.00 38.25 ? 108 HOH A O   1 
HETATM 895  O O   . HOH B 2 .   ? -29.053 -1.429  0.566   1.00 35.05 ? 109 HOH A O   1 
HETATM 896  O O   . HOH B 2 .   ? -28.892 -18.083 -1.713  1.00 31.93 ? 111 HOH A O   1 
HETATM 897  O O   . HOH B 2 .   ? -22.184 9.821   -3.069  1.00 31.68 ? 112 HOH A O   1 
HETATM 898  O O   . HOH B 2 .   ? -18.458 -11.477 -7.907  1.00 29.78 ? 113 HOH A O   1 
HETATM 899  O O   . HOH B 2 .   ? -2.147  -19.772 3.025   1.00 30.09 ? 114 HOH A O   1 
HETATM 900  O O   . HOH B 2 .   ? 16.119  17.842  4.134   1.00 28.63 ? 115 HOH A O   1 
HETATM 901  O O   . HOH B 2 .   ? 20.949  11.941  -4.298  1.00 48.63 ? 116 HOH A O   1 
HETATM 902  O O   . HOH B 2 .   ? -9.197  -2.149  -12.763 1.00 42.77 ? 117 HOH A O   1 
HETATM 903  O O   . HOH B 2 .   ? 13.217  4.747   -5.716  1.00 37.98 ? 118 HOH A O   1 
HETATM 904  O O   . HOH B 2 .   ? -2.356  -13.122 10.487  1.00 45.17 ? 119 HOH A O   1 
HETATM 905  O O   . HOH B 2 .   ? 16.298  -8.382  2.579   1.00 26.55 ? 120 HOH A O   1 
HETATM 906  O O   . HOH B 2 .   ? 0.057   -14.749 -0.135  1.00 37.55 ? 121 HOH A O   1 
HETATM 907  O O   . HOH B 2 .   ? 22.356  -1.413  7.955   1.00 28.70 ? 122 HOH A O   1 
HETATM 908  O O   . HOH B 2 .   ? 15.160  7.033   -5.850  1.00 37.63 ? 123 HOH A O   1 
HETATM 909  O O   . HOH B 2 .   ? -27.301 -10.294 -4.959  1.00 30.83 ? 124 HOH A O   1 
HETATM 910  O O   . HOH B 2 .   ? 5.263   3.804   12.079  1.00 37.96 ? 125 HOH A O   1 
HETATM 911  O O   . HOH B 2 .   ? 1.447   -11.180 3.136   1.00 40.34 ? 126 HOH A O   1 
HETATM 912  O O   . HOH B 2 .   ? 11.890  9.967   -11.238 1.00 33.91 ? 127 HOH A O   1 
HETATM 913  O O   . HOH B 2 .   ? -27.278 6.137   -1.390  1.00 32.27 ? 129 HOH A O   1 
HETATM 914  O O   . HOH B 2 .   ? -5.223  -17.429 1.606   1.00 35.06 ? 130 HOH A O   1 
HETATM 915  O O   . HOH B 2 .   ? -4.214  3.320   -1.267  1.00 35.72 ? 131 HOH A O   1 
HETATM 916  O O   . HOH B 2 .   ? 14.841  1.226   14.031  1.00 31.07 ? 132 HOH A O   1 
HETATM 917  O O   . HOH B 2 .   ? -3.640  -16.650 8.848   1.00 35.18 ? 133 HOH A O   1 
HETATM 918  O O   . HOH B 2 .   ? -28.004 9.740   -3.290  1.00 43.33 ? 135 HOH A O   1 
HETATM 919  O O   . HOH B 2 .   ? 7.281   2.535   -14.601 1.00 39.33 ? 136 HOH A O   1 
HETATM 920  O O   . HOH B 2 .   ? -31.778 -3.858  1.761   1.00 28.24 ? 137 HOH A O   1 
HETATM 921  O O   . HOH B 2 .   ? -7.929  -2.535  -10.290 1.00 37.95 ? 138 HOH A O   1 
HETATM 922  O O   . HOH B 2 .   ? 5.999   2.842   -12.398 1.00 25.66 ? 139 HOH A O   1 
HETATM 923  O O   . HOH B 2 .   ? 11.679  -8.114  0.534   1.00 34.94 ? 140 HOH A O   1 
HETATM 924  O O   . HOH B 2 .   ? 3.942   -9.500  6.370   1.00 39.73 ? 141 HOH A O   1 
HETATM 925  O O   . HOH B 2 .   ? -32.479 -10.536 -0.474  1.00 37.27 ? 142 HOH A O   1 
HETATM 926  O O   . HOH B 2 .   ? -2.726  -17.284 2.128   1.00 39.37 ? 143 HOH A O   1 
HETATM 927  O O   . HOH B 2 .   ? -9.235  -26.472 7.379   1.00 46.65 ? 144 HOH A O   1 
HETATM 928  O O   . HOH B 2 .   ? -28.623 1.086   5.186   1.00 35.66 ? 145 HOH A O   1 
HETATM 929  O O   . HOH B 2 .   ? 19.894  12.668  11.401  1.00 45.90 ? 146 HOH A O   1 
HETATM 930  O O   . HOH B 2 .   ? 5.935   -3.948  8.338   1.00 37.63 ? 147 HOH A O   1 
HETATM 931  O O   . HOH B 2 .   ? -11.588 -5.893  -12.817 1.00 44.19 ? 148 HOH A O   1 
HETATM 932  O O   . HOH B 2 .   ? -26.217 -14.341 -5.436  1.00 33.55 ? 149 HOH A O   1 
HETATM 933  O O   . HOH B 2 .   ? 22.364  9.550   4.551   1.00 33.96 ? 150 HOH A O   1 
HETATM 934  O O   . HOH B 2 .   ? 20.048  10.243  5.581   1.00 40.03 ? 151 HOH A O   1 
HETATM 935  O O   . HOH B 2 .   ? 11.264  6.089   10.397  1.00 30.75 ? 152 HOH A O   1 
HETATM 936  O O   . HOH B 2 .   ? 6.150   -8.308  3.436   1.00 35.90 ? 153 HOH A O   1 
HETATM 937  O O   . HOH B 2 .   ? 18.532  4.532   -4.742  1.00 30.66 ? 154 HOH A O   1 
HETATM 938  O O   . HOH B 2 .   ? 3.196   5.444   12.060  1.00 35.61 ? 155 HOH A O   1 
HETATM 939  O O   . HOH B 2 .   ? 8.953   -7.963  3.417   1.00 41.16 ? 156 HOH A O   1 
HETATM 940  O O   . HOH B 2 .   ? 14.031  2.233   11.740  1.00 36.26 ? 157 HOH A O   1 
HETATM 941  O O   . HOH B 2 .   ? -15.527 -21.423 3.815   1.00 33.84 ? 158 HOH A O   1 
HETATM 942  O O   . HOH B 2 .   ? 6.196   0.175   -11.657 1.00 35.67 ? 159 HOH A O   1 
HETATM 943  O O   . HOH B 2 .   ? -16.416 7.840   -2.629  1.00 31.57 ? 160 HOH A O   1 
HETATM 944  O O   . HOH B 2 .   ? -8.134  -20.860 9.940   1.00 30.76 ? 161 HOH A O   1 
HETATM 945  O O   . HOH B 2 .   ? -27.869 0.345   2.831   1.00 42.09 ? 162 HOH A O   1 
HETATM 946  O O   . HOH B 2 .   ? -30.281 -19.510 5.131   1.00 39.85 ? 163 HOH A O   1 
HETATM 947  O O   . HOH B 2 .   ? -1.161  -18.475 5.464   1.00 41.14 ? 164 HOH A O   1 
HETATM 948  O O   . HOH B 2 .   ? -27.598 3.670   4.588   1.00 39.58 ? 165 HOH A O   1 
HETATM 949  O O   . HOH B 2 .   ? -23.248 4.013   -7.008  1.00 28.45 ? 166 HOH A O   1 
HETATM 950  O O   . HOH B 2 .   ? -15.824 -7.013  -11.021 1.00 32.44 ? 167 HOH A O   1 
HETATM 951  O O   . HOH B 2 .   ? -17.379 -7.407  -8.776  1.00 34.04 ? 168 HOH A O   1 
HETATM 952  O O   . HOH B 2 .   ? 22.992  0.246   -6.360  1.00 40.69 ? 169 HOH A O   1 
HETATM 953  O O   . HOH B 2 .   ? -33.997 -10.389 3.105   1.00 41.03 ? 170 HOH A O   1 
HETATM 954  O O   . HOH B 2 .   ? 7.338   -3.399  12.744  1.00 35.80 ? 171 HOH A O   1 
HETATM 955  O O   . HOH B 2 .   ? 22.827  5.268   8.880   1.00 42.98 ? 172 HOH A O   1 
HETATM 956  O O   . HOH B 2 .   ? -1.875  -16.689 -0.451  1.00 35.03 ? 173 HOH A O   1 
HETATM 957  O O   . HOH B 2 .   ? 1.691   -9.186  0.761   1.00 37.43 ? 174 HOH A O   1 
HETATM 958  O O   . HOH B 2 .   ? -3.992  -20.842 5.376   1.00 35.38 ? 175 HOH A O   1 
HETATM 959  O O   . HOH B 2 .   ? 3.466   -7.290  0.854   1.00 36.43 ? 176 HOH A O   1 
HETATM 960  O O   . HOH B 2 .   ? 25.870  2.916   -1.870  1.00 37.23 ? 177 HOH A O   1 
HETATM 961  O O   . HOH B 2 .   ? -6.558  -25.093 7.551   1.00 47.31 ? 178 HOH A O   1 
HETATM 962  O O   . HOH B 2 .   ? 20.005  9.164   -1.525  1.00 39.63 ? 179 HOH A O   1 
HETATM 963  O O   . HOH B 2 .   ? 17.945  17.083  1.390   1.00 38.95 ? 180 HOH A O   1 
HETATM 964  O O   . HOH B 2 .   ? 20.653  -5.497  -1.900  1.00 40.10 ? 181 HOH A O   1 
HETATM 965  O O   . HOH B 2 .   ? -26.581 11.283  -2.053  1.00 36.85 ? 182 HOH A O   1 
HETATM 966  O O   . HOH B 2 .   ? -11.108 -19.406 10.788  1.00 35.28 ? 183 HOH A O   1 
HETATM 967  O O   . HOH B 2 .   ? 18.718  -7.356  5.970   1.00 39.59 ? 184 HOH A O   1 
HETATM 968  O O   . HOH B 2 .   ? -19.547 -8.979  -8.642  1.00 43.65 ? 185 HOH A O   1 
HETATM 969  O O   . HOH B 2 .   ? 8.579   -5.666  9.831   1.00 42.92 ? 186 HOH A O   1 
HETATM 970  O O   . HOH B 2 .   ? -0.339  -11.642 10.919  1.00 39.86 ? 187 HOH A O   1 
HETATM 971  O O   . HOH B 2 .   ? 25.964  3.419   -4.599  1.00 42.05 ? 188 HOH A O   1 
HETATM 972  O O   . HOH B 2 .   ? 14.066  -9.454  3.556   1.00 41.95 ? 189 HOH A O   1 
HETATM 973  O O   . HOH B 2 .   ? 0.193   -8.972  9.686   1.00 41.41 ? 190 HOH A O   1 
HETATM 974  O O   . HOH B 2 .   ? 7.849   -1.966  -4.994  1.00 42.86 ? 191 HOH A O   1 
HETATM 975  O O   . HOH B 2 .   ? 19.463  11.284  0.228   1.00 44.76 ? 192 HOH A O   1 
HETATM 976  O O   . HOH B 2 .   ? -31.799 -18.300 1.080   1.00 46.04 ? 193 HOH A O   1 
HETATM 977  O O   . HOH B 2 .   ? 17.071  8.390   -4.325  1.00 42.71 ? 194 HOH A O   1 
HETATM 978  O O   . HOH B 2 .   ? 11.530  2.403   -10.773 1.00 46.92 ? 195 HOH A O   1 
HETATM 979  O O   . HOH B 2 .   ? 21.258  18.108  -2.274  1.00 40.17 ? 196 HOH A O   1 
HETATM 980  O O   . HOH B 2 .   ? -34.229 -12.103 7.281   1.00 41.57 ? 197 HOH A O   1 
HETATM 981  O O   . HOH B 2 .   ? 6.281   0.462   -8.589  1.00 39.07 ? 198 HOH A O   1 
HETATM 982  O O   . HOH B 2 .   ? 17.116  7.534   12.236  1.00 41.06 ? 199 HOH A O   1 
HETATM 983  O O   . HOH B 2 .   ? -19.822 -14.093 -6.225  1.00 40.32 ? 201 HOH A O   1 
HETATM 984  O O   . HOH B 2 .   ? 7.408   -8.986  -0.723  1.00 43.32 ? 202 HOH A O   1 
HETATM 985  O O   . HOH B 2 .   ? 10.147  -9.533  5.329   1.00 42.18 ? 203 HOH A O   1 
HETATM 986  O O   . HOH B 2 .   ? -29.061 4.670   -2.675  1.00 42.11 ? 204 HOH A O   1 
HETATM 987  O O   . HOH B 2 .   ? -27.241 -21.321 0.300   1.00 45.97 ? 205 HOH A O   1 
HETATM 988  O O   . HOH B 2 .   ? -4.536  5.788   -1.016  1.00 42.13 ? 206 HOH A O   1 
HETATM 989  O O   . HOH B 2 .   ? 20.865  2.752   13.274  1.00 46.52 ? 207 HOH A O   1 
HETATM 990  O O   . HOH B 2 .   ? 14.886  10.288  -10.382 1.00 40.05 ? 208 HOH A O   1 
HETATM 991  O O   . HOH B 2 .   ? -20.816 -11.041 -7.184  1.00 41.00 ? 209 HOH A O   1 
HETATM 992  O O   . HOH B 2 .   ? -20.353 9.845   -1.200  1.00 48.46 ? 210 HOH A O   1 
HETATM 993  O O   . HOH B 2 .   ? 17.904  0.212   -7.435  1.00 44.94 ? 211 HOH A O   1 
HETATM 994  O O   . HOH B 2 .   ? 9.632   3.773   -15.353 1.00 47.04 ? 212 HOH A O   1 
HETATM 995  O O   . HOH B 2 .   ? 24.634  7.967   2.680   1.00 40.68 ? 213 HOH A O   1 
HETATM 996  O O   . HOH B 2 .   ? 26.211  -2.816  -2.915  1.00 45.91 ? 214 HOH A O   1 
HETATM 997  O O   . HOH B 2 .   ? -0.959  -19.155 7.935   1.00 48.85 ? 215 HOH A O   1 
HETATM 998  O O   . HOH B 2 .   ? -12.191 -23.393 -2.465  1.00 36.47 ? 216 HOH A O   1 
HETATM 999  O O   . HOH B 2 .   ? 22.493  -6.914  7.633   1.00 43.71 ? 217 HOH A O   1 
HETATM 1000 O O   . HOH B 2 .   ? 22.045  9.881   -2.660  1.00 44.60 ? 218 HOH A O   1 
HETATM 1001 O O   . HOH B 2 .   ? 26.763  3.700   4.822   1.00 42.97 ? 219 HOH A O   1 
HETATM 1002 O O   . HOH B 2 .   ? 13.591  5.541   -10.425 1.00 47.73 ? 220 HOH A O   1 
HETATM 1003 O O   . HOH B 2 .   ? 8.705   -9.362  8.046   1.00 47.92 ? 221 HOH A O   1 
HETATM 1004 O O   . HOH B 2 .   ? 3.921   -9.970  10.017  1.00 45.09 ? 222 HOH A O   1 
HETATM 1005 O O   . HOH B 2 .   ? 23.836  -5.189  4.599   1.00 48.01 ? 223 HOH A O   1 
HETATM 1006 O O   . HOH B 2 .   ? -25.445 8.286   -4.982  1.00 43.98 ? 224 HOH A O   1 
HETATM 1007 O O   . HOH B 2 .   ? 24.462  -3.346  0.364   1.00 45.57 ? 225 HOH A O   1 
HETATM 1008 O O   . HOH B 2 .   ? 4.842   -3.336  -5.546  1.00 41.01 ? 226 HOH A O   1 
HETATM 1009 O O   . HOH B 2 .   ? -20.739 11.672  0.215   1.00 39.57 ? 227 HOH A O   1 
HETATM 1010 O O   . HOH B 2 .   ? 24.002  -1.832  4.341   1.00 48.30 ? 228 HOH A O   1 
HETATM 1011 O O   . HOH B 2 .   ? -35.594 -18.058 1.922   1.00 47.90 ? 229 HOH A O   1 
HETATM 1012 O O   . HOH B 2 .   ? 21.354  8.675   12.305  1.00 45.96 ? 230 HOH A O   1 
HETATM 1013 O O   . HOH B 2 .   ? 1.322   7.156   11.105  1.00 43.10 ? 231 HOH A O   1 
HETATM 1014 O O   . HOH B 2 .   ? -34.765 -19.404 3.980   1.00 47.38 ? 232 HOH A O   1 
HETATM 1015 O O   . HOH B 2 .   ? 12.294  -8.838  6.320   1.00 38.45 ? 233 HOH A O   1 
HETATM 1016 O O   . HOH B 2 .   ? 20.370  13.382  0.005   1.00 52.49 ? 234 HOH A O   1 
HETATM 1017 O O   . HOH B 2 .   ? 1.033   -6.444  -2.787  1.00 38.01 ? 235 HOH A O   1 
HETATM 1018 O O   . HOH B 2 .   ? 26.999  5.373   1.600   1.00 48.89 ? 236 HOH A O   1 
HETATM 1019 O O   . HOH B 2 .   ? -13.422 -24.045 0.820   1.00 37.95 ? 237 HOH A O   1 
HETATM 1020 O O   . HOH B 2 .   ? 10.017  2.046   -13.053 1.00 39.55 ? 238 HOH A O   1 
HETATM 1021 O O   . HOH B 2 .   ? -10.574 -7.701  -14.209 1.00 42.50 ? 239 HOH A O   1 
HETATM 1022 O O   . HOH B 2 .   ? 20.842  -7.939  -0.337  1.00 49.02 ? 240 HOH A O   1 
HETATM 1023 O O   . HOH B 2 .   ? -2.150  -22.838 6.221   1.00 41.31 ? 241 HOH A O   1 
HETATM 1024 O O   . HOH B 2 .   ? -36.549 -17.418 7.217   1.00 50.10 ? 242 HOH A O   1 
HETATM 1025 O O   . HOH B 2 .   ? 1.123   -15.046 -2.496  1.00 49.53 ? 243 HOH A O   1 
HETATM 1026 O O   . HOH B 2 .   ? 20.059  15.823  1.480   1.00 48.38 ? 244 HOH A O   1 
HETATM 1027 O O   . HOH B 2 .   ? 14.687  10.964  11.200  1.00 40.43 ? 245 HOH A O   1 
HETATM 1028 O O   . HOH B 2 .   ? -1.913  -5.191  -7.278  1.00 43.18 ? 246 HOH A O   1 
HETATM 1029 O O   . HOH B 2 .   ? -30.577 -20.008 -0.767  1.00 48.84 ? 247 HOH A O   1 
HETATM 1030 O O   . HOH B 2 .   ? 22.658  23.468  -20.468 1.00 46.54 ? 248 HOH A O   1 
# 
loop_
_atom_site_anisotrop.id 
_atom_site_anisotrop.type_symbol 
_atom_site_anisotrop.pdbx_label_atom_id 
_atom_site_anisotrop.pdbx_label_alt_id 
_atom_site_anisotrop.pdbx_label_comp_id 
_atom_site_anisotrop.pdbx_label_asym_id 
_atom_site_anisotrop.pdbx_label_seq_id 
_atom_site_anisotrop.pdbx_PDB_ins_code 
_atom_site_anisotrop.U[1][1] 
_atom_site_anisotrop.U[2][2] 
_atom_site_anisotrop.U[3][3] 
_atom_site_anisotrop.U[1][2] 
_atom_site_anisotrop.U[1][3] 
_atom_site_anisotrop.U[2][3] 
_atom_site_anisotrop.pdbx_auth_seq_id 
_atom_site_anisotrop.pdbx_auth_comp_id 
_atom_site_anisotrop.pdbx_auth_asym_id 
_atom_site_anisotrop.pdbx_auth_atom_id 
1   N N   . THR A 7   ? 0.7007 0.6901 0.9890 -0.2223 0.1046  0.0298  313 THR A N   
2   C CA  . THR A 7   ? 0.7037 0.6848 0.9720 -0.2244 0.1023  0.0310  313 THR A CA  
3   C C   . THR A 7   ? 0.6982 0.6724 0.9186 -0.2301 0.0966  0.0354  313 THR A C   
4   O O   . THR A 7   ? 0.7039 0.6745 0.9468 -0.2292 0.0985  0.0379  313 THR A O   
5   C CB  . THR A 7   ? 0.7101 0.6823 0.9991 -0.2201 0.1021  0.0301  313 THR A CB  
6   O OG1 . THR A 7   ? 0.7135 0.6714 1.0279 -0.2161 0.1003  0.0325  313 THR A OG1 
7   C CG2 . THR A 7   ? 0.7104 0.6899 1.0010 -0.2211 0.1043  0.0272  313 THR A CG2 
8   N N   . GLU A 8   ? 0.6794 0.6538 0.8333 -0.2334 0.0861  0.0400  314 GLU A N   
9   C CA  . GLU A 8   ? 0.6619 0.6192 0.7469 -0.2321 0.0802  0.0408  314 GLU A CA  
10  C C   . GLU A 8   ? 0.6527 0.5600 0.6341 -0.2289 0.0860  0.0390  314 GLU A C   
11  O O   . GLU A 8   ? 0.6573 0.5633 0.6326 -0.2269 0.0834  0.0454  314 GLU A O   
12  C CB  . GLU A 8   ? 0.6578 0.6398 0.7740 -0.2359 0.0697  0.0428  314 GLU A CB  
13  C CG  . GLU A 8   ? 0.6572 0.6567 0.8177 -0.2357 0.0669  0.0490  314 GLU A CG  
14  C CD  . GLU A 8   ? 0.6568 0.6722 0.8410 -0.2385 0.0584  0.0528  314 GLU A CD  
15  O OE1 . GLU A 8   ? 0.6635 0.6725 0.8215 -0.2444 0.0497  0.0502  314 GLU A OE1 
16  O OE2 . GLU A 8   ? 0.6501 0.6828 0.8682 -0.2346 0.0592  0.0598  314 GLU A OE2 
17  N N   . VAL A 9   ? 0.6376 0.4990 0.5130 -0.2292 0.0903  0.0303  315 VAL A N   
18  C CA  . VAL A 9   ? 0.6291 0.4605 0.4053 -0.2334 0.0860  0.0337  315 VAL A CA  
19  C C   . VAL A 9   ? 0.6220 0.4130 0.4691 -0.2176 0.1074  0.0591  315 VAL A C   
20  O O   . VAL A 9   ? 0.6182 0.3720 0.5183 -0.2089 0.1224  0.0686  315 VAL A O   
21  C CB  . VAL A 9   ? 0.6353 0.4754 0.2737 -0.2595 0.0434  0.0165  315 VAL A CB  
22  C CG1 . VAL A 9   ? 0.6282 0.4783 0.2860 -0.2604 0.0372  0.0130  315 VAL A CG1 
23  C CG2 . VAL A 9   ? 0.6371 0.4736 0.2596 -0.2702 0.0179  0.0077  315 VAL A CG2 
24  N N   . LYS A 10  ? 0.6205 0.4238 0.4564 -0.2222 0.1005  0.0738  316 LYS A N   
25  C CA  . LYS A 10  ? 0.6176 0.4432 0.5100 -0.2221 0.0862  0.1030  316 LYS A CA  
26  C C   . LYS A 10  ? 0.6026 0.4801 0.5209 -0.2299 0.0822  0.1244  316 LYS A C   
27  O O   . LYS A 10  ? 0.6054 0.5189 0.5039 -0.2404 0.0798  0.1405  316 LYS A O   
28  C CB  . LYS A 10  ? 0.6205 0.4308 0.5503 -0.2183 0.0779  0.1071  316 LYS A CB  
29  N N   . ILE A 11  ? 0.5714 0.4610 0.5914 -0.2175 0.0844  0.1275  317 ILE A N   
30  C CA  . ILE A 11  ? 0.5514 0.4374 0.6780 -0.1981 0.1003  0.1411  317 ILE A CA  
31  C C   . ILE A 11  ? 0.5115 0.4370 0.7473 -0.1796 0.1096  0.1639  317 ILE A C   
32  O O   . ILE A 11  ? 0.5050 0.4306 0.7824 -0.1763 0.0957  0.1682  317 ILE A O   
33  C CB  . ILE A 11  ? 0.5721 0.4183 0.6808 -0.1973 0.1096  0.1277  317 ILE A CB  
34  C CG1 . ILE A 11  ? 0.5859 0.4080 0.6563 -0.1970 0.1074  0.1183  317 ILE A CG1 
35  C CG2 . ILE A 11  ? 0.5752 0.4094 0.7084 -0.1941 0.1174  0.1265  317 ILE A CG2 
36  C CD1 . ILE A 11  ? 0.5889 0.3991 0.6425 -0.1935 0.1066  0.1099  317 ILE A CD1 
37  N N   . GLY A 12  ? 0.4804 0.4393 0.7559 -0.1685 0.1248  0.1662  318 GLY A N   
38  C CA  . GLY A 12  ? 0.4566 0.4414 0.7581 -0.1606 0.1297  0.1646  318 GLY A CA  
39  C C   . GLY A 12  ? 0.4246 0.4338 0.7513 -0.1564 0.1254  0.1590  318 GLY A C   
40  O O   . GLY A 12  ? 0.4332 0.4437 0.7546 -0.1643 0.1269  0.1487  318 GLY A O   
41  N N   . ALA A 13  ? 0.3944 0.3952 0.7022 -0.1461 0.1091  0.1597  319 ALA A N   
42  C CA  . ALA A 13  ? 0.3568 0.3726 0.6420 -0.1417 0.0860  0.1493  319 ALA A CA  
43  C C   . ALA A 13  ? 0.3241 0.3777 0.5495 -0.1528 0.0631  0.1343  319 ALA A C   
44  O O   . ALA A 13  ? 0.3395 0.3861 0.5214 -0.1586 0.0700  0.1490  319 ALA A O   
45  C CB  . ALA A 13  ? 0.3459 0.3599 0.6572 -0.1319 0.0804  0.1524  319 ALA A CB  
46  N N   . LYS A 14  ? 0.2832 0.3788 0.4498 -0.1656 0.0189  0.0885  320 LYS A N   
47  C CA  . LYS A 14  ? 0.2623 0.3932 0.4217 -0.1683 0.0111  0.0646  320 LYS A CA  
48  C C   . LYS A 14  ? 0.2408 0.3544 0.3595 -0.1543 0.0293  0.0285  320 LYS A C   
49  O O   . LYS A 14  ? 0.2235 0.3662 0.2814 -0.1818 0.0106  -0.0108 320 LYS A O   
50  C CB  . LYS A 14  ? 0.2737 0.4189 0.4259 -0.1859 -0.0163 0.0657  320 LYS A CB  
51  N N   . THR A 15  ? 0.2311 0.2909 0.3395 -0.0934 0.0797  0.0247  321 THR A N   
52  C CA  . THR A 15  ? 0.2344 0.2425 0.3145 -0.0638 0.0844  0.0206  321 THR A CA  
53  C C   . THR A 15  ? 0.2012 0.2368 0.2966 -0.0589 0.0706  0.0324  321 THR A C   
54  O O   . THR A 15  ? 0.1874 0.2477 0.3519 -0.0447 0.0882  0.0761  321 THR A O   
55  C CB  . THR A 15  ? 0.2725 0.2298 0.3757 -0.0317 0.1348  0.0360  321 THR A CB  
56  O OG1 . THR A 15  ? 0.2975 0.2094 0.4046 -0.0165 0.1568  0.0296  321 THR A OG1 
57  C CG2 . THR A 15  ? 0.2916 0.2348 0.3521 -0.0373 0.1498  0.0305  321 THR A CG2 
58  N N   . SER A 16  ? 0.1865 0.2110 0.2306 -0.0715 0.0287  0.0042  322 SER A N   
59  C CA  . SER A 16  ? 0.1714 0.1845 0.2451 -0.0653 -0.0077 0.0014  322 SER A CA  
60  C C   . SER A 16  ? 0.1567 0.1903 0.2642 -0.0687 -0.0226 0.0056  322 SER A C   
61  O O   . SER A 16  ? 0.1515 0.2036 0.2675 -0.0788 -0.0472 -0.0071 322 SER A O   
62  C CB  . SER A 16  ? 0.1694 0.1868 0.1798 -0.0753 -0.0371 -0.0172 322 SER A CB  
63  O OG  . SER A 16  ? 0.1628 0.1783 0.2005 -0.0669 -0.0546 -0.0071 322 SER A OG  
64  N N   . VAL A 17  ? 0.1368 0.1474 0.2825 -0.0455 -0.0143 0.0066  323 VAL A N   
65  C CA  . VAL A 17  ? 0.1279 0.1757 0.2764 -0.0477 0.0064  0.0190  323 VAL A CA  
66  C C   . VAL A 17  ? 0.1245 0.1921 0.2105 -0.0589 -0.0068 0.0106  323 VAL A C   
67  O O   . VAL A 17  ? 0.1335 0.2151 0.2144 -0.0710 -0.0082 0.0018  323 VAL A O   
68  C CB  . VAL A 17  ? 0.1517 0.1645 0.2920 -0.0608 -0.0120 0.0396  323 VAL A CB  
69  C CG1 . VAL A 17  ? 0.1302 0.1336 0.3026 -0.0393 0.0082  0.0262  323 VAL A CG1 
70  C CG2 . VAL A 17  ? 0.1639 0.2011 0.3944 -0.0617 0.0037  0.0660  323 VAL A CG2 
71  N N   . MET A 18  ? 0.1067 0.1795 0.1344 -0.0572 -0.0045 -0.0029 324 MET A N   
72  C CA  . MET A 18  ? 0.1034 0.1365 0.1689 -0.0429 -0.0110 0.0145  324 MET A CA  
73  C C   . MET A 18  ? 0.1318 0.1499 0.1523 -0.0585 -0.0139 0.0058  324 MET A C   
74  O O   . MET A 18  ? 0.1681 0.1220 0.1694 -0.0621 -0.0022 -0.0124 324 MET A O   
75  C CB  . MET A 18  ? 0.0662 0.0957 0.2449 -0.0041 0.0147  0.0388  324 MET A CB  
76  C CG  . MET A 18  ? 0.0860 0.0940 0.1831 -0.0273 0.0171  0.0194  324 MET A CG  
77  S SD  . MET A 18  ? 0.0520 0.0814 0.0754 -0.0213 0.0010  0.0062  324 MET A SD  
78  C CE  . MET A 18  ? 0.0777 0.1307 0.2413 -0.0576 -0.0312 0.0314  324 MET A CE  
79  N N   . LYS A 19  ? 0.1206 0.1431 0.1428 -0.0395 0.0048  0.0171  325 LYS A N   
80  C CA  . LYS A 19  ? 0.1268 0.1741 0.1446 -0.0569 -0.0049 0.0318  325 LYS A CA  
81  C C   . LYS A 19  ? 0.1351 0.1756 0.1450 -0.0545 0.0003  0.0252  325 LYS A C   
82  O O   . LYS A 19  ? 0.1185 0.1773 0.1697 -0.0346 0.0117  0.0304  325 LYS A O   
83  C CB  . LYS A 19  ? 0.1158 0.1738 0.1485 -0.0548 0.0096  0.0285  325 LYS A CB  
84  C CG  . LYS A 19  ? 0.0956 0.1820 0.1184 -0.0560 0.0156  0.0041  325 LYS A CG  
85  C CD  . LYS A 19  ? 0.1003 0.1791 0.1709 -0.0527 0.0533  -0.0090 325 LYS A CD  
86  C CE  . LYS A 19  ? 0.1069 0.1700 0.1984 -0.0571 0.0574  -0.0231 325 LYS A CE  
87  N NZ  . LYS A 19  ? 0.1270 0.2015 0.1876 -0.0933 0.0345  -0.0196 325 LYS A NZ  
88  N N   . GLU A 20  ? 0.1440 0.1881 0.1733 -0.0659 -0.0004 0.0239  326 GLU A N   
89  C CA  . GLU A 20  ? 0.1466 0.1774 0.1439 -0.0700 -0.0071 0.0075  326 GLU A CA  
90  C C   . GLU A 20  ? 0.1484 0.1797 0.1871 -0.0660 -0.0146 0.0334  326 GLU A C   
91  O O   . GLU A 20  ? 0.1614 0.1688 0.2281 -0.0697 0.0016  0.0230  326 GLU A O   
92  C CB  . GLU A 20  ? 0.1390 0.1940 0.1978 -0.0646 0.0015  0.0254  326 GLU A CB  
93  C CG  . GLU A 20  ? 0.1443 0.1819 0.1775 -0.0653 0.0000  0.0139  326 GLU A CG  
94  C CD  . GLU A 20  ? 0.1529 0.2064 0.2149 -0.0701 0.0056  0.0475  326 GLU A CD  
95  O OE1 . GLU A 20  ? 0.1747 0.2031 0.1919 -0.0837 0.0129  0.0320  326 GLU A OE1 
96  O OE2 . GLU A 20  ? 0.1571 0.1981 0.2095 -0.0697 -0.0031 0.0507  326 GLU A OE2 
97  N N   . LYS A 21  ? 0.1529 0.1766 0.1468 -0.0607 -0.0220 0.0475  327 LYS A N   
98  C CA  . LYS A 21  ? 0.1819 0.1722 0.1994 -0.0619 -0.0194 0.0498  327 LYS A CA  
99  C C   . LYS A 21  ? 0.1695 0.1541 0.1579 -0.0554 -0.0056 0.0109  327 LYS A C   
100 O O   . LYS A 21  ? 0.1453 0.1433 0.1229 -0.0398 -0.0052 0.0195  327 LYS A O   
101 C CB  . LYS A 21  ? 0.2156 0.2089 0.2258 -0.0828 -0.0469 0.0735  327 LYS A CB  
102 C CG  . LYS A 21  ? 0.2529 0.2484 0.3430 -0.0993 -0.0636 0.1089  327 LYS A CG  
103 C CD  . LYS A 21  ? 0.2856 0.2815 0.4132 -0.1211 -0.0697 0.1254  327 LYS A CD  
104 C CE  . LYS A 21  ? 0.3043 0.3089 0.5185 -0.1242 -0.0611 0.1673  327 LYS A CE  
105 N NZ  . LYS A 21  ? 0.3335 0.3345 0.5361 -0.1358 -0.0560 0.1874  327 LYS A NZ  
106 N N   . ASP A 22  ? 0.1694 0.1674 0.1663 -0.0525 0.0066  -0.0171 328 ASP A N   
107 C CA  . ASP A 22  ? 0.1973 0.1745 0.1638 -0.0542 0.0301  -0.0020 328 ASP A CA  
108 C C   . ASP A 22  ? 0.1865 0.1751 0.1429 -0.0597 0.0269  -0.0199 328 ASP A C   
109 O O   . ASP A 22  ? 0.2000 0.1803 0.1499 -0.0557 0.0422  -0.0221 328 ASP A O   
110 C CB  . ASP A 22  ? 0.2235 0.1842 0.2541 -0.0440 0.0467  0.0366  328 ASP A CB  
111 C CG  . ASP A 22  ? 0.2566 0.2114 0.3199 -0.0596 0.0404  0.0772  328 ASP A CG  
112 O OD1 . ASP A 22  ? 0.2510 0.2185 0.2921 -0.0613 0.0472  0.0787  328 ASP A OD1 
113 O OD2 . ASP A 22  ? 0.2776 0.2246 0.3473 -0.0696 0.0133  0.0847  328 ASP A OD2 
114 N N   . GLY A 23  ? 0.1685 0.1394 0.1731 -0.0509 0.0105  -0.0082 329 GLY A N   
115 C CA  . GLY A 23  ? 0.1756 0.1487 0.2065 -0.0633 0.0052  -0.0129 329 GLY A CA  
116 C C   . GLY A 23  ? 0.1845 0.1753 0.1495 -0.0842 -0.0158 -0.0194 329 GLY A C   
117 O O   . GLY A 23  ? 0.1968 0.2093 0.1005 -0.1092 -0.0387 -0.0164 329 GLY A O   
118 N N   . LYS A 24  ? 0.1674 0.1864 0.1468 -0.0827 -0.0184 -0.0142 330 LYS A N   
119 C CA  . LYS A 24  ? 0.1552 0.1933 0.1021 -0.0699 -0.0036 -0.0098 330 LYS A CA  
120 C C   . LYS A 24  ? 0.1195 0.1762 0.1399 -0.0439 0.0199  0.0163  330 LYS A C   
121 O O   . LYS A 24  ? 0.0955 0.1473 0.2077 -0.0225 0.0340  0.0212  330 LYS A O   
122 C CB  . LYS A 24  ? 0.2036 0.2159 0.0514 -0.0972 -0.0197 -0.0202 330 LYS A CB  
123 C CG  . LYS A 24  ? 0.2071 0.2298 0.0404 -0.0767 0.0021  -0.0032 330 LYS A CG  
124 C CD  . LYS A 24  ? 0.2095 0.2226 0.0614 -0.0673 0.0157  0.0087  330 LYS A CD  
125 C CE  . LYS A 24  ? 0.2054 0.2095 0.1441 -0.0407 0.0444  0.0334  330 LYS A CE  
126 N NZ  . LYS A 24  ? 0.2088 0.2063 0.1418 -0.0365 0.0351  0.0430  330 LYS A NZ  
127 N N   . LEU A 25  ? 0.1098 0.1951 0.0863 -0.0425 0.0077  0.0320  331 LEU A N   
128 C CA  . LEU A 25  ? 0.1203 0.1913 0.1199 -0.0498 -0.0140 0.0440  331 LEU A CA  
129 C C   . LEU A 25  ? 0.1098 0.1717 0.1846 -0.0460 -0.0069 0.0359  331 LEU A C   
130 O O   . LEU A 25  ? 0.1099 0.1766 0.1556 -0.0602 -0.0120 0.0045  331 LEU A O   
131 C CB  . LEU A 25  ? 0.1427 0.2083 0.1052 -0.0629 -0.0359 0.0415  331 LEU A CB  
132 C CG  . LEU A 25  ? 0.1657 0.2105 0.0638 -0.0800 -0.0520 0.0185  331 LEU A CG  
133 C CD1 . LEU A 25  ? 0.1665 0.1999 0.1120 -0.0677 -0.0425 0.0440  331 LEU A CD1 
134 C CD2 . LEU A 25  ? 0.1630 0.2049 0.0777 -0.0744 -0.0634 0.0153  331 LEU A CD2 
135 N N   . PHE A 26  ? 0.0919 0.1705 0.2035 -0.0431 -0.0050 0.0232  332 PHE A N   
136 C CA  . PHE A 26  ? 0.1019 0.1636 0.1786 -0.0424 0.0092  0.0157  332 PHE A CA  
137 C C   . PHE A 26  ? 0.1020 0.1615 0.1970 -0.0336 0.0170  0.0190  332 PHE A C   
138 O O   . PHE A 26  ? 0.1016 0.1688 0.1592 -0.0423 0.0271  0.0042  332 PHE A O   
139 C CB  . PHE A 26  ? 0.0926 0.1344 0.1605 -0.0274 0.0200  0.0025  332 PHE A CB  
140 C CG  . PHE A 26  ? 0.0822 0.1443 0.1720 -0.0279 0.0207  0.0186  332 PHE A CG  
141 C CD1 . PHE A 26  ? 0.0898 0.1495 0.1976 -0.0291 0.0311  0.0198  332 PHE A CD1 
142 C CD2 . PHE A 26  ? 0.0866 0.1466 0.1858 -0.0165 0.0504  0.0225  332 PHE A CD2 
143 C CE1 . PHE A 26  ? 0.0930 0.1398 0.2265 -0.0237 0.0422  0.0228  332 PHE A CE1 
144 C CE2 . PHE A 26  ? 0.0889 0.1609 0.1810 -0.0344 0.0338  0.0175  332 PHE A CE2 
145 C CZ  . PHE A 26  ? 0.0980 0.1510 0.2503 -0.0290 0.0481  0.0268  332 PHE A CZ  
146 N N   . THR A 27  ? 0.1124 0.1307 0.1802 -0.0247 0.0115  -0.0133 333 THR A N   
147 C CA  . THR A 27  ? 0.1152 0.1405 0.1992 -0.0187 0.0039  -0.0219 333 THR A CA  
148 C C   . THR A 27  ? 0.1176 0.1464 0.2062 -0.0077 0.0105  -0.0230 333 THR A C   
149 O O   . THR A 27  ? 0.1228 0.1295 0.1853 -0.0007 0.0131  -0.0404 333 THR A O   
150 C CB  . THR A 27  ? 0.1258 0.1489 0.1933 -0.0213 -0.0013 -0.0208 333 THR A CB  
151 O OG1 . THR A 27  ? 0.1172 0.1606 0.1784 -0.0416 -0.0560 -0.0320 333 THR A OG1 
152 C CG2 . THR A 27  ? 0.1125 0.1235 0.2159 0.0009  0.0038  -0.0187 333 THR A CG2 
153 N N   . GLY A 28  ? 0.1203 0.1643 0.1992 -0.0073 0.0060  -0.0199 334 GLY A N   
154 C CA  . GLY A 28  ? 0.1290 0.1848 0.1890 -0.0182 -0.0150 -0.0047 334 GLY A CA  
155 C C   . GLY A 28  ? 0.1399 0.1954 0.1659 -0.0296 -0.0199 -0.0110 334 GLY A C   
156 O O   . GLY A 28  ? 0.1369 0.1662 0.2123 -0.0183 -0.0031 -0.0165 334 GLY A O   
157 N N   . LYS A 29  ? 0.1395 0.2096 0.1469 -0.0336 -0.0285 -0.0059 335 LYS A N   
158 C CA  . LYS A 29  ? 0.1555 0.2422 0.0725 -0.0483 -0.0463 -0.0146 335 LYS A CA  
159 C C   . LYS A 29  ? 0.1338 0.2360 0.1392 -0.0267 -0.0310 -0.0069 335 LYS A C   
160 O O   . LYS A 29  ? 0.1215 0.2165 0.2207 0.0149  0.0222  0.0125  335 LYS A O   
161 C CB  . LYS A 29  ? 0.1914 0.2626 0.0746 -0.0638 -0.0595 -0.0210 335 LYS A CB  
162 C CG  . LYS A 29  ? 0.2179 0.2733 0.1008 -0.0762 -0.0784 -0.0383 335 LYS A CG  
163 C CD  . LYS A 29  ? 0.2409 0.2998 0.1316 -0.0909 -0.1011 -0.0479 335 LYS A CD  
164 C CE  . LYS A 29  ? 0.2300 0.2965 0.2636 -0.0631 -0.0645 -0.0392 335 LYS A CE  
165 N NZ  . LYS A 29  ? 0.2455 0.3212 0.2969 -0.0696 -0.0571 -0.0301 335 LYS A NZ  
166 N N   . ALA A 30  ? 0.1245 0.2196 0.2006 -0.0236 -0.0190 -0.0211 336 ALA A N   
167 C CA  . ALA A 30  ? 0.1067 0.2106 0.1985 -0.0012 -0.0164 -0.0141 336 ALA A CA  
168 C C   . ALA A 30  ? 0.1238 0.2126 0.1584 -0.0155 -0.0288 -0.0106 336 ALA A C   
169 O O   . ALA A 30  ? 0.1288 0.2300 0.1763 -0.0057 0.0016  0.0012  336 ALA A O   
170 C CB  . ALA A 30  ? 0.0870 0.1951 0.2331 0.0196  -0.0153 -0.0141 336 ALA A CB  
171 N N   . ASN A 31  ? 0.1125 0.1697 0.1467 -0.0011 -0.0481 -0.0150 337 ASN A N   
172 C CA  . ASN A 31  ? 0.1187 0.1666 0.1046 -0.0111 -0.0504 -0.0357 337 ASN A CA  
173 C C   . ASN A 31  ? 0.1096 0.1816 0.1715 -0.0011 -0.0369 0.0038  337 ASN A C   
174 O O   . ASN A 31  ? 0.1018 0.1962 0.1906 -0.0020 -0.0253 0.0379  337 ASN A O   
175 C CB  . ASN A 31  ? 0.1329 0.1594 0.1326 -0.0145 -0.0437 -0.0438 337 ASN A CB  
176 C CG  . ASN A 31  ? 0.1455 0.1660 0.1713 -0.0011 -0.0154 -0.0392 337 ASN A CG  
177 O OD1 . ASN A 31  ? 0.1846 0.1968 0.1901 -0.0091 -0.0067 -0.0133 337 ASN A OD1 
178 N ND2 . ASN A 31  ? 0.1291 0.1587 0.1183 -0.0194 -0.0293 -0.0795 337 ASN A ND2 
179 N N   . LYS A 32  ? 0.1019 0.2136 0.1362 -0.0004 -0.0325 0.0103  338 LYS A N   
180 C CA  . LYS A 32  ? 0.1094 0.2444 0.1615 -0.0024 -0.0287 0.0190  338 LYS A CA  
181 C C   . LYS A 32  ? 0.1231 0.2478 0.2000 -0.0087 -0.0236 0.0435  338 LYS A C   
182 O O   . LYS A 32  ? 0.1444 0.2345 0.2278 -0.0043 -0.0134 0.0717  338 LYS A O   
183 C CB  . LYS A 32  ? 0.1034 0.2460 0.2393 0.0224  -0.0232 0.0194  338 LYS A CB  
184 C CG  . LYS A 32  ? 0.1367 0.2665 0.2715 0.0211  -0.0305 0.0312  338 LYS A CG  
185 C CD  . LYS A 32  ? 0.1562 0.2700 0.3599 0.0343  -0.0184 0.0395  338 LYS A CD  
186 C CE  . LYS A 32  ? 0.2077 0.3113 0.4118 0.0126  -0.0190 0.0450  338 LYS A CE  
187 N NZ  . LYS A 32  ? 0.2226 0.3177 0.5142 0.0204  -0.0066 0.0614  338 LYS A NZ  
188 N N   . GLU A 33  ? 0.1218 0.2571 0.1977 -0.0152 -0.0095 0.0400  339 GLU A N   
189 C CA  . GLU A 33  ? 0.1448 0.2740 0.1890 -0.0329 -0.0049 0.0429  339 GLU A CA  
190 C C   . GLU A 33  ? 0.1810 0.2927 0.1793 -0.0429 0.0025  0.0656  339 GLU A C   
191 O O   . GLU A 33  ? 0.1955 0.3069 0.1815 -0.0356 -0.0095 0.1027  339 GLU A O   
192 C CB  . GLU A 33  ? 0.1488 0.2815 0.1853 -0.0398 -0.0017 0.0402  339 GLU A CB  
193 C CG  . GLU A 33  ? 0.1523 0.2789 0.2359 -0.0560 -0.0103 0.0193  339 GLU A CG  
194 C CD  . GLU A 33  ? 0.1561 0.3071 0.2964 -0.0660 -0.0176 0.0191  339 GLU A CD  
195 O OE1 . GLU A 33  ? 0.1752 0.2957 0.2684 -0.0730 -0.0154 0.0004  339 GLU A OE1 
196 O OE2 . GLU A 33  ? 0.1485 0.3245 0.3292 -0.0702 -0.0354 0.0291  339 GLU A OE2 
197 N N   . THR A 34  ? 0.1680 0.2690 0.1864 -0.0394 -0.0004 0.0401  340 THR A N   
198 C CA  . THR A 34  ? 0.1834 0.2428 0.2110 -0.0416 0.0148  0.0185  340 THR A CA  
199 C C   . THR A 34  ? 0.1732 0.2315 0.2015 -0.0232 -0.0041 0.0488  340 THR A C   
200 O O   . THR A 34  ? 0.1789 0.2122 0.2066 -0.0184 -0.0058 0.0605  340 THR A O   
201 C CB  . THR A 34  ? 0.2039 0.2393 0.3318 -0.0475 0.0535  -0.0038 340 THR A CB  
202 O OG1 . THR A 34  ? 0.2303 0.2325 0.4504 -0.0532 0.0647  0.0012  340 THR A OG1 
203 C CG2 . THR A 34  ? 0.2087 0.2709 0.3141 -0.0501 0.0847  -0.0052 340 THR A CG2 
204 N N   . ASN A 35  ? 0.1661 0.2151 0.1362 -0.0152 -0.0178 0.0325  341 ASN A N   
205 C CA  . ASN A 35  ? 0.1772 0.2077 0.1690 -0.0121 -0.0283 0.0391  341 ASN A CA  
206 C C   . ASN A 35  ? 0.1844 0.1888 0.2285 -0.0073 -0.0284 0.0298  341 ASN A C   
207 O O   . ASN A 35  ? 0.1734 0.1808 0.2566 -0.0153 -0.0530 0.0458  341 ASN A O   
208 C CB  . ASN A 35  ? 0.1825 0.2055 0.1457 -0.0193 -0.0192 0.0270  341 ASN A CB  
209 C CG  . ASN A 35  ? 0.1748 0.2252 0.1420 -0.0284 -0.0091 0.0202  341 ASN A CG  
210 O OD1 . ASN A 35  ? 0.1600 0.2210 0.2443 -0.0178 -0.0092 0.0389  341 ASN A OD1 
211 N ND2 . ASN A 35  ? 0.1685 0.2078 0.1518 -0.0206 0.0076  0.0211  341 ASN A ND2 
212 N N   . LYS A 36  ? 0.2010 0.1885 0.2307 -0.0036 -0.0184 0.0229  342 LYS A N   
213 C CA  . LYS A 36  ? 0.2401 0.2124 0.1977 -0.0077 0.0068  0.0195  342 LYS A CA  
214 C C   . LYS A 36  ? 0.2441 0.2019 0.2287 -0.0067 0.0019  0.0236  342 LYS A C   
215 O O   . LYS A 36  ? 0.2593 0.1868 0.2901 0.0022  0.0257  0.0089  342 LYS A O   
216 C CB  . LYS A 36  ? 0.2639 0.2246 0.2341 -0.0052 0.0141  0.0236  342 LYS A CB  
217 C CG  . LYS A 36  ? 0.2880 0.2515 0.2720 -0.0154 0.0205  0.0200  342 LYS A CG  
218 C CD  . LYS A 36  ? 0.3203 0.2754 0.2873 -0.0296 0.0448  0.0000  342 LYS A CD  
219 C CE  . LYS A 36  ? 0.3459 0.3130 0.3307 -0.0530 0.0474  -0.0127 342 LYS A CE  
220 N NZ  . LYS A 36  ? 0.3605 0.3386 0.3895 -0.0578 0.0646  -0.0014 342 LYS A NZ  
221 N N   . VAL A 37  ? 0.2236 0.2173 0.1261 -0.0110 -0.0024 0.0323  343 VAL A N   
222 C CA  . VAL A 37  ? 0.2111 0.2315 0.0987 -0.0251 -0.0182 0.0131  343 VAL A CA  
223 C C   . VAL A 37  ? 0.2006 0.2560 0.1615 -0.0165 0.0085  0.0013  343 VAL A C   
224 O O   . VAL A 37  ? 0.1725 0.2336 0.2232 0.0024  0.0342  -0.0304 343 VAL A O   
225 C CB  . VAL A 37  ? 0.2049 0.2183 0.1060 -0.0100 0.0010  0.0135  343 VAL A CB  
226 C CG1 . VAL A 37  ? 0.2243 0.2288 0.1120 -0.0266 -0.0161 0.0134  343 VAL A CG1 
227 C CG2 . VAL A 37  ? 0.2046 0.2418 0.1279 -0.0124 0.0068  0.0346  343 VAL A CG2 
228 N N   . ASP A 38  ? 0.2177 0.2779 0.1691 -0.0209 0.0171  0.0034  344 ASP A N   
229 C CA  . ASP A 38  ? 0.2376 0.3136 0.2514 -0.0175 0.0335  0.0278  344 ASP A CA  
230 C C   . ASP A 38  ? 0.2529 0.3032 0.2396 -0.0355 0.0339  0.0118  344 ASP A C   
231 O O   . ASP A 38  ? 0.2555 0.2884 0.2010 -0.0391 0.0282  -0.0013 344 ASP A O   
232 C CB  . ASP A 38  ? 0.2373 0.3415 0.3798 0.0098  0.0539  0.0687  344 ASP A CB  
233 C CG  . ASP A 38  ? 0.2478 0.3628 0.5360 0.0338  0.0855  0.1006  344 ASP A CG  
234 O OD1 . ASP A 38  ? 0.2524 0.3808 0.5806 0.0386  0.1018  0.1193  344 ASP A OD1 
235 O OD2 . ASP A 38  ? 0.2522 0.3782 0.5895 0.0387  0.0858  0.1152  344 ASP A OD2 
236 N N   . GLY A 39  ? 0.2555 0.2943 0.2307 -0.0413 0.0431  -0.0154 345 GLY A N   
237 C CA  . GLY A 39  ? 0.2461 0.2951 0.2270 -0.0415 0.0469  -0.0266 345 GLY A CA  
238 C C   . GLY A 39  ? 0.2289 0.2854 0.2719 -0.0299 0.0516  -0.0400 345 GLY A C   
239 O O   . GLY A 39  ? 0.2205 0.2776 0.2968 -0.0147 0.0505  -0.0198 345 GLY A O   
240 N N   . ALA A 40  ? 0.2113 0.3082 0.2293 -0.0358 0.0557  -0.0617 346 ALA A N   
241 C CA  . ALA A 40  ? 0.1956 0.3351 0.2734 -0.0302 0.0620  -0.0623 346 ALA A CA  
242 C C   . ALA A 40  ? 0.2045 0.3355 0.3223 -0.0268 0.0710  -0.0671 346 ALA A C   
243 O O   . ALA A 40  ? 0.2177 0.3244 0.3510 -0.0327 0.0718  -0.0999 346 ALA A O   
244 C CB  . ALA A 40  ? 0.1610 0.3454 0.2924 -0.0110 0.0707  -0.0610 346 ALA A CB  
245 N N   . ASN A 41  ? 0.2118 0.3359 0.3254 -0.0269 0.0703  -0.0542 347 ASN A N   
246 C CA  . ASN A 41  ? 0.2447 0.3375 0.3197 -0.0434 0.0613  -0.0522 347 ASN A CA  
247 C C   . ASN A 41  ? 0.2202 0.3342 0.3247 -0.0356 0.0491  -0.0354 347 ASN A C   
248 O O   . ASN A 41  ? 0.2058 0.3055 0.3106 -0.0199 0.0481  -0.0457 347 ASN A O   
249 C CB  . ASN A 41  ? 0.2735 0.3410 0.3387 -0.0426 0.0723  -0.0477 347 ASN A CB  
250 C CG  . ASN A 41  ? 0.2965 0.3305 0.3871 -0.0360 0.0791  -0.0333 347 ASN A CG  
251 O OD1 . ASN A 41  ? 0.2961 0.3253 0.4282 -0.0313 0.0781  -0.0279 347 ASN A OD1 
252 N ND2 . ASN A 41  ? 0.3099 0.3192 0.3991 -0.0334 0.0785  -0.0312 347 ASN A ND2 
253 N N   . ALA A 42  ? 0.1850 0.3442 0.3354 -0.0384 0.0175  -0.0290 348 ALA A N   
254 C CA  . ALA A 42  ? 0.1635 0.3432 0.3654 -0.0275 0.0197  -0.0100 348 ALA A CA  
255 C C   . ALA A 42  ? 0.1446 0.3456 0.3475 -0.0262 0.0287  -0.0043 348 ALA A C   
256 O O   . ALA A 42  ? 0.1319 0.3374 0.3235 -0.0148 0.0402  -0.0209 348 ALA A O   
257 C CB  . ALA A 42  ? 0.1652 0.3542 0.3947 -0.0364 0.0029  0.0006  348 ALA A CB  
258 N N   . THR A 43  ? 0.1300 0.3417 0.3328 -0.0300 0.0171  0.0060  349 THR A N   
259 C CA  . THR A 43  ? 0.1397 0.3390 0.3353 -0.0397 0.0377  0.0121  349 THR A CA  
260 C C   . THR A 43  ? 0.1271 0.3063 0.2881 -0.0454 0.0258  -0.0233 349 THR A C   
261 O O   . THR A 43  ? 0.1155 0.3014 0.2560 -0.0583 0.0399  -0.0660 349 THR A O   
262 C CB  . THR A 43  ? 0.1688 0.3616 0.3976 -0.0467 0.0660  0.0468  349 THR A CB  
263 O OG1 . THR A 43  ? 0.1945 0.3747 0.3807 -0.0672 0.0710  0.0542  349 THR A OG1 
264 C CG2 . THR A 43  ? 0.1812 0.3689 0.4295 -0.0438 0.0848  0.0639  349 THR A CG2 
265 N N   . GLU A 44  ? 0.1255 0.2610 0.2403 -0.0383 0.0141  -0.0443 350 GLU A N   
266 C CA  . GLU A 44  ? 0.1347 0.2532 0.1955 -0.0283 0.0195  -0.0418 350 GLU A CA  
267 C C   . GLU A 44  ? 0.1216 0.2410 0.2190 -0.0095 -0.0003 -0.0165 350 GLU A C   
268 O O   . GLU A 44  ? 0.0980 0.2031 0.2564 0.0331  -0.0057 0.0093  350 GLU A O   
269 C CB  . GLU A 44  ? 0.1567 0.2151 0.1788 -0.0264 0.0431  -0.0717 350 GLU A CB  
270 C CG  . GLU A 44  ? 0.1791 0.2232 0.2167 -0.0354 0.0225  -0.0466 350 GLU A CG  
271 C CD  . GLU A 44  ? 0.2165 0.2263 0.2302 -0.0410 0.0375  -0.0357 350 GLU A CD  
272 O OE1 . GLU A 44  ? 0.2154 0.2322 0.2007 -0.0353 0.0225  -0.0101 350 GLU A OE1 
273 O OE2 . GLU A 44  ? 0.2569 0.2296 0.2317 -0.0605 0.0513  -0.0501 350 GLU A OE2 
274 N N   . ASP A 45  ? 0.1373 0.2532 0.1594 -0.0265 -0.0324 -0.0109 351 ASP A N   
275 C CA  . ASP A 45  ? 0.1447 0.2570 0.2223 -0.0252 -0.0193 -0.0307 351 ASP A CA  
276 C C   . ASP A 45  ? 0.1376 0.2726 0.2220 -0.0104 0.0020  -0.0206 351 ASP A C   
277 O O   . ASP A 45  ? 0.1184 0.2822 0.1966 -0.0011 0.0183  -0.0359 351 ASP A O   
278 C CB  . ASP A 45  ? 0.1603 0.2627 0.2660 -0.0297 -0.0248 -0.0264 351 ASP A CB  
279 C CG  . ASP A 45  ? 0.1718 0.2999 0.3169 -0.0294 0.0006  -0.0207 351 ASP A CG  
280 O OD1 . ASP A 45  ? 0.1591 0.2896 0.2982 -0.0241 0.0176  -0.0398 351 ASP A OD1 
281 O OD2 . ASP A 45  ? 0.1796 0.3196 0.3692 -0.0303 -0.0002 -0.0118 351 ASP A OD2 
282 N N   . ALA A 46  ? 0.1445 0.2493 0.2465 -0.0019 0.0115  -0.0332 352 ALA A N   
283 C CA  . ALA A 46  ? 0.1384 0.2503 0.2858 0.0098  0.0022  -0.0100 352 ALA A CA  
284 C C   . ALA A 46  ? 0.1466 0.2429 0.2525 0.0119  0.0006  -0.0105 352 ALA A C   
285 O O   . ALA A 46  ? 0.1560 0.2487 0.2578 0.0055  -0.0083 -0.0118 352 ALA A O   
286 C CB  . ALA A 46  ? 0.1512 0.2490 0.3187 0.0073  0.0145  -0.0117 352 ALA A CB  
287 N N   . ASP A 47  ? 0.1355 0.2377 0.2127 0.0107  -0.0156 -0.0190 353 ASP A N   
288 C CA  . ASP A 47  ? 0.1473 0.2473 0.2156 -0.0011 -0.0169 -0.0216 353 ASP A CA  
289 C C   . ASP A 47  ? 0.1573 0.2305 0.1904 -0.0036 -0.0291 -0.0420 353 ASP A C   
290 O O   . ASP A 47  ? 0.1057 0.2048 0.2448 0.0137  -0.0256 -0.0684 353 ASP A O   
291 C CB  . ASP A 47  ? 0.1672 0.2601 0.1832 -0.0105 -0.0082 -0.0156 353 ASP A CB  
292 C CG  . ASP A 47  ? 0.1893 0.2497 0.2098 -0.0065 0.0195  -0.0120 353 ASP A CG  
293 O OD1 . ASP A 47  ? 0.2164 0.1907 0.1731 -0.0170 0.0068  -0.0589 353 ASP A OD1 
294 O OD2 . ASP A 47  ? 0.1885 0.2599 0.2409 0.0099  0.0307  0.0127  353 ASP A OD2 
295 N N   . GLU A 48  ? 0.1930 0.2367 0.1798 -0.0186 -0.0489 -0.0227 354 GLU A N   
296 C CA  . GLU A 48  ? 0.2317 0.2515 0.1463 -0.0375 -0.0729 -0.0273 354 GLU A CA  
297 C C   . GLU A 48  ? 0.2115 0.1935 0.2112 -0.0264 -0.0573 -0.0253 354 GLU A C   
298 O O   . GLU A 48  ? 0.1897 0.1687 0.2097 -0.0055 -0.0504 -0.0316 354 GLU A O   
299 C CB  . GLU A 48  ? 0.2857 0.2972 0.1995 -0.0553 -0.0847 -0.0271 354 GLU A CB  
300 C CG  . GLU A 48  ? 0.3493 0.3470 0.1849 -0.0891 -0.1072 -0.0406 354 GLU A CG  
301 C CD  . GLU A 48  ? 0.4054 0.3884 0.2935 -0.0986 -0.1026 -0.0106 354 GLU A CD  
302 O OE1 . GLU A 48  ? 0.4141 0.3895 0.3275 -0.0970 -0.1009 -0.0188 354 GLU A OE1 
303 O OE2 . GLU A 48  ? 0.4402 0.4182 0.3408 -0.1142 -0.0928 -0.0101 354 GLU A OE2 
304 N N   . GLY A 49  ? 0.2211 0.1766 0.1853 -0.0423 -0.0644 -0.0143 355 GLY A N   
305 C CA  . GLY A 49  ? 0.2169 0.1751 0.1757 -0.0442 -0.0520 -0.0066 355 GLY A CA  
306 C C   . GLY A 49  ? 0.2109 0.1775 0.1590 -0.0475 -0.0431 -0.0203 355 GLY A C   
307 O O   . GLY A 49  ? 0.2121 0.1610 0.2078 -0.0355 -0.0072 -0.0224 355 GLY A O   
308 N N   . LYS A 50  ? 0.1950 0.2202 0.1102 -0.0654 -0.0655 -0.0235 356 LYS A N   
309 C CA  . LYS A 50  ? 0.1950 0.2409 0.1653 -0.0675 -0.0555 -0.0127 356 LYS A CA  
310 C C   . LYS A 50  ? 0.1665 0.2348 0.1961 -0.0563 -0.0531 0.0138  356 LYS A C   
311 O O   . LYS A 50  ? 0.1665 0.2293 0.2190 -0.0615 -0.0348 0.0110  356 LYS A O   
312 C CB  . LYS A 50  ? 0.2634 0.2983 0.1943 -0.1089 -0.0626 -0.0051 356 LYS A CB  
313 C CG  . LYS A 50  ? 0.3243 0.3506 0.2892 -0.1413 -0.0630 0.0241  356 LYS A CG  
314 C CD  . LYS A 50  ? 0.3705 0.4038 0.3795 -0.1615 -0.0568 0.0661  356 LYS A CD  
315 C CE  . LYS A 50  ? 0.4054 0.4202 0.4705 -0.1674 -0.0492 0.0992  356 LYS A CE  
316 N NZ  . LYS A 50  ? 0.4152 0.4310 0.5304 -0.1700 -0.0479 0.1142  356 LYS A NZ  
317 N N   . GLY A 51  ? 0.1573 0.2299 0.1815 -0.0434 -0.0223 0.0037  357 GLY A N   
318 C CA  . GLY A 51  ? 0.1435 0.2244 0.1883 -0.0391 -0.0332 0.0114  357 GLY A CA  
319 C C   . GLY A 51  ? 0.1562 0.1985 0.2233 -0.0372 -0.0123 0.0138  357 GLY A C   
320 O O   . GLY A 51  ? 0.1474 0.1909 0.2111 -0.0338 -0.0146 0.0208  357 GLY A O   
321 N N   . LEU A 52  ? 0.1659 0.1889 0.2297 -0.0440 -0.0223 0.0300  358 LEU A N   
322 C CA  . LEU A 52  ? 0.1758 0.1801 0.2103 -0.0507 -0.0111 0.0133  358 LEU A CA  
323 C C   . LEU A 52  ? 0.1677 0.1946 0.1884 -0.0585 -0.0171 0.0115  358 LEU A C   
324 O O   . LEU A 52  ? 0.1752 0.1898 0.1852 -0.0637 -0.0149 -0.0044 358 LEU A O   
325 C CB  . LEU A 52  ? 0.2048 0.1847 0.2378 -0.0633 0.0048  0.0047  358 LEU A CB  
326 C CG  . LEU A 52  ? 0.2290 0.1994 0.2977 -0.0730 0.0127  0.0141  358 LEU A CG  
327 C CD1 . LEU A 52  ? 0.2457 0.2237 0.3120 -0.0925 0.0029  0.0228  358 LEU A CD1 
328 C CD2 . LEU A 52  ? 0.2237 0.1982 0.3196 -0.0628 0.0183  0.0103  358 LEU A CD2 
329 N N   . VAL A 53  ? 0.1280 0.1829 0.2309 -0.0386 -0.0192 0.0231  359 VAL A N   
330 C CA  . VAL A 53  ? 0.1385 0.1932 0.1476 -0.0512 -0.0280 0.0299  359 VAL A CA  
331 C C   . VAL A 53  ? 0.1485 0.1959 0.2074 -0.0530 -0.0095 0.0295  359 VAL A C   
332 O O   . VAL A 53  ? 0.1553 0.2068 0.2046 -0.0630 -0.0272 0.0523  359 VAL A O   
333 C CB  . VAL A 53  ? 0.1208 0.1939 0.1577 -0.0287 -0.0153 0.0677  359 VAL A CB  
334 C CG1 . VAL A 53  ? 0.1189 0.1867 0.2051 -0.0062 0.0304  0.0934  359 VAL A CG1 
335 C CG2 . VAL A 53  ? 0.1202 0.1793 0.2274 -0.0100 0.0128  0.0686  359 VAL A CG2 
336 N N   . THR A 54  ? 0.1430 0.1832 0.1738 -0.0491 0.0035  -0.0072 360 THR A N   
337 C CA  . THR A 54  ? 0.1373 0.1616 0.1653 -0.0395 0.0123  -0.0137 360 THR A CA  
338 C C   . THR A 54  ? 0.1292 0.1607 0.1472 -0.0256 0.0224  -0.0070 360 THR A C   
339 O O   . THR A 54  ? 0.1477 0.1429 0.0873 -0.0205 0.0248  0.0085  360 THR A O   
340 C CB  . THR A 54  ? 0.1340 0.1886 0.2033 -0.0551 0.0127  -0.0129 360 THR A CB  
341 O OG1 . THR A 54  ? 0.1382 0.1385 0.1748 -0.0334 0.0378  -0.0311 360 THR A OG1 
342 C CG2 . THR A 54  ? 0.1311 0.2087 0.2546 -0.0616 0.0170  0.0007  360 THR A CG2 
343 N N   . ALA A 55  ? 0.1093 0.1560 0.1768 -0.0177 0.0131  0.0021  361 ALA A N   
344 C CA  . ALA A 55  ? 0.1103 0.1608 0.1946 -0.0275 -0.0152 0.0126  361 ALA A CA  
345 C C   . ALA A 55  ? 0.1223 0.1594 0.1483 -0.0241 -0.0100 0.0138  361 ALA A C   
346 O O   . ALA A 55  ? 0.1334 0.1509 0.1130 -0.0418 -0.0140 0.0125  361 ALA A O   
347 C CB  . ALA A 55  ? 0.0929 0.1630 0.2334 -0.0219 -0.0320 0.0368  361 ALA A CB  
348 N N   . LYS A 56  ? 0.1333 0.1675 0.1171 -0.0156 0.0153  -0.0010 362 LYS A N   
349 C CA  . LYS A 56  ? 0.1436 0.1401 0.1499 0.0036  0.0571  -0.0230 362 LYS A CA  
350 C C   . LYS A 56  ? 0.1345 0.1521 0.1860 -0.0090 0.0317  0.0024  362 LYS A C   
351 O O   . LYS A 56  ? 0.1300 0.1467 0.2234 -0.0084 0.0237  0.0123  362 LYS A O   
352 C CB  . LYS A 56  ? 0.1869 0.1512 0.2030 -0.0076 0.0755  -0.0336 362 LYS A CB  
353 C CG  . LYS A 56  ? 0.2173 0.1422 0.2363 -0.0094 0.0961  -0.0561 362 LYS A CG  
354 C CD  . LYS A 56  ? 0.2488 0.1461 0.3532 -0.0191 0.1119  -0.0510 362 LYS A CD  
355 C CE  . LYS A 56  ? 0.2792 0.1521 0.4183 -0.0364 0.1211  -0.0511 362 LYS A CE  
356 N NZ  . LYS A 56  ? 0.2936 0.1419 0.4227 -0.0436 0.1212  -0.0625 362 LYS A NZ  
357 N N   . ASP A 57  ? 0.1167 0.1516 0.1340 -0.0255 0.0150  -0.0209 363 ASP A N   
358 C CA  . ASP A 57  ? 0.1243 0.1696 0.1226 -0.0378 0.0051  0.0005  363 ASP A CA  
359 C C   . ASP A 57  ? 0.1243 0.1551 0.1597 -0.0241 0.0116  0.0156  363 ASP A C   
360 O O   . ASP A 57  ? 0.1411 0.1624 0.1533 -0.0220 0.0215  0.0371  363 ASP A O   
361 C CB  . ASP A 57  ? 0.1373 0.1810 0.1552 -0.0570 0.0091  -0.0079 363 ASP A CB  
362 C CG  . ASP A 57  ? 0.1451 0.2045 0.2053 -0.0604 0.0252  0.0047  363 ASP A CG  
363 O OD1 . ASP A 57  ? 0.1397 0.2041 0.2021 -0.0497 0.0378  0.0035  363 ASP A OD1 
364 O OD2 . ASP A 57  ? 0.1313 0.2344 0.2193 -0.0566 0.0323  0.0334  363 ASP A OD2 
365 N N   . VAL A 58  ? 0.1260 0.1645 0.1481 -0.0313 0.0115  -0.0018 364 VAL A N   
366 C CA  . VAL A 58  ? 0.1390 0.1616 0.1461 -0.0306 0.0216  -0.0004 364 VAL A CA  
367 C C   . VAL A 58  ? 0.1536 0.1340 0.1427 -0.0267 0.0140  -0.0091 364 VAL A C   
368 O O   . VAL A 58  ? 0.1615 0.1571 0.1345 -0.0251 0.0352  -0.0097 364 VAL A O   
369 C CB  . VAL A 58  ? 0.1163 0.1392 0.2221 -0.0150 0.0357  -0.0033 364 VAL A CB  
370 C CG1 . VAL A 58  ? 0.1098 0.1517 0.2440 -0.0072 0.0676  0.0020  364 VAL A CG1 
371 C CG2 . VAL A 58  ? 0.1292 0.1411 0.2246 -0.0338 0.0121  0.0035  364 VAL A CG2 
372 N N   . ILE A 59  ? 0.1489 0.1021 0.1745 -0.0200 -0.0020 -0.0186 365 ILE A N   
373 C CA  . ILE A 59  ? 0.1716 0.0807 0.1373 -0.0213 -0.0115 -0.0122 365 ILE A CA  
374 C C   . ILE A 59  ? 0.1795 0.1309 0.1339 -0.0412 -0.0134 0.0021  365 ILE A C   
375 O O   . ILE A 59  ? 0.1961 0.1159 0.1280 -0.0596 0.0067  -0.0108 365 ILE A O   
376 C CB  . ILE A 59  ? 0.1927 0.0903 0.0816 -0.0326 -0.0336 0.0117  365 ILE A CB  
377 C CG1 . ILE A 59  ? 0.1879 0.1325 0.0756 -0.0327 -0.0449 0.0527  365 ILE A CG1 
378 C CG2 . ILE A 59  ? 0.2015 0.0968 0.1399 -0.0365 -0.0092 0.0088  365 ILE A CG2 
379 C CD1 . ILE A 59  ? 0.1735 0.1421 0.0976 -0.0223 -0.0459 0.0714  365 ILE A CD1 
380 N N   . ASP A 60  ? 0.1582 0.1390 0.1398 -0.0190 -0.0247 0.0256  366 ASP A N   
381 C CA  . ASP A 60  ? 0.1683 0.1503 0.1656 -0.0104 -0.0074 0.0206  366 ASP A CA  
382 C C   . ASP A 60  ? 0.1583 0.1646 0.1635 -0.0140 -0.0279 0.0235  366 ASP A C   
383 O O   . ASP A 60  ? 0.1559 0.1861 0.1463 -0.0184 -0.0366 0.0291  366 ASP A O   
384 C CB  . ASP A 60  ? 0.1794 0.1591 0.1927 -0.0129 0.0015  0.0129  366 ASP A CB  
385 C CG  . ASP A 60  ? 0.1837 0.1616 0.2638 -0.0070 0.0228  -0.0004 366 ASP A CG  
386 O OD1 . ASP A 60  ? 0.1953 0.1527 0.2575 -0.0046 0.0298  0.0028  366 ASP A OD1 
387 O OD2 . ASP A 60  ? 0.1836 0.1709 0.2892 -0.0055 0.0285  -0.0099 366 ASP A OD2 
388 N N   . ALA A 61  ? 0.1720 0.1881 0.1220 -0.0301 -0.0214 0.0105  367 ALA A N   
389 C CA  . ALA A 61  ? 0.1733 0.1902 0.1388 -0.0374 -0.0210 -0.0021 367 ALA A CA  
390 C C   . ALA A 61  ? 0.1587 0.1781 0.1644 -0.0207 -0.0097 0.0124  367 ALA A C   
391 O O   . ALA A 61  ? 0.1747 0.1765 0.1501 -0.0094 -0.0083 0.0347  367 ALA A O   
392 C CB  . ALA A 61  ? 0.1887 0.2002 0.1483 -0.0511 -0.0253 -0.0065 367 ALA A CB  
393 N N   . VAL A 62  ? 0.1348 0.1633 0.1631 -0.0254 -0.0308 -0.0048 368 VAL A N   
394 C CA  . VAL A 62  ? 0.1338 0.1611 0.1914 -0.0271 -0.0215 -0.0048 368 VAL A CA  
395 C C   . VAL A 62  ? 0.1445 0.1683 0.1897 -0.0251 -0.0004 0.0054  368 VAL A C   
396 O O   . VAL A 62  ? 0.1409 0.2196 0.1443 -0.0296 0.0353  0.0158  368 VAL A O   
397 C CB  . VAL A 62  ? 0.1327 0.1624 0.2057 -0.0317 -0.0229 -0.0095 368 VAL A CB  
398 C CG1 . VAL A 62  ? 0.1273 0.1772 0.2092 -0.0257 -0.0214 0.0084  368 VAL A CG1 
399 C CG2 . VAL A 62  ? 0.1292 0.1467 0.2203 -0.0302 -0.0036 -0.0357 368 VAL A CG2 
400 N N   . ASN A 63  ? 0.1673 0.1544 0.1654 -0.0402 -0.0124 -0.0052 369 ASN A N   
401 C CA  . ASN A 63  ? 0.1827 0.1728 0.1284 -0.0533 -0.0260 0.0058  369 ASN A CA  
402 C C   . ASN A 63  ? 0.1986 0.1930 0.1491 -0.0714 -0.0322 0.0366  369 ASN A C   
403 O O   . ASN A 63  ? 0.2092 0.2046 0.1930 -0.1091 -0.0790 0.0385  369 ASN A O   
404 C CB  . ASN A 63  ? 0.1662 0.1546 0.1327 -0.0301 -0.0247 0.0071  369 ASN A CB  
405 C CG  . ASN A 63  ? 0.1550 0.1300 0.1280 -0.0117 -0.0195 0.0022  369 ASN A CG  
406 O OD1 . ASN A 63  ? 0.1748 0.1155 0.1575 -0.0129 0.0045  -0.0256 369 ASN A OD1 
407 N ND2 . ASN A 63  ? 0.1350 0.1393 0.0849 -0.0049 -0.0191 0.0219  369 ASN A ND2 
408 N N   . LYS A 64  ? 0.1803 0.2116 0.0885 -0.0572 -0.0238 0.0521  370 LYS A N   
409 C CA  . LYS A 64  ? 0.1893 0.2382 0.1342 -0.0525 0.0193  0.0545  370 LYS A CA  
410 C C   . LYS A 64  ? 0.1810 0.2114 0.1773 -0.0581 0.0154  0.0576  370 LYS A C   
411 O O   . LYS A 64  ? 0.1981 0.2050 0.1753 -0.0617 0.0317  0.0520  370 LYS A O   
412 C CB  . LYS A 64  ? 0.1824 0.2779 0.1347 -0.0397 0.0343  0.0503  370 LYS A CB  
413 C CG  . LYS A 64  ? 0.1945 0.3173 0.2905 -0.0376 0.0510  0.0773  370 LYS A CG  
414 C CD  . LYS A 64  ? 0.1980 0.3432 0.4147 -0.0270 0.0564  0.0944  370 LYS A CD  
415 C CE  . LYS A 64  ? 0.2039 0.3504 0.5187 -0.0219 0.0676  0.1016  370 LYS A CE  
416 N NZ  . LYS A 64  ? 0.2344 0.3398 0.6039 -0.0178 0.0789  0.1043  370 LYS A NZ  
417 N N   . THR A 65  ? 0.1533 0.1976 0.1793 -0.0631 -0.0102 0.0505  371 THR A N   
418 C CA  . THR A 65  ? 0.1402 0.1838 0.1899 -0.0519 0.0098  0.0442  371 THR A CA  
419 C C   . THR A 65  ? 0.1434 0.2113 0.2004 -0.0689 0.0108  0.0554  371 THR A C   
420 O O   . THR A 65  ? 0.1361 0.2116 0.1569 -0.0600 0.0261  0.0557  371 THR A O   
421 C CB  . THR A 65  ? 0.1506 0.1638 0.1759 -0.0483 0.0105  0.0273  371 THR A CB  
422 O OG1 . THR A 65  ? 0.1589 0.1417 0.2108 -0.0327 0.0257  0.0106  371 THR A OG1 
423 C CG2 . THR A 65  ? 0.1662 0.1712 0.1279 -0.0583 0.0022  0.0430  371 THR A CG2 
424 N N   . GLY A 66  ? 0.1359 0.2271 0.2111 -0.0765 0.0027  0.0657  372 GLY A N   
425 C CA  . GLY A 66  ? 0.1317 0.2316 0.2176 -0.0809 0.0057  0.0625  372 GLY A CA  
426 C C   . GLY A 66  ? 0.1312 0.2045 0.1774 -0.0694 0.0126  0.0463  372 GLY A C   
427 O O   . GLY A 66  ? 0.1463 0.2112 0.1709 -0.0888 0.0075  0.0307  372 GLY A O   
428 N N   . TRP A 67  ? 0.1193 0.1690 0.1327 -0.0443 0.0315  0.0264  373 TRP A N   
429 C CA  . TRP A 67  ? 0.1172 0.1429 0.1795 -0.0266 0.0415  0.0319  373 TRP A CA  
430 C C   . TRP A 67  ? 0.1267 0.1332 0.1881 -0.0269 0.0374  0.0265  373 TRP A C   
431 O O   . TRP A 67  ? 0.1469 0.1210 0.2021 -0.0249 0.0442  0.0356  373 TRP A O   
432 C CB  . TRP A 67  ? 0.1029 0.1507 0.1187 -0.0125 0.0506  0.0191  373 TRP A CB  
433 C CG  . TRP A 67  ? 0.1108 0.1624 0.0647 -0.0234 0.0336  0.0196  373 TRP A CG  
434 C CD1 . TRP A 67  ? 0.1105 0.1470 0.0776 -0.0234 0.0128  0.0244  373 TRP A CD1 
435 C CD2 . TRP A 67  ? 0.1281 0.1608 0.0798 -0.0323 0.0402  0.0226  373 TRP A CD2 
436 N NE1 . TRP A 67  ? 0.1276 0.1335 0.1192 -0.0217 0.0241  0.0427  373 TRP A NE1 
437 C CE2 . TRP A 67  ? 0.1188 0.1487 0.1358 -0.0234 0.0416  0.0185  373 TRP A CE2 
438 C CE3 . TRP A 67  ? 0.1443 0.1527 0.1287 -0.0405 0.0333  0.0141  373 TRP A CE3 
439 C CZ2 . TRP A 67  ? 0.1272 0.1408 0.1308 -0.0214 0.0493  0.0069  373 TRP A CZ2 
440 C CZ3 . TRP A 67  ? 0.1227 0.1493 0.1186 -0.0380 0.0155  -0.0117 373 TRP A CZ3 
441 C CH2 . TRP A 67  ? 0.1191 0.1394 0.1238 -0.0219 0.0328  -0.0039 373 TRP A CH2 
442 N N   . ARG A 68  ? 0.1084 0.1066 0.1443 -0.0296 0.0130  -0.0092 374 ARG A N   
443 C CA  . ARG A 68  ? 0.1114 0.1197 0.1509 -0.0510 0.0014  -0.0030 374 ARG A CA  
444 C C   . ARG A 68  ? 0.1190 0.1328 0.1576 -0.0576 0.0198  -0.0072 374 ARG A C   
445 O O   . ARG A 68  ? 0.1401 0.1433 0.1966 -0.0820 0.0254  -0.0171 374 ARG A O   
446 C CB  . ARG A 68  ? 0.0995 0.1243 0.1441 -0.0352 0.0178  -0.0103 374 ARG A CB  
447 C CG  . ARG A 68  ? 0.0933 0.1110 0.2125 0.0001  0.0437  -0.0049 374 ARG A CG  
448 C CD  . ARG A 68  ? 0.0932 0.1275 0.2497 0.0044  0.0293  0.0102  374 ARG A CD  
449 N NE  . ARG A 68  ? 0.0972 0.1115 0.2911 0.0157  0.0173  0.0169  374 ARG A NE  
450 C CZ  . ARG A 68  ? 0.1283 0.1121 0.3140 0.0200  0.0210  0.0449  374 ARG A CZ  
451 N NH1 . ARG A 68  ? 0.1465 0.1282 0.3024 0.0058  0.0211  0.0334  374 ARG A NH1 
452 N NH2 . ARG A 68  ? 0.1408 0.0823 0.3193 0.0374  0.0068  0.0788  374 ARG A NH2 
453 N N   . ILE A 69  ? 0.1066 0.1100 0.1051 -0.0433 0.0205  -0.0265 375 ILE A N   
454 C CA  . ILE A 69  ? 0.1101 0.1184 0.1130 -0.0286 0.0198  -0.0112 375 ILE A CA  
455 C C   . ILE A 69  ? 0.1449 0.1296 0.1299 -0.0242 0.0191  0.0128  375 ILE A C   
456 O O   . ILE A 69  ? 0.1547 0.1434 0.1780 -0.0235 0.0281  0.0201  375 ILE A O   
457 C CB  . ILE A 69  ? 0.0766 0.1304 0.1449 -0.0204 0.0279  -0.0015 375 ILE A CB  
458 C CG1 . ILE A 69  ? 0.0639 0.1572 0.1303 -0.0351 -0.0080 -0.0032 375 ILE A CG1 
459 C CG2 . ILE A 69  ? 0.0844 0.1273 0.1555 -0.0176 0.0498  0.0019  375 ILE A CG2 
460 C CD1 . ILE A 69  ? 0.0629 0.1649 0.1761 -0.0300 -0.0068 0.0039  375 ILE A CD1 
461 N N   . LYS A 70  ? 0.1569 0.1165 0.1201 -0.0173 -0.0036 0.0261  376 LYS A N   
462 C CA  . LYS A 70  ? 0.1835 0.1012 0.1787 -0.0104 0.0090  0.0105  376 LYS A CA  
463 C C   . LYS A 70  ? 0.1524 0.0900 0.2218 0.0016  -0.0002 0.0166  376 LYS A C   
464 O O   . LYS A 70  ? 0.1270 0.1153 0.2296 -0.0075 -0.0125 0.0178  376 LYS A O   
465 C CB  . LYS A 70  ? 0.2422 0.1415 0.1501 -0.0427 0.0011  0.0082  376 LYS A CB  
466 C CG  . LYS A 70  ? 0.2774 0.1970 0.2618 -0.0662 -0.0161 0.0133  376 LYS A CG  
467 C CD  . LYS A 70  ? 0.2972 0.2427 0.4114 -0.0895 -0.0364 0.0299  376 LYS A CD  
468 C CE  . LYS A 70  ? 0.3163 0.2558 0.5758 -0.0968 -0.0444 0.0616  376 LYS A CE  
469 N NZ  . LYS A 70  ? 0.3361 0.2940 0.6480 -0.1166 -0.0523 0.0749  376 LYS A NZ  
470 N N   . THR A 71  ? 0.1609 0.0688 0.2095 0.0058  -0.0120 0.0068  377 THR A N   
471 C CA  . THR A 71  ? 0.1943 0.1123 0.1473 -0.0081 0.0152  0.0039  377 THR A CA  
472 C C   . THR A 71  ? 0.1999 0.1357 0.1441 -0.0265 0.0001  0.0101  377 THR A C   
473 O O   . THR A 71  ? 0.2029 0.1634 0.1267 -0.0577 -0.0253 0.0086  377 THR A O   
474 C CB  . THR A 71  ? 0.2213 0.1450 0.1451 -0.0121 0.0359  0.0134  377 THR A CB  
475 O OG1 . THR A 71  ? 0.2246 0.1449 0.1438 -0.0089 0.0499  -0.0010 377 THR A OG1 
476 C CG2 . THR A 71  ? 0.2253 0.1663 0.2002 -0.0108 0.0675  0.0289  377 THR A CG2 
477 N N   . THR A 72  ? 0.1673 0.1122 0.1866 0.0118  0.0223  0.0112  378 THR A N   
478 C CA  . THR A 72  ? 0.1642 0.1235 0.2290 0.0142  0.0309  -0.0002 378 THR A CA  
479 C C   . THR A 72  ? 0.1921 0.1417 0.1607 0.0011  0.0154  -0.0215 378 THR A C   
480 O O   . THR A 72  ? 0.2151 0.1458 0.1270 -0.0059 0.0091  -0.0230 378 THR A O   
481 C CB  . THR A 72  ? 0.1697 0.1357 0.2053 -0.0072 0.0143  -0.0151 378 THR A CB  
482 O OG1 . THR A 72  ? 0.1601 0.1340 0.2194 -0.0126 0.0065  -0.0178 378 THR A OG1 
483 C CG2 . THR A 72  ? 0.1865 0.1215 0.1774 -0.0129 0.0014  -0.0160 378 THR A CG2 
484 N N   . ASP A 73  ? 0.1715 0.1421 0.2076 0.0165  0.0070  -0.0186 379 ASP A N   
485 C CA  . ASP A 73  ? 0.1616 0.1510 0.2570 0.0176  -0.0021 -0.0149 379 ASP A CA  
486 C C   . ASP A 73  ? 0.1655 0.1752 0.2193 0.0137  0.0098  -0.0212 379 ASP A C   
487 O O   . ASP A 73  ? 0.1512 0.1863 0.2424 0.0266  0.0118  -0.0085 379 ASP A O   
488 C CB  . ASP A 73  ? 0.1557 0.1425 0.3131 0.0398  0.0006  0.0347  379 ASP A CB  
489 C CG  . ASP A 73  ? 0.1610 0.1781 0.3205 0.0320  0.0111  0.0364  379 ASP A CG  
490 O OD1 . ASP A 73  ? 0.1586 0.1710 0.3130 0.0310  0.0171  0.0297  379 ASP A OD1 
491 O OD2 . ASP A 73  ? 0.1652 0.2006 0.2554 0.0201  0.0024  0.0356  379 ASP A OD2 
492 N N   . ALA A 74  ? 0.1638 0.1540 0.2566 0.0199  0.0170  -0.0284 380 ALA A N   
493 C CA  . ALA A 74  ? 0.1850 0.1696 0.3000 0.0178  0.0386  -0.0204 380 ALA A CA  
494 C C   . ALA A 74  ? 0.1958 0.1869 0.3204 0.0136  0.0395  -0.0196 380 ALA A C   
495 O O   . ALA A 74  ? 0.1979 0.2257 0.3096 -0.0083 0.0151  -0.0237 380 ALA A O   
496 C CB  . ALA A 74  ? 0.2038 0.1687 0.3146 0.0053  0.0438  -0.0272 380 ALA A CB  
497 N N   . ASN A 75  ? 0.2158 0.1865 0.2224 0.0151  0.0632  -0.0264 381 ASN A N   
498 C CA  . ASN A 75  ? 0.2177 0.1752 0.2744 0.0253  0.0684  -0.0026 381 ASN A CA  
499 C C   . ASN A 75  ? 0.2315 0.1940 0.2473 0.0113  0.0727  -0.0126 381 ASN A C   
500 O O   . ASN A 75  ? 0.2511 0.1994 0.2650 0.0009  0.0969  0.0012  381 ASN A O   
501 C CB  . ASN A 75  ? 0.2282 0.1665 0.2702 0.0270  0.0747  0.0127  381 ASN A CB  
502 C CG  . ASN A 75  ? 0.2258 0.1837 0.2758 0.0262  0.1062  -0.0037 381 ASN A CG  
503 O OD1 . ASN A 75  ? 0.2474 0.1861 0.3339 0.0225  0.0976  -0.0059 381 ASN A OD1 
504 N ND2 . ASN A 75  ? 0.2127 0.1510 0.2405 0.0243  0.1164  -0.0454 381 ASN A ND2 
505 N N   . GLY A 76  ? 0.2357 0.1922 0.2081 0.0069  0.0409  -0.0119 382 GLY A N   
506 C CA  . GLY A 76  ? 0.2473 0.2100 0.2194 -0.0044 0.0066  -0.0051 382 GLY A CA  
507 C C   . GLY A 76  ? 0.2445 0.2174 0.2610 0.0029  0.0024  0.0017  382 GLY A C   
508 O O   . GLY A 76  ? 0.2295 0.2227 0.2559 0.0158  0.0015  0.0074  382 GLY A O   
509 N N   . GLN A 77  ? 0.2703 0.2373 0.2087 -0.0224 -0.0070 -0.0140 383 GLN A N   
510 C CA  . GLN A 77  ? 0.3120 0.2574 0.2359 -0.0498 0.0001  -0.0281 383 GLN A CA  
511 C C   . GLN A 77  ? 0.2792 0.2453 0.2302 -0.0309 0.0061  -0.0483 383 GLN A C   
512 O O   . GLN A 77  ? 0.2756 0.2444 0.1791 -0.0353 -0.0017 -0.0770 383 GLN A O   
513 C CB  . GLN A 77  ? 0.3777 0.3085 0.3333 -0.0851 0.0337  -0.0066 383 GLN A CB  
514 C CG  . GLN A 77  ? 0.4298 0.3483 0.4705 -0.1064 0.0766  0.0094  383 GLN A CG  
515 C CD  . GLN A 77  ? 0.4638 0.3878 0.6553 -0.1176 0.1130  0.0424  383 GLN A CD  
516 O OE1 . GLN A 77  ? 0.4678 0.4154 0.7490 -0.1183 0.1264  0.0656  383 GLN A OE1 
517 N NE2 . GLN A 77  ? 0.4802 0.4091 0.7002 -0.1215 0.1290  0.0534  383 GLN A NE2 
518 N N   . ASN A 78  ? 0.2676 0.2553 0.2577 -0.0236 0.0074  -0.0436 384 ASN A N   
519 C CA  . ASN A 78  ? 0.2651 0.2659 0.2821 -0.0095 0.0164  -0.0249 384 ASN A CA  
520 C C   . ASN A 78  ? 0.2483 0.2524 0.2884 0.0011  0.0010  0.0080  384 ASN A C   
521 O O   . ASN A 78  ? 0.2511 0.2421 0.3176 0.0159  0.0124  0.0366  384 ASN A O   
522 C CB  . ASN A 78  ? 0.2834 0.3078 0.3067 -0.0087 0.0391  -0.0309 384 ASN A CB  
523 C CG  . ASN A 78  ? 0.3115 0.3670 0.3257 -0.0210 0.0480  -0.0193 384 ASN A CG  
524 O OD1 . ASN A 78  ? 0.3306 0.3733 0.3292 -0.0239 0.0479  -0.0088 384 ASN A OD1 
525 N ND2 . ASN A 78  ? 0.3206 0.4098 0.3336 -0.0253 0.0537  -0.0012 384 ASN A ND2 
526 N N   . GLY A 79  ? 0.2365 0.2417 0.2686 0.0058  -0.0102 0.0235  385 GLY A N   
527 C CA  . GLY A 79  ? 0.2306 0.2090 0.3216 0.0233  0.0148  0.0231  385 GLY A CA  
528 C C   . GLY A 79  ? 0.2318 0.2069 0.2856 0.0165  0.0115  0.0018  385 GLY A C   
529 O O   . GLY A 79  ? 0.2619 0.2152 0.2398 -0.0001 0.0095  -0.0030 385 GLY A O   
530 N N   . ASP A 80  ? 0.2321 0.2012 0.2425 0.0168  0.0185  0.0020  386 ASP A N   
531 C CA  . ASP A 80  ? 0.2200 0.1661 0.3695 0.0436  0.0482  0.0145  386 ASP A CA  
532 C C   . ASP A 80  ? 0.2111 0.1495 0.3213 0.0237  0.0209  -0.0120 386 ASP A C   
533 O O   . ASP A 80  ? 0.2042 0.1479 0.2875 0.0155  0.0075  -0.0312 386 ASP A O   
534 C CB  . ASP A 80  ? 0.2221 0.2026 0.5520 0.0649  0.0974  0.0585  386 ASP A CB  
535 C CG  . ASP A 80  ? 0.2477 0.2314 0.7215 0.0722  0.1382  0.0955  386 ASP A CG  
536 O OD1 . ASP A 80  ? 0.2695 0.2506 0.7533 0.0569  0.1456  0.0980  386 ASP A OD1 
537 O OD2 . ASP A 80  ? 0.2545 0.2584 0.7898 0.0742  0.1584  0.1046  386 ASP A OD2 
538 N N   . PHE A 81  ? 0.2025 0.1250 0.2929 0.0242  -0.0057 -0.0026 387 PHE A N   
539 C CA  . PHE A 81  ? 0.1975 0.1265 0.2695 0.0178  -0.0125 -0.0048 387 PHE A CA  
540 C C   . PHE A 81  ? 0.1666 0.1499 0.2933 0.0188  -0.0018 0.0109  387 PHE A C   
541 O O   . PHE A 81  ? 0.1383 0.1526 0.3493 0.0419  0.0037  0.0257  387 PHE A O   
542 C CB  . PHE A 81  ? 0.2106 0.1344 0.2964 0.0252  -0.0181 0.0293  387 PHE A CB  
543 C CG  . PHE A 81  ? 0.2420 0.1444 0.2743 0.0083  -0.0227 0.0225  387 PHE A CG  
544 C CD1 . PHE A 81  ? 0.2445 0.1311 0.2976 0.0051  -0.0232 0.0137  387 PHE A CD1 
545 C CD2 . PHE A 81  ? 0.2432 0.1779 0.3559 0.0080  0.0029  0.0234  387 PHE A CD2 
546 C CE1 . PHE A 81  ? 0.2387 0.1468 0.3313 0.0081  -0.0182 0.0169  387 PHE A CE1 
547 C CE2 . PHE A 81  ? 0.2377 0.1663 0.3701 0.0157  0.0065  0.0121  387 PHE A CE2 
548 C CZ  . PHE A 81  ? 0.2433 0.1616 0.3671 0.0060  -0.0143 0.0143  387 PHE A CZ  
549 N N   . ALA A 82  ? 0.1607 0.1614 0.2120 -0.0070 -0.0094 -0.0022 388 ALA A N   
550 C CA  . ALA A 82  ? 0.1535 0.1648 0.1985 -0.0209 0.0095  -0.0096 388 ALA A CA  
551 C C   . ALA A 82  ? 0.1387 0.1673 0.1586 -0.0243 0.0148  -0.0033 388 ALA A C   
552 O O   . ALA A 82  ? 0.1299 0.1589 0.1511 -0.0190 0.0303  -0.0229 388 ALA A O   
553 C CB  . ALA A 82  ? 0.1732 0.1723 0.1828 -0.0428 0.0128  -0.0239 388 ALA A CB  
554 N N   . THR A 83  ? 0.1297 0.1513 0.0973 -0.0250 0.0109  0.0123  389 THR A N   
555 C CA  . THR A 83  ? 0.1150 0.1405 0.1575 -0.0244 0.0074  0.0097  389 THR A CA  
556 C C   . THR A 83  ? 0.1287 0.1346 0.1505 -0.0250 0.0221  0.0045  389 THR A C   
557 O O   . THR A 83  ? 0.1574 0.1191 0.1800 -0.0390 0.0372  -0.0529 389 THR A O   
558 C CB  . THR A 83  ? 0.1000 0.1161 0.1810 -0.0183 -0.0119 0.0149  389 THR A CB  
559 O OG1 . THR A 83  ? 0.1030 0.1282 0.1523 -0.0184 -0.0139 0.0292  389 THR A OG1 
560 C CG2 . THR A 83  ? 0.1066 0.1052 0.1851 -0.0177 -0.0088 0.0025  389 THR A CG2 
561 N N   . VAL A 84  ? 0.1096 0.0887 0.1308 -0.0047 0.0242  0.0107  390 VAL A N   
562 C CA  . VAL A 84  ? 0.1051 0.0994 0.1847 -0.0020 0.0345  0.0391  390 VAL A CA  
563 C C   . VAL A 84  ? 0.1263 0.1233 0.2012 -0.0225 0.0390  0.0618  390 VAL A C   
564 O O   . VAL A 84  ? 0.1166 0.1131 0.2529 -0.0188 0.0390  0.0551  390 VAL A O   
565 C CB  . VAL A 84  ? 0.1001 0.1365 0.1123 -0.0226 0.0014  0.0321  390 VAL A CB  
566 C CG1 . VAL A 84  ? 0.0856 0.1307 0.1529 -0.0057 0.0153  0.0271  390 VAL A CG1 
567 C CG2 . VAL A 84  ? 0.1117 0.1436 0.1796 -0.0313 0.0102  0.0341  390 VAL A CG2 
568 N N   . ALA A 85  ? 0.1360 0.1418 0.2079 -0.0391 0.0220  0.0800  391 ALA A N   
569 C CA  . ALA A 85  ? 0.1524 0.1680 0.1768 -0.0676 -0.0052 0.0883  391 ALA A CA  
570 C C   . ALA A 85  ? 0.1660 0.1745 0.1948 -0.0801 -0.0046 0.0749  391 ALA A C   
571 O O   . ALA A 85  ? 0.1695 0.1844 0.2739 -0.0893 -0.0107 0.0883  391 ALA A O   
572 C CB  . ALA A 85  ? 0.1461 0.1602 0.2298 -0.0528 0.0008  0.1003  391 ALA A CB  
573 N N   . SER A 86  ? 0.1722 0.1688 0.1618 -0.0875 -0.0086 0.0494  392 SER A N   
574 C CA  . SER A 86  ? 0.1866 0.1778 0.2090 -0.0992 0.0116  0.0272  392 SER A CA  
575 C C   . SER A 86  ? 0.1837 0.2014 0.1744 -0.0938 0.0059  0.0226  392 SER A C   
576 O O   . SER A 86  ? 0.1957 0.2277 0.1797 -0.1016 0.0135  0.0120  392 SER A O   
577 C CB  . SER A 86  ? 0.1891 0.1920 0.2359 -0.1142 0.0278  0.0153  392 SER A CB  
578 O OG  . SER A 86  ? 0.1919 0.2277 0.2807 -0.1371 0.0150  0.0171  392 SER A OG  
579 N N   . GLY A 87  ? 0.1650 0.1777 0.1346 -0.0793 -0.0207 0.0152  393 GLY A N   
580 C CA  . GLY A 87  ? 0.1505 0.1645 0.1239 -0.0540 -0.0134 0.0159  393 GLY A CA  
581 C C   . GLY A 87  ? 0.1294 0.1453 0.1433 -0.0374 -0.0105 0.0015  393 GLY A C   
582 O O   . GLY A 87  ? 0.1547 0.1617 0.0923 -0.0332 -0.0041 0.0052  393 GLY A O   
583 N N   . THR A 88  ? 0.1139 0.1405 0.1319 -0.0270 0.0072  0.0029  394 THR A N   
584 C CA  . THR A 88  ? 0.1118 0.1436 0.1682 -0.0240 0.0103  0.0079  394 THR A CA  
585 C C   . THR A 88  ? 0.1394 0.1453 0.1435 -0.0311 0.0283  0.0122  394 THR A C   
586 O O   . THR A 88  ? 0.1442 0.1493 0.1406 -0.0323 0.0337  0.0281  394 THR A O   
587 C CB  . THR A 88  ? 0.0893 0.1481 0.2014 -0.0080 0.0064  0.0259  394 THR A CB  
588 O OG1 . THR A 88  ? 0.0496 0.1439 0.2002 0.0227  0.0080  0.0208  394 THR A OG1 
589 C CG2 . THR A 88  ? 0.1000 0.1348 0.2385 -0.0068 0.0030  0.0256  394 THR A CG2 
590 N N   . ASN A 89  ? 0.1451 0.1334 0.1601 -0.0330 0.0131  0.0022  395 ASN A N   
591 C CA  . ASN A 89  ? 0.1581 0.1568 0.1287 -0.0425 0.0085  -0.0041 395 ASN A CA  
592 C C   . ASN A 89  ? 0.1314 0.1561 0.1688 -0.0347 0.0106  0.0033  395 ASN A C   
593 O O   . ASN A 89  ? 0.1323 0.1485 0.1468 -0.0382 0.0126  0.0013  395 ASN A O   
594 C CB  . ASN A 89  ? 0.1929 0.1692 0.1407 -0.0484 0.0034  -0.0140 395 ASN A CB  
595 C CG  . ASN A 89  ? 0.2382 0.2063 0.0858 -0.0787 -0.0131 -0.0360 395 ASN A CG  
596 O OD1 . ASN A 89  ? 0.2420 0.2124 0.1227 -0.0608 -0.0118 -0.0080 395 ASN A OD1 
597 N ND2 . ASN A 89  ? 0.2626 0.2149 0.1635 -0.0913 -0.0187 -0.0284 395 ASN A ND2 
598 N N   . VAL A 90  ? 0.0919 0.1668 0.1534 -0.0212 0.0284  0.0033  396 VAL A N   
599 C CA  . VAL A 90  ? 0.0908 0.1658 0.1385 -0.0374 0.0094  -0.0096 396 VAL A CA  
600 C C   . VAL A 90  ? 0.1035 0.1565 0.1239 -0.0468 0.0047  -0.0227 396 VAL A C   
601 O O   . VAL A 90  ? 0.0919 0.1317 0.1699 -0.0319 0.0078  -0.0308 396 VAL A O   
602 C CB  . VAL A 90  ? 0.1050 0.1965 0.1003 -0.0637 -0.0081 -0.0048 396 VAL A CB  
603 C CG1 . VAL A 90  ? 0.1187 0.2040 0.1530 -0.0717 -0.0036 0.0142  396 VAL A CG1 
604 C CG2 . VAL A 90  ? 0.0985 0.1853 0.1245 -0.0624 -0.0462 0.0010  396 VAL A CG2 
605 N N   . THR A 91  ? 0.1044 0.1325 0.2002 -0.0435 0.0023  -0.0202 397 THR A N   
606 C CA  . THR A 91  ? 0.0946 0.1709 0.1493 -0.0368 0.0140  0.0028  397 THR A CA  
607 C C   . THR A 91  ? 0.1053 0.1518 0.1556 -0.0398 0.0237  0.0112  397 THR A C   
608 O O   . THR A 91  ? 0.1000 0.1182 0.1703 -0.0290 0.0377  0.0124  397 THR A O   
609 C CB  . THR A 91  ? 0.1137 0.1959 0.1352 -0.0391 0.0084  0.0004  397 THR A CB  
610 O OG1 . THR A 91  ? 0.1103 0.1896 0.1052 -0.0155 0.0193  -0.0068 397 THR A OG1 
611 C CG2 . THR A 91  ? 0.1510 0.2148 0.1113 -0.0723 -0.0069 -0.0186 397 THR A CG2 
612 N N   . PHE A 92  ? 0.1240 0.1540 0.1028 -0.0398 0.0378  0.0156  398 PHE A N   
613 C CA  . PHE A 92  ? 0.1236 0.1581 0.1063 -0.0405 0.0119  -0.0182 398 PHE A CA  
614 C C   . PHE A 92  ? 0.1192 0.1435 0.1349 -0.0354 -0.0188 -0.0133 398 PHE A C   
615 O O   . PHE A 92  ? 0.1115 0.1633 0.1371 -0.0411 -0.0477 0.0038  398 PHE A O   
616 C CB  . PHE A 92  ? 0.1326 0.1653 0.1168 -0.0420 0.0097  -0.0173 398 PHE A CB  
617 C CG  . PHE A 92  ? 0.1620 0.1511 0.1220 -0.0437 0.0111  -0.0389 398 PHE A CG  
618 C CD1 . PHE A 92  ? 0.1822 0.1617 0.0915 -0.0536 0.0229  -0.0629 398 PHE A CD1 
619 C CD2 . PHE A 92  ? 0.1582 0.1068 0.1687 -0.0319 0.0059  -0.0496 398 PHE A CD2 
620 C CE1 . PHE A 92  ? 0.1729 0.1731 0.1066 -0.0568 0.0067  -0.0521 398 PHE A CE1 
621 C CE2 . PHE A 92  ? 0.1598 0.1442 0.1261 -0.0436 -0.0060 -0.0552 398 PHE A CE2 
622 C CZ  . PHE A 92  ? 0.1709 0.1777 0.0794 -0.0531 -0.0011 -0.0309 398 PHE A CZ  
623 N N   . ALA A 93  ? 0.1363 0.1517 0.1149 -0.0386 -0.0118 -0.0200 399 ALA A N   
624 C CA  . ALA A 93  ? 0.1547 0.1464 0.1208 -0.0515 -0.0059 -0.0364 399 ALA A CA  
625 C C   . ALA A 93  ? 0.1619 0.1591 0.1592 -0.0474 0.0079  -0.0293 399 ALA A C   
626 O O   . ALA A 93  ? 0.1802 0.1528 0.1464 -0.0479 0.0235  -0.0252 399 ALA A O   
627 C CB  . ALA A 93  ? 0.1662 0.1609 0.1486 -0.0640 -0.0138 -0.0312 399 ALA A CB  
628 N N   . SER A 94  ? 0.1369 0.1653 0.1253 -0.0404 -0.0052 -0.0220 400 SER A N   
629 C CA  . SER A 94  ? 0.1478 0.1590 0.1584 -0.0333 0.0036  0.0007  400 SER A CA  
630 C C   . SER A 94  ? 0.1606 0.1635 0.1899 -0.0275 0.0243  0.0171  400 SER A C   
631 O O   . SER A 94  ? 0.1925 0.1618 0.2103 -0.0248 0.0659  0.0179  400 SER A O   
632 C CB  . SER A 94  ? 0.1247 0.1699 0.1762 -0.0287 -0.0134 0.0277  400 SER A CB  
633 O OG  . SER A 94  ? 0.1298 0.1681 0.1748 -0.0394 -0.0522 0.0480  400 SER A OG  
634 N N   . GLY A 95  ? 0.1749 0.1543 0.1793 -0.0401 -0.0098 0.0225  401 GLY A N   
635 C CA  . GLY A 95  ? 0.1871 0.1517 0.2179 -0.0461 -0.0060 0.0371  401 GLY A CA  
636 C C   . GLY A 95  ? 0.2173 0.1562 0.2291 -0.0628 -0.0041 0.0232  401 GLY A C   
637 O O   . GLY A 95  ? 0.2001 0.1394 0.2156 -0.0592 -0.0134 0.0087  401 GLY A O   
638 N N   . ASN A 96  ? 0.2358 0.1288 0.2889 -0.0457 0.0264  0.0238  402 ASN A N   
639 C CA  . ASN A 96  ? 0.2519 0.1649 0.3887 -0.0487 0.0343  0.0272  402 ASN A CA  
640 C C   . ASN A 96  ? 0.2413 0.1716 0.3170 -0.0596 0.0134  0.0187  402 ASN A C   
641 O O   . ASN A 96  ? 0.2618 0.2281 0.2558 -0.0859 0.0067  0.0263  402 ASN A O   
642 C CB  . ASN A 96  ? 0.2858 0.2002 0.5416 -0.0433 0.0596  0.0542  402 ASN A CB  
643 C CG  . ASN A 96  ? 0.3344 0.2556 0.7084 -0.0471 0.0782  0.0934  402 ASN A CG  
644 O OD1 . ASN A 96  ? 0.3599 0.2819 0.7514 -0.0556 0.0773  0.1030  402 ASN A OD1 
645 N ND2 . ASN A 96  ? 0.3345 0.2661 0.7480 -0.0367 0.0910  0.1059  402 ASN A ND2 
646 N N   . GLY A 97  ? 0.2203 0.1380 0.2291 -0.0523 -0.0074 -0.0094 403 GLY A N   
647 C CA  . GLY A 97  ? 0.2115 0.1514 0.2124 -0.0592 -0.0105 0.0069  403 GLY A CA  
648 C C   . GLY A 97  ? 0.2124 0.1604 0.1613 -0.0738 -0.0099 0.0028  403 GLY A C   
649 O O   . GLY A 97  ? 0.2379 0.1590 0.1766 -0.0908 0.0338  -0.0121 403 GLY A O   
650 N N   . THR A 98  ? 0.1823 0.1714 0.1933 -0.0518 -0.0076 0.0357  404 THR A N   
651 C CA  . THR A 98  ? 0.1843 0.1973 0.1890 -0.0614 -0.0176 0.0517  404 THR A CA  
652 C C   . THR A 98  ? 0.1990 0.1980 0.1834 -0.0694 -0.0128 0.0410  404 THR A C   
653 O O   . THR A 98  ? 0.2247 0.1981 0.2135 -0.0681 0.0000  0.0523  404 THR A O   
654 C CB  . THR A 98  ? 0.1547 0.2027 0.1950 -0.0464 -0.0158 0.0530  404 THR A CB  
655 O OG1 . THR A 98  ? 0.1566 0.1686 0.1867 -0.0466 -0.0224 0.0173  404 THR A OG1 
656 C CG2 . THR A 98  ? 0.1378 0.2007 0.1745 -0.0261 -0.0077 0.0589  404 THR A CG2 
657 N N   . THR A 99  ? 0.1750 0.1679 0.1495 -0.0606 -0.0140 0.0175  405 THR A N   
658 C CA  . THR A 99  ? 0.1454 0.1896 0.2006 -0.0705 -0.0167 0.0154  405 THR A CA  
659 C C   . THR A 99  ? 0.1417 0.1682 0.1938 -0.0708 -0.0236 -0.0020 405 THR A C   
660 O O   . THR A 99  ? 0.1532 0.1597 0.2169 -0.0862 -0.0235 -0.0275 405 THR A O   
661 C CB  . THR A 99  ? 0.1299 0.2310 0.2574 -0.0791 -0.0236 0.0328  405 THR A CB  
662 O OG1 . THR A 99  ? 0.1073 0.2389 0.3017 -0.0698 -0.0140 0.0181  405 THR A OG1 
663 C CG2 . THR A 99  ? 0.1309 0.2468 0.3282 -0.0839 -0.0153 0.0489  405 THR A CG2 
664 N N   . ALA A 100 ? 0.1324 0.1660 0.1418 -0.0600 -0.0304 0.0174  406 ALA A N   
665 C CA  . ALA A 100 ? 0.1033 0.1414 0.1982 -0.0280 -0.0279 0.0116  406 ALA A CA  
666 C C   . ALA A 100 ? 0.1227 0.1383 0.1979 -0.0290 -0.0201 0.0108  406 ALA A C   
667 O O   . ALA A 100 ? 0.1423 0.1426 0.1553 -0.0510 -0.0477 0.0009  406 ALA A O   
668 C CB  . ALA A 100 ? 0.1009 0.1566 0.2295 -0.0351 -0.0505 0.0194  406 ALA A CB  
669 N N   . THR A 101 ? 0.1145 0.1262 0.2553 -0.0077 -0.0047 0.0128  407 THR A N   
670 C CA  . THR A 101 ? 0.1309 0.1393 0.2112 -0.0295 -0.0290 0.0075  407 THR A CA  
671 C C   . THR A 101 ? 0.1385 0.1447 0.2339 -0.0232 -0.0110 0.0262  407 THR A C   
672 O O   . THR A 101 ? 0.1553 0.1462 0.2015 -0.0344 -0.0271 0.0390  407 THR A O   
673 C CB  . THR A 101 ? 0.1338 0.1632 0.2761 -0.0372 -0.0231 -0.0016 407 THR A CB  
674 O OG1 . THR A 101 ? 0.1395 0.1545 0.2646 -0.0250 -0.0156 -0.0163 407 THR A OG1 
675 C CG2 . THR A 101 ? 0.1189 0.1659 0.3600 -0.0459 -0.0305 0.0089  407 THR A CG2 
676 N N   . VAL A 102 ? 0.1459 0.1449 0.1671 -0.0236 0.0029  0.0170  408 VAL A N   
677 C CA  . VAL A 102 ? 0.1359 0.1395 0.1594 -0.0150 -0.0115 0.0290  408 VAL A CA  
678 C C   . VAL A 102 ? 0.1400 0.1377 0.1445 -0.0101 -0.0099 0.0242  408 VAL A C   
679 O O   . VAL A 102 ? 0.1384 0.1392 0.1274 -0.0104 -0.0284 0.0278  408 VAL A O   
680 C CB  . VAL A 102 ? 0.1311 0.1383 0.1572 -0.0111 -0.0193 0.0384  408 VAL A CB  
681 C CG1 . VAL A 102 ? 0.1304 0.1486 0.1035 -0.0384 -0.0306 -0.0120 408 VAL A CG1 
682 C CG2 . VAL A 102 ? 0.1453 0.1441 0.0792 -0.0171 -0.0315 0.0498  408 VAL A CG2 
683 N N   . THR A 103 ? 0.1456 0.1461 0.1425 -0.0111 -0.0123 0.0172  409 THR A N   
684 C CA  . THR A 103 ? 0.1522 0.1479 0.2821 0.0043  0.0280  0.0217  409 THR A CA  
685 C C   . THR A 103 ? 0.1502 0.1753 0.2762 -0.0095 0.0136  0.0275  409 THR A C   
686 O O   . THR A 103 ? 0.1430 0.1909 0.2588 -0.0239 0.0225  0.0170  409 THR A O   
687 C CB  . THR A 103 ? 0.1851 0.1687 0.3656 -0.0008 0.0528  0.0347  409 THR A CB  
688 O OG1 . THR A 103 ? 0.1926 0.1515 0.3914 0.0259  0.1011  0.0256  409 THR A OG1 
689 C CG2 . THR A 103 ? 0.1804 0.1829 0.4255 -0.0054 0.0406  0.0428  409 THR A CG2 
690 N N   . ASN A 104 ? 0.1546 0.1574 0.2705 0.0015  -0.0145 0.0283  410 ASN A N   
691 C CA  . ASN A 104 ? 0.1512 0.1501 0.2745 0.0129  -0.0248 0.0049  410 ASN A CA  
692 C C   . ASN A 104 ? 0.1647 0.1266 0.3414 0.0229  -0.0304 -0.0021 410 ASN A C   
693 O O   . ASN A 104 ? 0.1867 0.1160 0.3774 0.0403  -0.0292 0.0162  410 ASN A O   
694 C CB  . ASN A 104 ? 0.1597 0.1773 0.3411 0.0095  -0.0031 0.0129  410 ASN A CB  
695 C CG  . ASN A 104 ? 0.1698 0.1941 0.4289 0.0202  0.0511  0.0198  410 ASN A CG  
696 O OD1 . ASN A 104 ? 0.1933 0.1716 0.4622 0.0222  0.0907  -0.0019 410 ASN A OD1 
697 N ND2 . ASN A 104 ? 0.1503 0.1898 0.5022 0.0476  0.0616  0.0276  410 ASN A ND2 
698 N N   . GLY A 105 ? 0.1644 0.1272 0.3005 0.0146  -0.0283 -0.0026 411 GLY A N   
699 C CA  . GLY A 105 ? 0.1704 0.1331 0.2874 0.0068  -0.0217 -0.0014 411 GLY A CA  
700 C C   . GLY A 105 ? 0.1564 0.1470 0.3106 0.0141  -0.0121 0.0086  411 GLY A C   
701 O O   . GLY A 105 ? 0.1263 0.1732 0.2823 0.0321  0.0081  0.0146  411 GLY A O   
702 N N   . THR A 106 ? 0.1575 0.1320 0.2956 0.0161  -0.0248 0.0138  412 THR A N   
703 C CA  . THR A 106 ? 0.1587 0.1437 0.2952 0.0155  -0.0319 0.0281  412 THR A CA  
704 C C   . THR A 106 ? 0.1634 0.1529 0.2994 0.0115  -0.0304 0.0221  412 THR A C   
705 O O   . THR A 106 ? 0.1771 0.1598 0.3353 0.0044  -0.0289 0.0180  412 THR A O   
706 C CB  . THR A 106 ? 0.1470 0.1522 0.3041 0.0214  -0.0370 0.0406  412 THR A CB  
707 O OG1 . THR A 106 ? 0.1382 0.1569 0.2585 0.0246  -0.0283 0.0227  412 THR A OG1 
708 C CG2 . THR A 106 ? 0.1690 0.1628 0.2898 0.0227  -0.0274 0.0792  412 THR A CG2 
709 N N   . ASP A 107 ? 0.1697 0.1542 0.2527 0.0099  -0.0194 0.0101  413 ASP A N   
710 C CA  . ASP A 107 ? 0.1781 0.1506 0.2887 0.0144  0.0207  0.0102  413 ASP A CA  
711 C C   . ASP A 107 ? 0.1685 0.1159 0.2847 0.0182  0.0342  0.0085  413 ASP A C   
712 O O   . ASP A 107 ? 0.1771 0.1340 0.2228 0.0022  0.0155  -0.0019 413 ASP A O   
713 C CB  . ASP A 107 ? 0.1924 0.1855 0.3359 -0.0016 0.0362  -0.0076 413 ASP A CB  
714 C CG  . ASP A 107 ? 0.2233 0.2101 0.3869 -0.0175 0.0531  -0.0110 413 ASP A CG  
715 O OD1 . ASP A 107 ? 0.2470 0.2276 0.3338 -0.0428 0.0301  -0.0256 413 ASP A OD1 
716 O OD2 . ASP A 107 ? 0.2304 0.2226 0.4777 -0.0225 0.0609  -0.0068 413 ASP A OD2 
717 N N   . GLY A 108 ? 0.1555 0.1024 0.2327 0.0158  0.0500  -0.0014 414 GLY A N   
718 C CA  . GLY A 108 ? 0.1444 0.0806 0.2906 0.0183  0.0458  -0.0023 414 GLY A CA  
719 C C   . GLY A 108 ? 0.1315 0.1189 0.2525 -0.0023 0.0407  -0.0088 414 GLY A C   
720 O O   . GLY A 108 ? 0.1254 0.1332 0.2476 -0.0090 0.0184  -0.0070 414 GLY A O   
721 N N   . ILE A 109 ? 0.1405 0.1234 0.1365 -0.0177 0.0458  -0.0175 415 ILE A N   
722 C CA  . ILE A 109 ? 0.1396 0.1407 0.1420 -0.0265 0.0525  -0.0176 415 ILE A CA  
723 C C   . ILE A 109 ? 0.1337 0.1306 0.1727 -0.0318 0.0597  -0.0183 415 ILE A C   
724 O O   . ILE A 109 ? 0.1322 0.1164 0.2436 -0.0243 0.0699  -0.0033 415 ILE A O   
725 C CB  . ILE A 109 ? 0.1503 0.1560 0.1549 -0.0257 0.0610  -0.0138 415 ILE A CB  
726 C CG1 . ILE A 109 ? 0.1583 0.1723 0.2001 -0.0258 0.0531  0.0120  415 ILE A CG1 
727 C CG2 . ILE A 109 ? 0.1491 0.1371 0.1966 -0.0137 0.0694  -0.0003 415 ILE A CG2 
728 C CD1 . ILE A 109 ? 0.1696 0.1718 0.2134 -0.0154 0.0658  0.0229  415 ILE A CD1 
729 N N   . THR A 110 ? 0.1395 0.1471 0.1348 -0.0429 0.0690  -0.0287 416 THR A N   
730 C CA  . THR A 110 ? 0.1586 0.1309 0.1370 -0.0425 0.0453  0.0012  416 THR A CA  
731 C C   . THR A 110 ? 0.1489 0.1329 0.1641 -0.0362 0.0154  0.0177  416 THR A C   
732 O O   . THR A 110 ? 0.1682 0.1425 0.1335 -0.0543 -0.0132 0.0026  416 THR A O   
733 C CB  . THR A 110 ? 0.1516 0.1331 0.1536 -0.0305 0.0648  0.0050  416 THR A CB  
734 O OG1 . THR A 110 ? 0.1431 0.1124 0.1822 -0.0167 0.0557  -0.0161 416 THR A OG1 
735 C CG2 . THR A 110 ? 0.1583 0.1537 0.1563 -0.0334 0.0881  0.0205  416 THR A CG2 
736 N N   . VAL A 111 ? 0.1161 0.1259 0.1484 -0.0149 0.0140  0.0397  417 VAL A N   
737 C CA  . VAL A 111 ? 0.1018 0.1054 0.1776 0.0000  0.0331  0.0420  417 VAL A CA  
738 C C   . VAL A 111 ? 0.1137 0.1145 0.2101 -0.0081 0.0301  0.0383  417 VAL A C   
739 O O   . VAL A 111 ? 0.1331 0.1400 0.1822 -0.0280 0.0259  0.0358  417 VAL A O   
740 C CB  . VAL A 111 ? 0.0855 0.1128 0.1598 0.0027  0.0375  0.0453  417 VAL A CB  
741 C CG1 . VAL A 111 ? 0.1025 0.0886 0.2477 0.0152  0.0493  0.0472  417 VAL A CG1 
742 C CG2 . VAL A 111 ? 0.0802 0.1317 0.1325 -0.0123 0.0278  0.0359  417 VAL A CG2 
743 N N   . LYS A 112 ? 0.1140 0.1156 0.1893 -0.0101 0.0265  0.0354  418 LYS A N   
744 C CA  . LYS A 112 ? 0.1312 0.1394 0.1956 -0.0161 0.0499  0.0274  418 LYS A CA  
745 C C   . LYS A 112 ? 0.1526 0.1355 0.1904 -0.0382 0.0309  0.0250  418 LYS A C   
746 O O   . LYS A 112 ? 0.1606 0.1332 0.1715 -0.0494 0.0261  0.0309  418 LYS A O   
747 C CB  . LYS A 112 ? 0.1181 0.1726 0.2692 -0.0039 0.0940  0.0153  418 LYS A CB  
748 C CG  . LYS A 112 ? 0.1094 0.1886 0.3910 0.0217  0.1210  0.0224  418 LYS A CG  
749 C CD  . LYS A 112 ? 0.1373 0.2399 0.4894 0.0037  0.1236  0.0383  418 LYS A CD  
750 C CE  . LYS A 112 ? 0.1250 0.2405 0.6573 0.0338  0.1370  0.0670  418 LYS A CE  
751 N NZ  . LYS A 112 ? 0.1407 0.2320 0.7553 0.0422  0.1654  0.0657  418 LYS A NZ  
752 N N   . TYR A 113 ? 0.1314 0.1398 0.1980 -0.0316 0.0102  0.0134  419 TYR A N   
753 C CA  . TYR A 113 ? 0.1326 0.1591 0.1685 -0.0164 0.0095  0.0223  419 TYR A CA  
754 C C   . TYR A 113 ? 0.1371 0.1660 0.1517 -0.0326 0.0031  -0.0053 419 TYR A C   
755 O O   . TYR A 113 ? 0.1176 0.1474 0.2171 -0.0235 0.0160  -0.0219 419 TYR A O   
756 C CB  . TYR A 113 ? 0.1419 0.1770 0.1316 -0.0121 0.0148  0.0173  419 TYR A CB  
757 C CG  . TYR A 113 ? 0.1464 0.1825 0.1389 -0.0094 0.0176  0.0156  419 TYR A CG  
758 C CD1 . TYR A 113 ? 0.1499 0.1846 0.1517 0.0021  0.0335  0.0377  419 TYR A CD1 
759 C CD2 . TYR A 113 ? 0.1428 0.2001 0.1064 -0.0166 0.0033  0.0083  419 TYR A CD2 
760 C CE1 . TYR A 113 ? 0.1450 0.2041 0.0727 -0.0118 0.0197  0.0285  419 TYR A CE1 
761 C CE2 . TYR A 113 ? 0.1471 0.2084 0.0873 -0.0176 -0.0044 0.0278  419 TYR A CE2 
762 C CZ  . TYR A 113 ? 0.1473 0.1813 0.0797 -0.0111 0.0122  0.0177  419 TYR A CZ  
763 O OH  . TYR A 113 ? 0.1376 0.1661 0.1388 -0.0017 0.0401  0.0175  419 TYR A OH  
764 N N   . ASP A 114 ? 0.1604 0.1624 0.1462 -0.0439 -0.0028 -0.0239 420 ASP A N   
765 C CA  . ASP A 114 ? 0.1811 0.1838 0.1704 -0.0383 0.0198  0.0092  420 ASP A CA  
766 C C   . ASP A 114 ? 0.1812 0.2159 0.2205 -0.0462 0.0415  0.0219  420 ASP A C   
767 O O   . ASP A 114 ? 0.1919 0.1957 0.2585 -0.0412 0.0549  0.0413  420 ASP A O   
768 C CB  . ASP A 114 ? 0.2095 0.1861 0.2224 -0.0401 0.0036  0.0309  420 ASP A CB  
769 C CG  . ASP A 114 ? 0.2578 0.2163 0.2228 -0.0656 -0.0222 0.0489  420 ASP A CG  
770 O OD1 . ASP A 114 ? 0.2575 0.2033 0.2161 -0.0558 -0.0126 0.0315  420 ASP A OD1 
771 O OD2 . ASP A 114 ? 0.2694 0.2364 0.2305 -0.0779 -0.0394 0.0554  420 ASP A OD2 
772 N N   . ALA A 115 ? 0.1859 0.2459 0.2366 -0.0577 0.0458  0.0003  421 ALA A N   
773 C CA  . ALA A 115 ? 0.2056 0.2613 0.2939 -0.0734 0.0415  -0.0278 421 ALA A CA  
774 C C   . ALA A 115 ? 0.2065 0.2734 0.3988 -0.0778 0.0393  -0.0654 421 ALA A C   
775 O O   . ALA A 115 ? 0.1780 0.2480 0.4550 -0.0750 0.0309  -0.0946 421 ALA A O   
776 C CB  . ALA A 115 ? 0.2396 0.2561 0.2905 -0.0845 0.0435  -0.0249 421 ALA A CB  
777 N N   . LYS A 116 ? 0.2440 0.3042 0.4317 -0.0850 0.0532  -0.0882 422 LYS A N   
778 C CA  . LYS A 116 ? 0.2952 0.3713 0.5559 -0.0972 0.0760  -0.0650 422 LYS A CA  
779 C C   . LYS A 116 ? 0.3113 0.4050 0.7079 -0.0968 0.1011  -0.0473 422 LYS A C   
780 O O   . LYS A 116 ? 0.3313 0.4109 0.7743 -0.1041 0.1170  -0.0360 422 LYS A O   
781 C CB  . LYS A 116 ? 0.3338 0.4255 0.5024 -0.1230 0.0654  -0.0601 422 LYS A CB  
782 C CG  . LYS A 116 ? 0.3623 0.4622 0.5144 -0.1313 0.0667  -0.0291 422 LYS A CG  
783 C CD  . LYS A 116 ? 0.3967 0.5010 0.5658 -0.1409 0.0693  0.0098  422 LYS A CD  
784 C CE  . LYS A 116 ? 0.4217 0.5250 0.6210 -0.1404 0.0695  0.0447  422 LYS A CE  
785 N NZ  . LYS A 116 ? 0.4328 0.5358 0.6954 -0.1349 0.0809  0.0627  422 LYS A NZ  
786 O OXT . LYS A 116 ? 0.3101 0.4240 0.7704 -0.0871 0.1187  -0.0411 422 LYS A OXT 
# 
